data_5BTA
#
_entry.id   5BTA
#
_cell.length_a   108.340
_cell.length_b   83.205
_cell.length_c   129.757
_cell.angle_alpha   90.000
_cell.angle_beta   108.550
_cell.angle_gamma   90.000
#
_symmetry.space_group_name_H-M   'P 1 21 1'
#
loop_
_entity.id
_entity.type
_entity.pdbx_description
1 polymer 'DNA gyrase subunit A'
2 polymer 'DNA gyrase subunit B'
3 polymer 'DNA substrate 24-mer GGTCATGAATGACTATGCACGTAA'
4 polymer 'DNA substrate 24-mer TTACGTGCATAGTCATTCATGACC'
5 non-polymer 'MAGNESIUM ION'
6 non-polymer '1-cyclopropyl-6-fluoro-8-methoxy-7-[(4aS,7aS)-octahydro-6H-pyrrolo[3,4-b]pyridin-6-yl]-4-oxo-1,4-dihydroquinoline-3-carboxylic acid'
7 water water
#
loop_
_entity_poly.entity_id
_entity_poly.type
_entity_poly.pdbx_seq_one_letter_code
_entity_poly.pdbx_strand_id
1 'polypeptide(L)'
;TDTTLPPDDSLDRIEPVDIEQEMQRSYIDYAMSVIVGRALPEVRDGLKPVHRRVLYAMFDSGFRPDRSHAKSARSVAETM
GNYHPHGDSSIYDSLVRMAQPWSLRYPLVDGQGNFGSPGNDPPAAMR(PTR)TEARLTPLAMEMLREIDEETVDFIPNYD
GRVQEPTVLPSRFPNLLANGSGGIAVGMATNIPPHNLRELADAVFWALENHDADEEETLAAVMGRVKGPDFPTAGLIVGS
QGTADAYKTGRGSIRMRGVVEVEEDSRGRTSLVITELPYQVNHDNFITSIAEQVRDGKLAGISNIEDQSSDRVGLRIVIE
IKRDAVAKVVINNLYKHTQLQTSFGANMLAIVDGVPRTLRLDQLIRYYVDHQLDVIVRRTTYRLRKANERAHILRGLVKA
LDALDEVIALIRASETVDIARAGLIELLDIDEIQAQAILDMQLRRLAALERQRIIDDLAKIEAEIADLEDILAKPERQRG
IVRDELAEIVDRHGDDRRTRIIAIGSG
;
A,C
2 'polypeptide(L)'
;SNALVRRKSATDIGGLPGKLADCRSTDPRKSELYVVEGDSAGGSAKSGRDSMFQAILPLRGKIINVEKARIDRVLKNTEV
QAIITALGTGIHDEFDIGKLRYHKIVLMADADVDGQHISTLLLTLLFRFMRPLIENGHVFLAQPPLYKLKWQRSDPEFAY
SDRERDGLLEAGLKAGKKINKEDGIQRYKGLGEMDAKELWETTMDPSVRVLRQVTLDDAAAADELFSILMGEDVDARRSF
ITRNAKDVRFLDV
;
B,D
3 'polydeoxyribonucleotide'
;(DG)(DG)(DT)(DC)(DA)(DT)(DG)(DA)(DA)(DT)(DG)(DA)(DC)(DT)(DA)(DT)(DG)(DC)(DA)(DC)
(DG)(DT)(DA)(DA)
;
E,H
4 'polydeoxyribonucleotide'
;(DT)(DT)(DA)(DC)(DG)(DT)(DG)(DC)(DA)(DT)(DA)(DG)(DT)(DC)(DA)(DT)(DT)(DC)(DA)(DT)
(DG)(DA)(DC)(DC)
;
F,G
#
# COMPACT_ATOMS: atom_id res chain seq x y z
N ILE A 14 12.89 -23.90 32.75
CA ILE A 14 11.55 -23.62 32.26
C ILE A 14 10.62 -23.24 33.40
N GLU A 15 9.99 -22.08 33.26
CA GLU A 15 9.11 -21.54 34.28
C GLU A 15 7.70 -22.13 34.19
N PRO A 16 7.06 -22.40 35.34
CA PRO A 16 5.67 -22.88 35.32
C PRO A 16 4.66 -21.74 35.44
N VAL A 17 3.52 -21.86 34.78
CA VAL A 17 2.45 -20.87 34.87
C VAL A 17 1.10 -21.57 35.00
N ASP A 18 0.27 -21.11 35.92
CA ASP A 18 -1.04 -21.72 36.12
C ASP A 18 -2.02 -21.21 35.07
N ILE A 19 -2.87 -22.12 34.59
CA ILE A 19 -3.76 -21.82 33.48
C ILE A 19 -4.78 -20.75 33.85
N GLU A 20 -5.16 -20.68 35.12
CA GLU A 20 -6.09 -19.65 35.57
C GLU A 20 -5.44 -18.28 35.51
N GLN A 21 -4.18 -18.20 35.95
CA GLN A 21 -3.43 -16.95 35.92
C GLN A 21 -3.25 -16.46 34.49
N GLU A 22 -2.94 -17.37 33.58
CA GLU A 22 -2.70 -17.04 32.19
C GLU A 22 -3.98 -16.57 31.50
N MET A 23 -5.05 -17.34 31.67
CA MET A 23 -6.32 -17.03 31.03
C MET A 23 -6.86 -15.66 31.45
N GLN A 24 -6.80 -15.39 32.75
CA GLN A 24 -7.33 -14.14 33.28
C GLN A 24 -6.54 -12.93 32.78
N ARG A 25 -5.22 -13.00 32.89
CA ARG A 25 -4.38 -11.87 32.49
C ARG A 25 -4.47 -11.61 30.99
N SER A 26 -4.42 -12.68 30.20
CA SER A 26 -4.43 -12.55 28.75
C SER A 26 -5.77 -12.04 28.24
N TYR A 27 -6.87 -12.59 28.74
CA TYR A 27 -8.19 -12.22 28.24
C TYR A 27 -8.59 -10.82 28.68
N ILE A 28 -8.22 -10.45 29.90
CA ILE A 28 -8.50 -9.09 30.37
C ILE A 28 -7.72 -8.07 29.54
N ASP A 29 -6.47 -8.37 29.25
CA ASP A 29 -5.63 -7.46 28.47
C ASP A 29 -6.21 -7.27 27.07
N TYR A 30 -6.74 -8.34 26.49
CA TYR A 30 -7.37 -8.25 25.18
C TYR A 30 -8.66 -7.44 25.28
N ALA A 31 -9.49 -7.79 26.26
CA ALA A 31 -10.77 -7.13 26.45
C ALA A 31 -10.61 -5.62 26.65
N MET A 32 -9.63 -5.23 27.47
CA MET A 32 -9.42 -3.81 27.77
C MET A 32 -8.90 -3.03 26.56
N SER A 33 -8.01 -3.64 25.78
CA SER A 33 -7.46 -2.97 24.61
C SER A 33 -8.51 -2.79 23.52
N VAL A 34 -9.31 -3.83 23.32
CA VAL A 34 -10.41 -3.77 22.37
C VAL A 34 -11.40 -2.68 22.77
N ILE A 35 -11.72 -2.65 24.06
CA ILE A 35 -12.68 -1.68 24.59
C ILE A 35 -12.20 -0.24 24.42
N VAL A 36 -10.99 0.02 24.88
CA VAL A 36 -10.49 1.39 24.94
C VAL A 36 -9.78 1.81 23.67
N GLY A 37 -9.17 0.85 22.98
CA GLY A 37 -8.32 1.13 21.84
C GLY A 37 -8.62 0.35 20.57
N ARG A 38 -9.89 0.13 20.28
CA ARG A 38 -10.26 -0.48 19.00
C ARG A 38 -11.71 -0.26 18.59
N ALA A 39 -12.63 -0.80 19.39
CA ALA A 39 -14.01 -0.95 18.97
C ALA A 39 -14.91 0.22 19.34
N LEU A 40 -14.54 0.97 20.37
CA LEU A 40 -15.42 2.02 20.89
C LEU A 40 -14.84 3.41 20.66
N PRO A 41 -15.71 4.39 20.36
CA PRO A 41 -15.29 5.76 20.07
C PRO A 41 -14.95 6.59 21.31
N GLU A 42 -13.91 7.41 21.20
CA GLU A 42 -13.64 8.47 22.18
C GLU A 42 -14.77 9.49 22.12
N VAL A 43 -15.25 9.91 23.28
CA VAL A 43 -16.42 10.79 23.35
C VAL A 43 -16.15 12.18 22.77
N ARG A 44 -14.90 12.63 22.83
CA ARG A 44 -14.55 13.99 22.45
C ARG A 44 -14.54 14.26 20.93
N ASP A 45 -14.10 13.28 20.15
CA ASP A 45 -14.05 13.43 18.69
C ASP A 45 -14.84 12.32 17.98
N GLY A 46 -15.36 11.38 18.77
CA GLY A 46 -16.20 10.32 18.23
C GLY A 46 -15.46 9.37 17.32
N LEU A 47 -14.14 9.30 17.46
CA LEU A 47 -13.32 8.48 16.59
C LEU A 47 -12.73 7.26 17.31
N LYS A 48 -12.64 6.16 16.57
CA LYS A 48 -11.86 5.00 16.99
C LYS A 48 -10.42 5.22 16.54
N PRO A 49 -9.46 4.49 17.14
CA PRO A 49 -8.04 4.69 16.84
C PRO A 49 -7.71 4.65 15.34
N VAL A 50 -8.30 3.71 14.61
CA VAL A 50 -8.01 3.57 13.19
C VAL A 50 -8.49 4.80 12.42
N HIS A 51 -9.67 5.29 12.77
CA HIS A 51 -10.19 6.50 12.14
C HIS A 51 -9.24 7.67 12.36
N ARG A 52 -8.90 7.89 13.61
CA ARG A 52 -8.07 9.01 14.01
C ARG A 52 -6.71 8.96 13.33
N ARG A 53 -6.17 7.76 13.16
CA ARG A 53 -4.84 7.56 12.60
C ARG A 53 -4.84 7.68 11.08
N VAL A 54 -5.90 7.17 10.43
CA VAL A 54 -6.06 7.33 8.99
C VAL A 54 -6.12 8.81 8.65
N LEU A 55 -7.01 9.54 9.32
CA LEU A 55 -7.23 10.94 9.02
C LEU A 55 -5.99 11.78 9.27
N TYR A 56 -5.29 11.50 10.37
CA TYR A 56 -4.08 12.27 10.67
C TYR A 56 -3.01 11.95 9.66
N ALA A 57 -2.92 10.69 9.26
CA ALA A 57 -1.96 10.26 8.26
C ALA A 57 -2.19 11.02 6.95
N MET A 58 -3.46 11.07 6.52
CA MET A 58 -3.82 11.79 5.30
C MET A 58 -3.52 13.28 5.47
N PHE A 59 -3.85 13.81 6.63
CA PHE A 59 -3.62 15.22 6.93
C PHE A 59 -2.13 15.57 6.86
N ASP A 60 -1.31 14.77 7.52
CA ASP A 60 0.12 15.02 7.59
C ASP A 60 0.80 14.81 6.25
N SER A 61 0.21 13.96 5.41
CA SER A 61 0.75 13.66 4.09
C SER A 61 0.35 14.75 3.08
N GLY A 62 -0.51 15.67 3.52
CA GLY A 62 -0.96 16.75 2.66
C GLY A 62 -2.12 16.39 1.77
N PHE A 63 -2.72 15.23 2.01
CA PHE A 63 -3.84 14.76 1.20
C PHE A 63 -5.12 15.53 1.58
N ARG A 64 -5.13 16.81 1.23
CA ARG A 64 -6.17 17.74 1.65
C ARG A 64 -7.00 18.21 0.46
N PRO A 65 -8.16 18.86 0.72
CA PRO A 65 -9.03 19.30 -0.39
C PRO A 65 -8.38 20.30 -1.33
N ASP A 66 -7.28 20.93 -0.90
CA ASP A 66 -6.61 21.92 -1.73
C ASP A 66 -5.57 21.28 -2.65
N ARG A 67 -5.60 19.96 -2.75
CA ARG A 67 -4.70 19.21 -3.64
C ARG A 67 -5.50 18.05 -4.24
N SER A 68 -5.04 17.53 -5.37
CA SER A 68 -5.79 16.48 -6.06
C SER A 68 -5.77 15.20 -5.23
N HIS A 69 -6.73 14.33 -5.49
CA HIS A 69 -6.82 13.05 -4.79
C HIS A 69 -5.54 12.25 -4.96
N ALA A 70 -4.96 11.81 -3.84
CA ALA A 70 -3.82 10.90 -3.89
C ALA A 70 -4.33 9.47 -3.99
N LYS A 71 -3.50 8.59 -4.55
CA LYS A 71 -3.83 7.17 -4.60
C LYS A 71 -4.04 6.66 -3.18
N SER A 72 -5.15 5.96 -2.96
CA SER A 72 -5.54 5.58 -1.61
C SER A 72 -4.52 4.65 -0.96
N ALA A 73 -3.73 3.95 -1.77
CA ALA A 73 -2.67 3.09 -1.26
C ALA A 73 -1.67 3.89 -0.44
N ARG A 74 -1.45 5.14 -0.86
CA ARG A 74 -0.50 6.01 -0.16
C ARG A 74 -1.03 6.40 1.22
N SER A 75 -2.34 6.48 1.38
CA SER A 75 -2.93 6.78 2.68
C SER A 75 -2.85 5.57 3.61
N VAL A 76 -3.19 4.40 3.07
CA VAL A 76 -3.10 3.16 3.83
C VAL A 76 -1.66 2.93 4.30
N ALA A 77 -0.72 3.03 3.37
CA ALA A 77 0.69 2.78 3.67
C ALA A 77 1.21 3.76 4.72
N GLU A 78 0.82 5.03 4.61
CA GLU A 78 1.26 6.05 5.55
C GLU A 78 0.71 5.78 6.94
N THR A 79 -0.54 5.33 6.99
CA THR A 79 -1.18 4.99 8.25
C THR A 79 -0.51 3.77 8.87
N MET A 80 -0.38 2.74 8.05
CA MET A 80 0.22 1.46 8.45
C MET A 80 1.67 1.62 8.89
N GLY A 81 2.42 2.46 8.19
CA GLY A 81 3.85 2.56 8.39
C GLY A 81 4.25 3.38 9.61
N ASN A 82 3.36 4.26 10.06
CA ASN A 82 3.71 5.22 11.12
C ASN A 82 2.82 5.18 12.36
N TYR A 83 1.57 4.74 12.21
CA TYR A 83 0.59 4.90 13.29
C TYR A 83 -0.17 3.62 13.64
N HIS A 84 -0.63 2.90 12.61
CA HIS A 84 -1.54 1.77 12.81
C HIS A 84 -0.88 0.43 12.45
N PRO A 85 -0.29 -0.25 13.45
CA PRO A 85 0.46 -1.48 13.17
C PRO A 85 -0.46 -2.68 12.92
N HIS A 86 -1.18 -2.65 11.81
CA HIS A 86 -2.09 -3.74 11.44
C HIS A 86 -2.13 -3.91 9.93
N GLY A 87 -3.07 -4.71 9.43
CA GLY A 87 -3.08 -5.09 8.03
C GLY A 87 -3.55 -4.00 7.09
N ASP A 88 -2.96 -3.96 5.90
CA ASP A 88 -3.32 -2.96 4.89
C ASP A 88 -4.76 -3.15 4.42
N SER A 89 -5.22 -4.40 4.43
CA SER A 89 -6.55 -4.74 3.93
C SER A 89 -7.66 -4.09 4.75
N SER A 90 -7.69 -4.35 6.06
CA SER A 90 -8.78 -3.85 6.89
C SER A 90 -8.69 -2.35 7.07
N ILE A 91 -7.49 -1.78 6.96
CA ILE A 91 -7.32 -0.34 7.05
C ILE A 91 -7.94 0.33 5.83
N TYR A 92 -7.80 -0.29 4.66
CA TYR A 92 -8.42 0.25 3.46
C TYR A 92 -9.94 0.23 3.61
N ASP A 93 -10.47 -0.84 4.19
CA ASP A 93 -11.91 -0.95 4.41
C ASP A 93 -12.41 0.21 5.27
N SER A 94 -11.64 0.55 6.30
CA SER A 94 -12.02 1.62 7.22
C SER A 94 -11.98 2.98 6.52
N LEU A 95 -11.00 3.17 5.65
CA LEU A 95 -10.88 4.42 4.89
C LEU A 95 -12.04 4.52 3.90
N VAL A 96 -12.35 3.41 3.25
CA VAL A 96 -13.42 3.36 2.27
C VAL A 96 -14.75 3.72 2.92
N ARG A 97 -15.03 3.13 4.08
CA ARG A 97 -16.30 3.34 4.78
C ARG A 97 -16.50 4.83 5.09
N MET A 98 -15.43 5.51 5.49
CA MET A 98 -15.49 6.93 5.83
C MET A 98 -15.74 7.83 4.61
N ALA A 99 -15.80 7.23 3.42
CA ALA A 99 -16.00 7.98 2.18
C ALA A 99 -17.36 7.71 1.54
N GLN A 100 -18.14 6.82 2.16
CA GLN A 100 -19.44 6.43 1.62
C GLN A 100 -20.58 7.28 2.19
N PRO A 101 -21.35 7.96 1.31
CA PRO A 101 -22.42 8.84 1.80
C PRO A 101 -23.61 8.10 2.44
N TRP A 102 -23.71 6.79 2.25
CA TRP A 102 -24.82 6.02 2.83
C TRP A 102 -24.40 5.40 4.16
N SER A 103 -23.12 5.47 4.46
CA SER A 103 -22.58 4.97 5.72
C SER A 103 -22.41 6.12 6.71
N LEU A 104 -21.62 7.12 6.32
CA LEU A 104 -21.41 8.31 7.16
C LEU A 104 -22.38 9.42 6.78
N ARG A 105 -23.04 9.98 7.79
CA ARG A 105 -23.93 11.12 7.61
C ARG A 105 -23.16 12.34 7.11
N TYR A 106 -21.91 12.45 7.54
CA TYR A 106 -21.02 13.52 7.10
C TYR A 106 -19.66 12.91 6.79
N PRO A 107 -19.47 12.45 5.56
CA PRO A 107 -18.23 11.77 5.16
C PRO A 107 -16.98 12.57 5.48
N LEU A 108 -15.96 11.87 5.96
CA LEU A 108 -14.69 12.48 6.33
C LEU A 108 -13.64 12.29 5.23
N VAL A 109 -13.95 11.42 4.28
CA VAL A 109 -13.06 11.15 3.17
C VAL A 109 -13.73 11.44 1.83
N ASP A 110 -13.02 12.18 0.97
CA ASP A 110 -13.46 12.45 -0.38
C ASP A 110 -12.93 11.35 -1.29
N GLY A 111 -13.79 10.41 -1.64
CA GLY A 111 -13.40 9.28 -2.47
C GLY A 111 -13.52 9.58 -3.95
N GLN A 112 -12.55 9.09 -4.72
CA GLN A 112 -12.60 9.19 -6.17
C GLN A 112 -12.47 7.81 -6.77
N GLY A 113 -13.50 7.39 -7.50
CA GLY A 113 -13.54 6.06 -8.10
C GLY A 113 -14.68 5.25 -7.53
N ASN A 114 -14.58 3.93 -7.66
CA ASN A 114 -15.64 3.03 -7.20
C ASN A 114 -15.46 2.66 -5.74
N PHE A 115 -16.31 3.24 -4.89
CA PHE A 115 -16.29 2.95 -3.45
C PHE A 115 -17.49 2.09 -3.03
N GLY A 116 -18.05 1.35 -3.99
CA GLY A 116 -19.11 0.40 -3.71
C GLY A 116 -20.49 1.04 -3.77
N SER A 117 -21.48 0.33 -3.24
CA SER A 117 -22.86 0.83 -3.24
C SER A 117 -23.58 0.38 -1.97
N PRO A 118 -24.79 0.93 -1.73
CA PRO A 118 -25.61 0.49 -0.60
C PRO A 118 -26.04 -0.97 -0.69
N GLY A 119 -25.80 -1.60 -1.83
CA GLY A 119 -26.12 -3.01 -2.03
C GLY A 119 -24.90 -3.90 -1.82
N ASN A 120 -24.84 -4.99 -2.56
CA ASN A 120 -23.76 -5.96 -2.43
C ASN A 120 -22.58 -5.66 -3.36
N ASP A 121 -22.64 -4.54 -4.08
CA ASP A 121 -21.53 -4.14 -4.94
C ASP A 121 -20.32 -3.74 -4.10
N PRO A 122 -19.25 -4.58 -4.12
CA PRO A 122 -18.10 -4.28 -3.26
C PRO A 122 -17.28 -3.08 -3.77
N PRO A 123 -16.54 -2.41 -2.88
CA PRO A 123 -15.70 -1.30 -3.34
C PRO A 123 -14.60 -1.79 -4.27
N ALA A 124 -14.06 -0.90 -5.10
CA ALA A 124 -12.93 -1.26 -5.94
C ALA A 124 -11.72 -1.50 -5.07
N ALA A 125 -10.75 -2.23 -5.59
CA ALA A 125 -9.53 -2.52 -4.84
C ALA A 125 -8.75 -1.24 -4.62
N MET A 126 -7.82 -1.31 -3.68
CA MET A 126 -6.99 -0.17 -3.29
C MET A 126 -6.31 0.49 -4.49
N ARG A 127 -5.92 -0.32 -5.48
CA ARG A 127 -5.15 0.16 -6.62
C ARG A 127 -5.93 1.11 -7.52
N THR A 129 -8.55 3.18 -6.68
CA THR A 129 -9.21 4.32 -6.04
C THR A 129 -8.23 5.38 -5.58
N GLU A 130 -8.71 6.62 -5.51
CA GLU A 130 -7.96 7.74 -4.96
C GLU A 130 -8.77 8.34 -3.81
N ALA A 131 -8.12 9.11 -2.96
CA ALA A 131 -8.81 9.69 -1.81
C ALA A 131 -8.08 10.89 -1.22
N ARG A 132 -8.85 11.75 -0.56
CA ARG A 132 -8.32 12.89 0.18
C ARG A 132 -9.30 13.25 1.28
N LEU A 133 -8.89 14.13 2.18
CA LEU A 133 -9.75 14.58 3.26
C LEU A 133 -10.86 15.49 2.73
N THR A 134 -12.01 15.47 3.40
CA THR A 134 -13.10 16.38 3.07
C THR A 134 -12.97 17.66 3.90
N PRO A 135 -13.63 18.74 3.46
CA PRO A 135 -13.59 20.01 4.21
C PRO A 135 -14.02 19.86 5.67
N LEU A 136 -15.02 19.03 5.95
CA LEU A 136 -15.46 18.81 7.32
C LEU A 136 -14.40 18.07 8.12
N ALA A 137 -13.68 17.16 7.48
CA ALA A 137 -12.60 16.44 8.13
C ALA A 137 -11.46 17.40 8.43
N MET A 138 -11.36 18.46 7.64
CA MET A 138 -10.36 19.49 7.87
C MET A 138 -10.74 20.29 9.12
N GLU A 139 -12.02 20.28 9.47
CA GLU A 139 -12.49 20.91 10.70
C GLU A 139 -12.22 19.99 11.89
N MET A 140 -12.16 18.69 11.65
CA MET A 140 -11.78 17.74 12.69
C MET A 140 -10.35 17.99 13.14
N LEU A 141 -9.52 18.45 12.20
CA LEU A 141 -8.08 18.57 12.42
C LEU A 141 -7.63 20.03 12.57
N ARG A 142 -8.60 20.94 12.61
CA ARG A 142 -8.31 22.37 12.63
C ARG A 142 -7.40 22.77 13.79
N GLU A 143 -6.23 23.32 13.45
CA GLU A 143 -5.29 23.88 14.42
C GLU A 143 -4.76 22.80 15.36
N ILE A 144 -4.62 21.58 14.84
CA ILE A 144 -4.03 20.48 15.59
C ILE A 144 -2.54 20.75 15.82
N ASP A 145 -1.97 21.57 14.94
CA ASP A 145 -0.54 21.90 15.00
C ASP A 145 -0.24 23.04 15.96
N GLU A 146 -1.25 23.45 16.73
CA GLU A 146 -1.08 24.53 17.69
C GLU A 146 -1.26 24.03 19.13
N GLU A 147 -0.80 22.80 19.36
CA GLU A 147 -0.79 22.19 20.69
C GLU A 147 -2.19 22.18 21.32
N THR A 148 -3.19 21.94 20.48
CA THR A 148 -4.58 21.91 20.94
C THR A 148 -4.98 20.55 21.51
N VAL A 149 -4.16 19.53 21.27
CA VAL A 149 -4.43 18.19 21.79
C VAL A 149 -3.12 17.51 22.20
N ASP A 150 -3.20 16.61 23.17
CA ASP A 150 -2.04 15.87 23.61
C ASP A 150 -1.58 14.88 22.55
N PHE A 151 -0.27 14.83 22.33
CA PHE A 151 0.35 13.86 21.43
C PHE A 151 1.13 12.85 22.26
N ILE A 152 1.21 11.63 21.74
CA ILE A 152 2.03 10.58 22.34
C ILE A 152 2.87 9.91 21.26
N PRO A 153 3.96 9.22 21.66
CA PRO A 153 4.74 8.47 20.67
C PRO A 153 3.93 7.36 20.01
N ASN A 154 4.26 7.05 18.77
CA ASN A 154 3.57 6.01 18.02
C ASN A 154 3.95 4.63 18.53
N TYR A 155 3.68 3.58 17.74
CA TYR A 155 3.87 2.21 18.20
C TYR A 155 5.33 1.83 18.36
N ASP A 156 6.25 2.59 17.75
CA ASP A 156 7.69 2.30 17.87
C ASP A 156 8.50 3.52 18.27
N GLY A 157 7.84 4.58 18.73
CA GLY A 157 8.52 5.75 19.26
C GLY A 157 9.25 6.58 18.22
N ARG A 158 9.11 6.23 16.94
CA ARG A 158 9.75 6.99 15.87
C ARG A 158 9.14 8.39 15.73
N VAL A 159 7.82 8.48 15.82
CA VAL A 159 7.12 9.73 15.62
C VAL A 159 5.96 9.91 16.60
N GLN A 160 5.41 11.13 16.66
CA GLN A 160 4.30 11.45 17.53
C GLN A 160 2.96 11.31 16.81
N GLU A 161 1.92 10.91 17.54
CA GLU A 161 0.56 10.89 17.01
C GLU A 161 -0.40 11.53 18.02
N PRO A 162 -1.51 12.10 17.53
CA PRO A 162 -2.48 12.73 18.43
C PRO A 162 -3.36 11.73 19.19
N THR A 163 -3.60 12.01 20.46
CA THR A 163 -4.47 11.17 21.29
C THR A 163 -5.94 11.42 20.95
N VAL A 164 -6.23 12.63 20.51
CA VAL A 164 -7.59 13.02 20.11
C VAL A 164 -7.47 14.17 19.13
N LEU A 165 -8.47 14.34 18.27
CA LEU A 165 -8.45 15.45 17.31
C LEU A 165 -9.22 16.65 17.86
N PRO A 166 -8.87 17.87 17.42
CA PRO A 166 -9.59 19.09 17.83
C PRO A 166 -11.10 18.96 17.64
N SER A 167 -11.51 18.31 16.56
CA SER A 167 -12.92 17.99 16.33
C SER A 167 -13.82 19.22 16.49
N ARG A 168 -13.70 20.17 15.56
CA ARG A 168 -14.41 21.44 15.67
C ARG A 168 -15.87 21.35 15.21
N PHE A 169 -16.40 20.14 15.14
CA PHE A 169 -17.83 19.93 15.03
C PHE A 169 -18.16 18.61 15.72
N PRO A 170 -19.31 18.54 16.41
CA PRO A 170 -19.61 17.38 17.26
C PRO A 170 -19.76 16.09 16.45
N ASN A 171 -18.64 15.44 16.19
CA ASN A 171 -18.57 14.33 15.25
C ASN A 171 -19.24 13.05 15.76
N LEU A 172 -19.11 12.77 17.05
CA LEU A 172 -19.66 11.53 17.60
C LEU A 172 -21.17 11.46 17.38
N LEU A 173 -21.86 12.55 17.70
CA LEU A 173 -23.31 12.62 17.54
C LEU A 173 -23.68 12.78 16.07
N ALA A 174 -22.85 13.49 15.32
CA ALA A 174 -23.14 13.77 13.92
C ALA A 174 -23.07 12.50 13.09
N ASN A 175 -21.93 11.83 13.12
CA ASN A 175 -21.72 10.64 12.31
C ASN A 175 -22.05 9.33 13.03
N GLY A 176 -22.27 9.41 14.34
CA GLY A 176 -22.61 8.23 15.10
C GLY A 176 -21.45 7.26 15.20
N SER A 177 -21.74 6.07 15.74
CA SER A 177 -20.72 5.04 15.85
C SER A 177 -21.35 3.70 16.19
N GLY A 178 -20.79 2.64 15.61
CA GLY A 178 -21.20 1.29 15.93
C GLY A 178 -19.95 0.44 16.10
N GLY A 179 -19.89 -0.33 17.18
CA GLY A 179 -18.73 -1.14 17.46
C GLY A 179 -19.03 -2.26 18.41
N ILE A 180 -18.44 -3.42 18.12
CA ILE A 180 -18.56 -4.59 18.99
C ILE A 180 -17.25 -4.79 19.73
N ALA A 181 -17.29 -4.65 21.05
CA ALA A 181 -16.11 -4.81 21.89
C ALA A 181 -16.21 -6.13 22.66
N VAL A 182 -15.70 -6.16 23.88
CA VAL A 182 -15.78 -7.34 24.73
C VAL A 182 -16.57 -7.00 26.00
N GLY A 183 -17.62 -7.78 26.25
CA GLY A 183 -18.50 -7.52 27.38
C GLY A 183 -19.48 -6.39 27.11
N MET A 184 -19.29 -5.68 26.00
CA MET A 184 -20.15 -4.55 25.66
C MET A 184 -20.00 -4.15 24.20
N ALA A 185 -20.93 -3.33 23.72
CA ALA A 185 -20.92 -2.84 22.35
C ALA A 185 -21.62 -1.49 22.28
N THR A 186 -21.28 -0.69 21.27
CA THR A 186 -21.88 0.63 21.10
C THR A 186 -22.71 0.69 19.82
N ASN A 187 -23.69 1.59 19.81
CA ASN A 187 -24.48 1.85 18.61
C ASN A 187 -25.14 3.22 18.70
N ILE A 188 -24.40 4.25 18.33
CA ILE A 188 -24.88 5.63 18.38
C ILE A 188 -25.34 6.06 17.00
N PRO A 189 -26.60 6.52 16.88
CA PRO A 189 -27.07 6.90 15.54
C PRO A 189 -26.53 8.26 15.12
N PRO A 190 -26.50 8.54 13.81
CA PRO A 190 -26.06 9.86 13.34
C PRO A 190 -27.14 10.92 13.55
N HIS A 191 -26.74 12.19 13.57
CA HIS A 191 -27.67 13.28 13.81
C HIS A 191 -27.44 14.44 12.85
N ASN A 192 -28.44 15.30 12.72
CA ASN A 192 -28.35 16.47 11.86
C ASN A 192 -27.47 17.54 12.50
N LEU A 193 -26.45 17.98 11.76
CA LEU A 193 -25.46 18.93 12.30
C LEU A 193 -26.10 20.23 12.82
N ARG A 194 -27.06 20.77 12.08
CA ARG A 194 -27.68 22.03 12.47
C ARG A 194 -28.41 21.91 13.81
N GLU A 195 -28.99 20.75 14.05
CA GLU A 195 -29.70 20.50 15.30
C GLU A 195 -28.73 20.35 16.46
N LEU A 196 -27.62 19.68 16.20
CA LEU A 196 -26.59 19.49 17.21
C LEU A 196 -26.00 20.84 17.62
N ALA A 197 -25.80 21.71 16.64
CA ALA A 197 -25.22 23.02 16.89
C ALA A 197 -26.11 23.84 17.82
N ASP A 198 -27.42 23.77 17.61
CA ASP A 198 -28.37 24.49 18.46
C ASP A 198 -28.22 24.01 19.90
N ALA A 199 -28.07 22.70 20.08
CA ALA A 199 -27.90 22.13 21.40
C ALA A 199 -26.62 22.64 22.03
N VAL A 200 -25.56 22.72 21.23
CA VAL A 200 -24.27 23.21 21.71
C VAL A 200 -24.37 24.69 22.07
N PHE A 201 -25.04 25.46 21.22
CA PHE A 201 -25.21 26.89 21.45
C PHE A 201 -25.92 27.12 22.77
N TRP A 202 -26.90 26.27 23.08
CA TRP A 202 -27.63 26.38 24.33
C TRP A 202 -26.74 26.02 25.51
N ALA A 203 -25.96 24.96 25.36
CA ALA A 203 -25.06 24.50 26.42
C ALA A 203 -24.03 25.57 26.77
N LEU A 204 -23.64 26.35 25.77
CA LEU A 204 -22.68 27.43 25.98
C LEU A 204 -23.31 28.62 26.70
N GLU A 205 -24.52 28.99 26.28
CA GLU A 205 -25.22 30.11 26.90
C GLU A 205 -25.61 29.75 28.33
N ASN A 206 -26.20 28.57 28.50
CA ASN A 206 -26.61 28.08 29.81
C ASN A 206 -25.57 27.14 30.40
N HIS A 207 -24.36 27.66 30.61
CA HIS A 207 -23.24 26.85 31.07
C HIS A 207 -23.34 26.45 32.53
N ASP A 208 -24.21 27.11 33.28
CA ASP A 208 -24.39 26.81 34.71
C ASP A 208 -25.57 25.88 34.95
N ALA A 209 -26.37 25.65 33.90
CA ALA A 209 -27.56 24.81 34.02
C ALA A 209 -27.21 23.42 34.52
N ASP A 210 -28.07 22.87 35.37
CA ASP A 210 -27.91 21.52 35.88
C ASP A 210 -28.30 20.51 34.81
N GLU A 211 -28.08 19.23 35.10
CA GLU A 211 -28.34 18.17 34.14
C GLU A 211 -29.82 18.03 33.78
N GLU A 212 -30.70 18.28 34.75
CA GLU A 212 -32.14 18.15 34.52
C GLU A 212 -32.62 19.18 33.49
N GLU A 213 -32.15 20.42 33.62
CA GLU A 213 -32.52 21.48 32.70
C GLU A 213 -31.84 21.28 31.35
N THR A 214 -30.57 20.90 31.39
CA THR A 214 -29.78 20.75 30.18
C THR A 214 -30.35 19.66 29.27
N LEU A 215 -30.70 18.53 29.87
CA LEU A 215 -31.28 17.42 29.14
C LEU A 215 -32.60 17.82 28.48
N ALA A 216 -33.39 18.62 29.19
CA ALA A 216 -34.66 19.09 28.67
C ALA A 216 -34.46 20.00 27.46
N ALA A 217 -33.46 20.87 27.57
CA ALA A 217 -33.17 21.84 26.51
C ALA A 217 -32.61 21.16 25.26
N VAL A 218 -31.64 20.28 25.47
CA VAL A 218 -30.96 19.61 24.37
C VAL A 218 -31.89 18.68 23.61
N MET A 219 -32.80 18.03 24.32
CA MET A 219 -33.74 17.11 23.70
C MET A 219 -34.76 17.84 22.83
N GLY A 220 -35.03 19.09 23.18
CA GLY A 220 -35.94 19.91 22.40
C GLY A 220 -35.36 20.36 21.08
N ARG A 221 -34.03 20.46 21.02
CA ARG A 221 -33.35 20.95 19.83
C ARG A 221 -32.87 19.81 18.93
N VAL A 222 -32.36 18.74 19.54
CA VAL A 222 -32.06 17.53 18.80
C VAL A 222 -33.34 16.71 18.71
N LYS A 223 -34.04 16.85 17.58
CA LYS A 223 -35.36 16.24 17.42
C LYS A 223 -35.25 14.72 17.29
N GLY A 224 -34.07 14.25 16.89
CA GLY A 224 -33.85 12.83 16.74
C GLY A 224 -32.73 12.53 15.77
N PRO A 225 -32.42 11.24 15.58
CA PRO A 225 -31.38 10.84 14.64
C PRO A 225 -31.67 11.33 13.23
N ASP A 226 -30.62 11.59 12.46
CA ASP A 226 -30.77 12.00 11.06
C ASP A 226 -29.88 11.10 10.22
N PHE A 227 -30.50 10.10 9.60
CA PHE A 227 -29.75 9.08 8.87
C PHE A 227 -29.35 9.53 7.47
N PRO A 228 -28.14 9.15 7.02
CA PRO A 228 -27.71 9.47 5.66
C PRO A 228 -28.61 8.84 4.60
N THR A 229 -29.33 7.80 4.99
CA THR A 229 -30.20 7.07 4.06
C THR A 229 -31.64 7.58 4.11
N ALA A 230 -31.83 8.75 4.72
CA ALA A 230 -33.16 9.37 4.84
C ALA A 230 -34.15 8.45 5.56
N GLY A 231 -35.29 8.17 4.94
CA GLY A 231 -36.28 7.30 5.52
C GLY A 231 -37.18 8.00 6.52
N LEU A 232 -37.78 7.22 7.42
CA LEU A 232 -38.72 7.74 8.41
C LEU A 232 -38.39 7.26 9.80
N ILE A 233 -38.71 8.07 10.80
CA ILE A 233 -38.72 7.63 12.20
C ILE A 233 -40.16 7.63 12.71
N VAL A 234 -40.64 6.45 13.09
CA VAL A 234 -42.00 6.31 13.60
C VAL A 234 -41.98 6.26 15.13
N GLY A 235 -42.71 7.19 15.74
CA GLY A 235 -42.80 7.25 17.19
C GLY A 235 -41.75 8.15 17.79
N SER A 236 -41.88 8.45 19.07
CA SER A 236 -40.97 9.35 19.78
C SER A 236 -40.47 8.76 21.09
N GLN A 237 -41.05 7.64 21.51
CA GLN A 237 -40.67 7.01 22.77
C GLN A 237 -39.22 6.55 22.74
N GLY A 238 -38.86 5.79 21.71
CA GLY A 238 -37.53 5.22 21.59
C GLY A 238 -36.44 6.27 21.57
N THR A 239 -36.68 7.36 20.84
CA THR A 239 -35.72 8.45 20.77
C THR A 239 -35.55 9.08 22.16
N ALA A 240 -36.66 9.27 22.86
CA ALA A 240 -36.66 9.86 24.19
C ALA A 240 -35.91 8.98 25.19
N ASP A 241 -36.11 7.67 25.09
CA ASP A 241 -35.42 6.73 25.96
C ASP A 241 -33.90 6.81 25.76
N ALA A 242 -33.50 6.79 24.50
CA ALA A 242 -32.08 6.81 24.14
C ALA A 242 -31.35 8.01 24.74
N TYR A 243 -32.02 9.16 24.77
CA TYR A 243 -31.42 10.39 25.26
C TYR A 243 -31.43 10.50 26.79
N LYS A 244 -32.39 9.85 27.43
CA LYS A 244 -32.51 9.90 28.89
C LYS A 244 -31.85 8.71 29.58
N THR A 245 -31.74 7.60 28.85
CA THR A 245 -31.25 6.34 29.41
C THR A 245 -29.84 6.03 28.90
N GLY A 246 -29.62 6.35 27.63
CA GLY A 246 -28.45 5.90 26.93
C GLY A 246 -28.78 4.64 26.15
N ARG A 247 -30.02 4.19 26.26
CA ARG A 247 -30.49 3.02 25.52
C ARG A 247 -31.93 3.25 25.05
N GLY A 248 -32.23 2.86 23.82
CA GLY A 248 -33.56 3.04 23.27
C GLY A 248 -33.73 2.40 21.89
N SER A 249 -34.93 1.92 21.61
CA SER A 249 -35.24 1.27 20.34
C SER A 249 -36.01 2.20 19.42
N ILE A 250 -35.35 2.65 18.36
CA ILE A 250 -35.92 3.64 17.44
C ILE A 250 -36.45 2.95 16.18
N ARG A 251 -37.75 3.06 15.96
CA ARG A 251 -38.41 2.43 14.82
C ARG A 251 -38.19 3.25 13.55
N MET A 252 -37.58 2.64 12.55
CA MET A 252 -37.33 3.28 11.26
C MET A 252 -38.24 2.72 10.16
N ARG A 253 -38.47 3.52 9.13
CA ARG A 253 -39.19 3.04 7.95
C ARG A 253 -38.62 3.65 6.67
N GLY A 254 -38.77 2.92 5.57
CA GLY A 254 -38.49 3.48 4.27
C GLY A 254 -39.72 4.23 3.81
N VAL A 255 -39.69 4.75 2.59
CA VAL A 255 -40.84 5.46 2.04
C VAL A 255 -41.43 4.65 0.89
N VAL A 256 -42.76 4.53 0.91
CA VAL A 256 -43.47 3.77 -0.12
C VAL A 256 -44.53 4.67 -0.74
N GLU A 257 -44.51 4.75 -2.06
CA GLU A 257 -45.47 5.55 -2.80
C GLU A 257 -46.28 4.63 -3.72
N VAL A 258 -47.59 4.66 -3.56
CA VAL A 258 -48.47 3.82 -4.35
C VAL A 258 -48.80 4.49 -5.69
N GLU A 259 -48.49 3.79 -6.77
CA GLU A 259 -48.78 4.28 -8.11
C GLU A 259 -49.83 3.39 -8.78
N GLU A 260 -50.70 4.01 -9.58
CA GLU A 260 -51.71 3.27 -10.32
C GLU A 260 -51.38 3.30 -11.80
N ASP A 261 -51.63 2.21 -12.52
CA ASP A 261 -51.15 2.06 -13.89
C ASP A 261 -52.19 2.31 -14.98
N SER A 262 -51.78 2.12 -16.23
CA SER A 262 -52.68 2.32 -17.36
C SER A 262 -53.72 1.22 -17.42
N ARG A 263 -53.26 -0.02 -17.48
CA ARG A 263 -54.15 -1.17 -17.50
C ARG A 263 -54.82 -1.37 -16.15
N GLY A 264 -54.35 -0.62 -15.16
CA GLY A 264 -54.90 -0.70 -13.82
C GLY A 264 -54.04 -1.79 -13.20
N ARG A 265 -52.94 -1.38 -12.57
CA ARG A 265 -52.04 -2.32 -11.92
C ARG A 265 -51.31 -1.66 -10.76
N THR A 266 -52.04 -1.40 -9.68
CA THR A 266 -51.46 -0.76 -8.51
C THR A 266 -50.12 -1.41 -8.15
N SER A 267 -49.11 -0.56 -7.94
CA SER A 267 -47.78 -1.04 -7.60
C SER A 267 -47.16 -0.16 -6.52
N LEU A 268 -46.36 -0.76 -5.65
CA LEU A 268 -45.69 -0.04 -4.58
C LEU A 268 -44.30 0.32 -5.03
N VAL A 269 -43.91 1.57 -4.84
CA VAL A 269 -42.56 2.01 -5.18
C VAL A 269 -41.81 2.43 -3.93
N ILE A 270 -40.75 1.68 -3.63
CA ILE A 270 -39.90 1.96 -2.49
C ILE A 270 -38.68 2.75 -2.95
N THR A 271 -38.55 3.99 -2.48
CA THR A 271 -37.49 4.89 -2.92
C THR A 271 -36.50 5.21 -1.81
N GLU A 272 -36.80 4.79 -0.59
CA GLU A 272 -35.89 4.97 0.54
C GLU A 272 -35.98 3.74 1.44
N LEU A 273 -34.88 3.40 2.09
CA LEU A 273 -34.85 2.31 3.06
C LEU A 273 -34.23 2.81 4.36
N PRO A 274 -34.55 2.12 5.47
CA PRO A 274 -33.97 2.54 6.75
C PRO A 274 -32.46 2.34 6.80
N TYR A 275 -31.81 2.99 7.77
CA TYR A 275 -30.37 2.98 7.90
C TYR A 275 -29.79 1.57 7.97
N GLN A 276 -28.70 1.36 7.23
CA GLN A 276 -27.96 0.11 7.25
C GLN A 276 -28.78 -1.09 6.77
N VAL A 277 -29.65 -0.87 5.79
CA VAL A 277 -30.37 -1.97 5.13
C VAL A 277 -29.84 -2.14 3.72
N ASN A 278 -29.23 -3.29 3.47
CA ASN A 278 -28.67 -3.62 2.17
C ASN A 278 -29.77 -3.72 1.11
N HIS A 279 -29.62 -2.95 0.04
CA HIS A 279 -30.63 -2.89 -1.01
C HIS A 279 -30.86 -4.26 -1.66
N ASP A 280 -29.77 -4.96 -1.97
CA ASP A 280 -29.86 -6.25 -2.63
C ASP A 280 -30.44 -7.33 -1.71
N ASN A 281 -30.02 -7.32 -0.45
CA ASN A 281 -30.53 -8.27 0.53
C ASN A 281 -32.01 -8.05 0.79
N PHE A 282 -32.44 -6.80 0.67
CA PHE A 282 -33.83 -6.44 0.86
C PHE A 282 -34.70 -7.02 -0.25
N ILE A 283 -34.27 -6.82 -1.49
CA ILE A 283 -35.01 -7.35 -2.63
C ILE A 283 -35.06 -8.87 -2.59
N THR A 284 -33.93 -9.48 -2.22
CA THR A 284 -33.85 -10.93 -2.15
C THR A 284 -34.78 -11.49 -1.09
N SER A 285 -34.91 -10.78 0.03
CA SER A 285 -35.78 -11.21 1.11
C SER A 285 -37.24 -11.22 0.67
N ILE A 286 -37.64 -10.19 -0.06
CA ILE A 286 -38.99 -10.10 -0.59
C ILE A 286 -39.23 -11.22 -1.60
N ALA A 287 -38.23 -11.44 -2.46
CA ALA A 287 -38.34 -12.43 -3.51
C ALA A 287 -38.43 -13.85 -2.96
N GLU A 288 -37.69 -14.11 -1.89
CA GLU A 288 -37.67 -15.44 -1.29
C GLU A 288 -38.89 -15.69 -0.40
N GLN A 289 -39.47 -14.63 0.14
CA GLN A 289 -40.67 -14.74 0.98
C GLN A 289 -41.95 -14.75 0.16
N VAL A 290 -41.80 -14.69 -1.16
CA VAL A 290 -42.96 -14.68 -2.05
C VAL A 290 -43.22 -16.08 -2.60
N ARG A 291 -42.21 -16.67 -3.23
CA ARG A 291 -42.33 -18.00 -3.81
C ARG A 291 -42.49 -19.04 -2.70
N ASP A 292 -42.20 -18.65 -1.47
CA ASP A 292 -42.31 -19.55 -0.33
C ASP A 292 -43.74 -19.55 0.21
N GLY A 293 -44.41 -18.40 0.09
CA GLY A 293 -45.77 -18.27 0.57
C GLY A 293 -45.85 -17.54 1.89
N LYS A 294 -45.34 -16.31 1.91
CA LYS A 294 -45.35 -15.50 3.12
C LYS A 294 -45.70 -14.04 2.83
N LEU A 295 -46.05 -13.75 1.58
CA LEU A 295 -46.26 -12.38 1.15
C LEU A 295 -47.22 -12.33 -0.05
N ALA A 296 -48.31 -13.08 0.04
CA ALA A 296 -49.31 -13.10 -1.02
C ALA A 296 -49.74 -11.68 -1.35
N GLY A 297 -50.41 -11.52 -2.50
CA GLY A 297 -50.87 -10.22 -2.94
C GLY A 297 -49.83 -9.54 -3.80
N ILE A 298 -48.59 -9.99 -3.72
CA ILE A 298 -47.53 -9.50 -4.59
C ILE A 298 -47.52 -10.29 -5.89
N SER A 299 -47.44 -9.57 -7.01
CA SER A 299 -47.49 -10.18 -8.33
C SER A 299 -46.12 -10.20 -9.00
N ASN A 300 -45.32 -9.17 -8.75
CA ASN A 300 -44.03 -9.04 -9.41
C ASN A 300 -43.11 -8.03 -8.71
N ILE A 301 -41.82 -8.35 -8.68
CA ILE A 301 -40.81 -7.47 -8.08
C ILE A 301 -39.81 -7.05 -9.15
N GLU A 302 -39.68 -5.74 -9.36
CA GLU A 302 -38.77 -5.21 -10.36
C GLU A 302 -37.91 -4.08 -9.80
N ASP A 303 -36.60 -4.22 -9.98
CA ASP A 303 -35.65 -3.22 -9.52
C ASP A 303 -35.35 -2.21 -10.63
N GLN A 304 -36.04 -1.08 -10.59
CA GLN A 304 -35.87 -0.04 -11.60
C GLN A 304 -34.87 1.02 -11.13
N SER A 305 -33.99 0.62 -10.22
CA SER A 305 -33.00 1.53 -9.67
C SER A 305 -31.95 1.87 -10.72
N SER A 306 -31.39 3.07 -10.62
CA SER A 306 -30.29 3.47 -11.47
C SER A 306 -29.52 4.58 -10.78
N ASP A 307 -28.34 4.90 -11.32
CA ASP A 307 -27.51 5.97 -10.79
C ASP A 307 -28.22 7.33 -10.87
N ARG A 308 -29.21 7.43 -11.74
CA ARG A 308 -29.85 8.72 -12.04
C ARG A 308 -31.16 8.96 -11.30
N VAL A 309 -31.85 7.91 -10.89
CA VAL A 309 -33.10 8.04 -10.14
C VAL A 309 -32.95 7.56 -8.69
N GLY A 310 -31.79 6.98 -8.38
CA GLY A 310 -31.55 6.43 -7.06
C GLY A 310 -32.30 5.13 -6.85
N LEU A 311 -32.58 4.81 -5.60
CA LEU A 311 -33.32 3.59 -5.25
C LEU A 311 -34.74 3.66 -5.81
N ARG A 312 -35.17 2.58 -6.45
CA ARG A 312 -36.53 2.50 -6.98
C ARG A 312 -36.94 1.05 -7.19
N ILE A 313 -37.49 0.46 -6.13
CA ILE A 313 -37.97 -0.92 -6.17
C ILE A 313 -39.47 -0.93 -6.38
N VAL A 314 -39.90 -1.40 -7.55
CA VAL A 314 -41.32 -1.44 -7.89
C VAL A 314 -41.94 -2.81 -7.57
N ILE A 315 -42.93 -2.80 -6.68
CA ILE A 315 -43.64 -4.03 -6.31
C ILE A 315 -45.10 -3.97 -6.80
N GLU A 316 -45.36 -4.62 -7.91
CA GLU A 316 -46.71 -4.74 -8.45
C GLU A 316 -47.50 -5.75 -7.61
N ILE A 317 -48.71 -5.37 -7.21
CA ILE A 317 -49.54 -6.24 -6.38
C ILE A 317 -50.75 -6.75 -7.17
N LYS A 318 -51.32 -7.86 -6.71
CA LYS A 318 -52.45 -8.49 -7.40
C LYS A 318 -53.70 -7.61 -7.31
N ARG A 319 -54.62 -7.86 -8.24
CA ARG A 319 -55.83 -7.06 -8.37
C ARG A 319 -56.79 -7.25 -7.20
N ASP A 320 -56.76 -8.43 -6.60
CA ASP A 320 -57.58 -8.73 -5.42
C ASP A 320 -56.79 -8.49 -4.13
N ALA A 321 -55.93 -7.49 -4.16
CA ALA A 321 -55.10 -7.17 -2.99
C ALA A 321 -55.14 -5.68 -2.68
N VAL A 322 -55.20 -5.36 -1.39
CA VAL A 322 -55.19 -3.98 -0.94
C VAL A 322 -53.75 -3.53 -0.72
N ALA A 323 -53.44 -2.33 -1.19
CA ALA A 323 -52.08 -1.80 -1.10
C ALA A 323 -51.59 -1.70 0.34
N LYS A 324 -52.43 -1.17 1.22
CA LYS A 324 -52.06 -0.96 2.61
C LYS A 324 -51.83 -2.26 3.36
N VAL A 325 -52.57 -3.30 2.98
CA VAL A 325 -52.38 -4.63 3.56
C VAL A 325 -51.00 -5.18 3.19
N VAL A 326 -50.63 -5.00 1.93
CA VAL A 326 -49.34 -5.48 1.44
C VAL A 326 -48.18 -4.69 2.05
N ILE A 327 -48.39 -3.40 2.28
CA ILE A 327 -47.35 -2.56 2.87
C ILE A 327 -47.10 -2.94 4.32
N ASN A 328 -48.17 -3.20 5.08
CA ASN A 328 -48.03 -3.63 6.47
C ASN A 328 -47.35 -4.99 6.53
N ASN A 329 -47.62 -5.83 5.54
CA ASN A 329 -46.97 -7.13 5.44
C ASN A 329 -45.48 -6.97 5.19
N LEU A 330 -45.12 -5.95 4.39
CA LEU A 330 -43.72 -5.65 4.13
C LEU A 330 -43.06 -5.07 5.38
N TYR A 331 -43.80 -4.27 6.14
CA TYR A 331 -43.30 -3.73 7.40
C TYR A 331 -43.00 -4.86 8.38
N LYS A 332 -43.88 -5.86 8.41
CA LYS A 332 -43.75 -6.95 9.36
C LYS A 332 -42.64 -7.94 9.01
N HIS A 333 -42.57 -8.33 7.74
CA HIS A 333 -41.73 -9.46 7.33
C HIS A 333 -40.46 -9.06 6.56
N THR A 334 -40.21 -7.76 6.44
CA THR A 334 -38.97 -7.29 5.82
C THR A 334 -38.42 -6.08 6.55
N GLN A 335 -37.23 -5.64 6.16
CA GLN A 335 -36.58 -4.51 6.79
C GLN A 335 -37.06 -3.19 6.21
N LEU A 336 -38.19 -3.21 5.51
CA LEU A 336 -38.84 -1.97 5.09
C LEU A 336 -39.22 -1.19 6.34
N GLN A 337 -39.51 -1.93 7.41
CA GLN A 337 -39.59 -1.37 8.76
C GLN A 337 -38.63 -2.15 9.65
N THR A 338 -37.64 -1.46 10.20
CA THR A 338 -36.68 -2.10 11.08
C THR A 338 -36.24 -1.12 12.16
N SER A 339 -35.88 -1.66 13.32
CA SER A 339 -35.55 -0.83 14.47
C SER A 339 -34.04 -0.61 14.61
N PHE A 340 -33.67 0.57 15.12
CA PHE A 340 -32.29 0.87 15.45
C PHE A 340 -32.10 0.77 16.96
N GLY A 341 -31.34 -0.23 17.39
CA GLY A 341 -31.06 -0.42 18.80
C GLY A 341 -29.98 0.50 19.31
N ALA A 342 -30.38 1.68 19.79
CA ALA A 342 -29.42 2.66 20.28
C ALA A 342 -28.83 2.24 21.62
N ASN A 343 -27.53 2.40 21.75
CA ASN A 343 -26.81 2.13 22.99
C ASN A 343 -25.64 3.10 23.07
N MET A 344 -25.88 4.24 23.72
CA MET A 344 -24.98 5.38 23.66
C MET A 344 -23.71 5.16 24.49
N LEU A 345 -22.85 4.28 24.00
CA LEU A 345 -21.62 3.90 24.71
C LEU A 345 -20.40 4.55 24.08
N ALA A 346 -19.63 5.28 24.89
CA ALA A 346 -18.40 5.92 24.42
C ALA A 346 -17.34 5.92 25.51
N ILE A 347 -16.09 6.05 25.10
CA ILE A 347 -14.97 6.12 26.03
C ILE A 347 -14.83 7.53 26.58
N VAL A 348 -14.98 7.65 27.90
CA VAL A 348 -14.83 8.94 28.58
C VAL A 348 -13.65 8.87 29.52
N ASP A 349 -12.59 9.59 29.17
CA ASP A 349 -11.37 9.63 29.98
C ASP A 349 -10.79 8.22 30.14
N GLY A 350 -10.78 7.47 29.05
CA GLY A 350 -10.21 6.13 29.06
C GLY A 350 -11.10 5.09 29.72
N VAL A 351 -12.36 5.44 29.94
CA VAL A 351 -13.32 4.54 30.59
C VAL A 351 -14.62 4.46 29.77
N PRO A 352 -15.10 3.23 29.51
CA PRO A 352 -16.35 3.12 28.75
C PRO A 352 -17.55 3.60 29.54
N ARG A 353 -18.38 4.42 28.91
CA ARG A 353 -19.53 5.04 29.57
C ARG A 353 -20.78 5.15 28.70
N THR A 354 -21.90 4.75 29.29
CA THR A 354 -23.21 4.97 28.69
C THR A 354 -23.68 6.35 29.12
N LEU A 355 -23.95 7.20 28.13
CA LEU A 355 -24.16 8.62 28.40
C LEU A 355 -25.54 9.11 27.98
N ARG A 356 -26.09 10.05 28.75
CA ARG A 356 -27.29 10.75 28.34
C ARG A 356 -26.92 11.75 27.26
N LEU A 357 -27.92 12.26 26.55
CA LEU A 357 -27.66 13.21 25.48
C LEU A 357 -27.04 14.51 26.03
N ASP A 358 -27.42 14.87 27.25
CA ASP A 358 -26.87 16.09 27.86
C ASP A 358 -25.42 15.90 28.25
N GLN A 359 -25.05 14.66 28.56
CA GLN A 359 -23.66 14.33 28.88
C GLN A 359 -22.81 14.35 27.61
N LEU A 360 -23.36 13.81 26.52
CA LEU A 360 -22.65 13.77 25.25
C LEU A 360 -22.34 15.17 24.74
N ILE A 361 -23.31 16.07 24.84
CA ILE A 361 -23.12 17.46 24.45
C ILE A 361 -22.12 18.15 25.38
N ARG A 362 -22.41 18.12 26.67
CA ARG A 362 -21.56 18.75 27.68
C ARG A 362 -20.10 18.36 27.57
N TYR A 363 -19.83 17.07 27.44
CA TYR A 363 -18.47 16.56 27.32
C TYR A 363 -17.78 17.10 26.07
N TYR A 364 -18.55 17.25 24.99
CA TYR A 364 -18.01 17.78 23.75
C TYR A 364 -17.67 19.26 23.90
N VAL A 365 -18.58 20.00 24.52
CA VAL A 365 -18.37 21.42 24.74
C VAL A 365 -17.13 21.64 25.60
N ASP A 366 -16.94 20.77 26.59
CA ASP A 366 -15.77 20.82 27.45
C ASP A 366 -14.50 20.69 26.62
N HIS A 367 -14.53 19.78 25.66
CA HIS A 367 -13.40 19.53 24.79
C HIS A 367 -13.08 20.74 23.91
N GLN A 368 -14.12 21.38 23.38
CA GLN A 368 -13.94 22.53 22.51
C GLN A 368 -13.32 23.69 23.28
N LEU A 369 -13.75 23.87 24.52
CA LEU A 369 -13.23 24.94 25.36
C LEU A 369 -11.76 24.68 25.68
N ASP A 370 -11.44 23.41 25.96
CA ASP A 370 -10.06 23.02 26.20
C ASP A 370 -9.20 23.34 24.99
N VAL A 371 -9.71 22.98 23.81
CA VAL A 371 -8.98 23.20 22.56
C VAL A 371 -8.66 24.68 22.36
N ILE A 372 -9.62 25.54 22.64
CA ILE A 372 -9.46 26.97 22.40
C ILE A 372 -8.59 27.64 23.46
N VAL A 373 -8.69 27.18 24.71
CA VAL A 373 -7.81 27.68 25.75
C VAL A 373 -6.37 27.28 25.45
N ARG A 374 -6.19 26.05 24.97
CA ARG A 374 -4.87 25.57 24.59
C ARG A 374 -4.35 26.29 23.35
N ARG A 375 -5.23 26.52 22.38
CA ARG A 375 -4.85 27.26 21.19
C ARG A 375 -4.42 28.67 21.55
N THR A 376 -5.19 29.32 22.41
CA THR A 376 -4.89 30.68 22.84
C THR A 376 -3.56 30.74 23.57
N THR A 377 -3.29 29.74 24.41
CA THR A 377 -2.05 29.72 25.18
C THR A 377 -0.86 29.54 24.24
N TYR A 378 -1.01 28.67 23.25
CA TYR A 378 0.05 28.44 22.28
C TYR A 378 0.34 29.71 21.49
N ARG A 379 -0.71 30.40 21.07
CA ARG A 379 -0.56 31.63 20.28
C ARG A 379 0.04 32.76 21.11
N LEU A 380 -0.31 32.80 22.38
CA LEU A 380 0.22 33.82 23.28
C LEU A 380 1.71 33.60 23.51
N ARG A 381 2.12 32.34 23.62
CA ARG A 381 3.53 32.03 23.80
C ARG A 381 4.32 32.44 22.55
N LYS A 382 3.82 32.05 21.38
CA LYS A 382 4.48 32.36 20.12
C LYS A 382 4.48 33.87 19.86
N ALA A 383 3.45 34.56 20.33
CA ALA A 383 3.36 36.01 20.17
C ALA A 383 4.42 36.70 21.00
N ASN A 384 4.64 36.21 22.21
CA ASN A 384 5.64 36.78 23.10
C ASN A 384 7.05 36.58 22.55
N GLU A 385 7.30 35.42 21.95
CA GLU A 385 8.59 35.13 21.34
C GLU A 385 8.86 36.05 20.15
N ARG A 386 7.85 36.24 19.30
CA ARG A 386 8.01 37.08 18.12
C ARG A 386 8.13 38.54 18.52
N ALA A 387 7.33 38.95 19.50
CA ALA A 387 7.40 40.29 20.04
C ALA A 387 8.80 40.57 20.55
N HIS A 388 9.34 39.64 21.33
CA HIS A 388 10.68 39.77 21.91
C HIS A 388 11.72 40.02 20.81
N ILE A 389 11.64 39.25 19.73
CA ILE A 389 12.61 39.36 18.65
C ILE A 389 12.44 40.71 17.96
N LEU A 390 11.20 41.15 17.81
CA LEU A 390 10.92 42.43 17.17
C LEU A 390 11.43 43.59 18.03
N ARG A 391 11.29 43.47 19.35
CA ARG A 391 11.80 44.50 20.26
C ARG A 391 13.29 44.70 20.05
N GLY A 392 14.00 43.61 19.77
CA GLY A 392 15.42 43.67 19.50
C GLY A 392 15.73 44.40 18.21
N LEU A 393 14.93 44.12 17.19
CA LEU A 393 15.11 44.73 15.88
C LEU A 393 14.88 46.24 15.93
N VAL A 394 13.85 46.67 16.66
CA VAL A 394 13.53 48.09 16.76
C VAL A 394 14.68 48.85 17.43
N LYS A 395 15.33 48.21 18.39
CA LYS A 395 16.50 48.81 19.04
C LYS A 395 17.63 49.00 18.03
N ALA A 396 17.78 48.02 17.14
CA ALA A 396 18.83 48.07 16.13
C ALA A 396 18.58 49.19 15.13
N LEU A 397 17.32 49.40 14.77
CA LEU A 397 16.96 50.44 13.80
C LEU A 397 17.17 51.83 14.38
N ASP A 398 16.89 51.99 15.68
CA ASP A 398 17.08 53.26 16.34
C ASP A 398 18.55 53.63 16.45
N ALA A 399 19.42 52.61 16.42
CA ALA A 399 20.86 52.81 16.48
C ALA A 399 21.53 52.15 15.29
N LEU A 400 20.90 52.25 14.12
CA LEU A 400 21.34 51.53 12.93
C LEU A 400 22.76 51.90 12.48
N ASP A 401 23.13 53.17 12.62
CA ASP A 401 24.48 53.61 12.29
C ASP A 401 25.52 52.81 13.09
N GLU A 402 25.25 52.67 14.38
CA GLU A 402 26.16 52.00 15.29
C GLU A 402 26.20 50.49 15.06
N VAL A 403 25.02 49.89 14.89
CA VAL A 403 24.91 48.44 14.68
C VAL A 403 25.85 47.97 13.58
N ILE A 404 25.82 48.62 12.43
CA ILE A 404 26.61 48.20 11.28
C ILE A 404 28.12 48.32 11.53
N ALA A 405 28.57 49.51 11.87
CA ALA A 405 29.99 49.77 12.12
C ALA A 405 30.56 48.78 13.14
N LEU A 406 29.70 48.30 14.03
CA LEU A 406 30.11 47.35 15.06
C LEU A 406 30.36 45.95 14.50
N ILE A 407 29.52 45.52 13.56
CA ILE A 407 29.68 44.20 12.98
C ILE A 407 30.85 44.17 12.00
N ARG A 408 31.02 45.21 11.21
CA ARG A 408 32.16 45.27 10.29
C ARG A 408 33.50 45.11 11.02
N ALA A 409 33.61 45.76 12.17
CA ALA A 409 34.87 45.80 12.90
C ALA A 409 35.01 44.61 13.84
N SER A 410 34.30 43.53 13.55
CA SER A 410 34.33 42.33 14.36
C SER A 410 35.02 41.16 13.66
N GLU A 411 35.89 40.46 14.39
CA GLU A 411 36.61 39.32 13.84
C GLU A 411 35.66 38.17 13.48
N THR A 412 34.94 37.68 14.48
CA THR A 412 33.97 36.60 14.30
C THR A 412 32.56 37.17 14.31
N VAL A 413 31.56 36.30 14.30
CA VAL A 413 30.18 36.73 14.45
C VAL A 413 29.83 36.75 15.93
N ASP A 414 30.52 35.93 16.71
CA ASP A 414 30.33 35.88 18.16
C ASP A 414 30.82 37.17 18.80
N ILE A 415 31.91 37.70 18.28
CA ILE A 415 32.44 38.97 18.75
C ILE A 415 31.49 40.09 18.37
N ALA A 416 30.90 39.98 17.18
CA ALA A 416 29.89 40.93 16.73
C ALA A 416 28.65 40.78 17.60
N ARG A 417 28.30 39.54 17.91
CA ARG A 417 27.13 39.24 18.72
C ARG A 417 27.26 39.85 20.11
N ALA A 418 28.32 39.44 20.81
CA ALA A 418 28.59 39.92 22.17
C ALA A 418 28.59 41.44 22.24
N GLY A 419 29.02 42.07 21.15
CA GLY A 419 29.03 43.52 21.06
C GLY A 419 27.63 44.09 21.01
N LEU A 420 26.75 43.41 20.29
CA LEU A 420 25.36 43.85 20.15
C LEU A 420 24.65 43.81 21.50
N ILE A 421 24.96 42.81 22.32
CA ILE A 421 24.39 42.73 23.66
C ILE A 421 24.79 43.98 24.44
N GLU A 422 26.08 44.30 24.40
CA GLU A 422 26.62 45.42 25.15
C GLU A 422 26.01 46.74 24.67
N LEU A 423 25.81 46.86 23.37
CA LEU A 423 25.30 48.10 22.79
C LEU A 423 23.82 48.33 23.12
N LEU A 424 22.98 47.37 22.76
CA LEU A 424 21.53 47.54 22.85
C LEU A 424 20.93 46.90 24.11
N ASP A 425 21.76 46.25 24.91
CA ASP A 425 21.29 45.53 26.10
C ASP A 425 20.21 44.53 25.71
N ILE A 426 20.62 43.51 24.94
CA ILE A 426 19.69 42.54 24.38
C ILE A 426 20.05 41.10 24.75
N ASP A 427 19.09 40.21 24.58
CA ASP A 427 19.29 38.77 24.80
C ASP A 427 20.17 38.18 23.72
N GLU A 428 20.57 36.93 23.88
CA GLU A 428 21.32 36.22 22.85
C GLU A 428 20.40 35.83 21.69
N ILE A 429 19.10 35.68 21.96
CA ILE A 429 18.14 35.35 20.93
C ILE A 429 17.92 36.56 20.04
N GLN A 430 17.86 37.73 20.66
CA GLN A 430 17.65 38.98 19.94
C GLN A 430 18.84 39.32 19.04
N ALA A 431 20.04 39.23 19.61
CA ALA A 431 21.26 39.54 18.87
C ALA A 431 21.40 38.64 17.65
N GLN A 432 21.04 37.37 17.83
CA GLN A 432 21.10 36.40 16.75
C GLN A 432 20.11 36.78 15.65
N ALA A 433 18.91 37.19 16.06
CA ALA A 433 17.88 37.59 15.12
C ALA A 433 18.33 38.81 14.31
N ILE A 434 19.02 39.73 14.98
CA ILE A 434 19.59 40.89 14.30
C ILE A 434 20.66 40.44 13.30
N LEU A 435 21.51 39.50 13.73
CA LEU A 435 22.57 38.98 12.88
C LEU A 435 22.00 38.31 11.63
N ASP A 436 20.92 37.57 11.80
CA ASP A 436 20.30 36.85 10.70
C ASP A 436 19.50 37.79 9.80
N MET A 437 19.38 39.05 10.20
CA MET A 437 18.60 40.01 9.42
C MET A 437 19.25 40.29 8.08
N GLN A 438 18.44 40.36 7.04
CA GLN A 438 18.91 40.63 5.69
C GLN A 438 18.96 42.13 5.39
N LEU A 439 19.80 42.51 4.43
CA LEU A 439 19.86 43.89 3.96
C LEU A 439 18.56 44.28 3.26
N ARG A 440 17.78 43.25 2.92
CA ARG A 440 16.43 43.40 2.38
C ARG A 440 15.65 44.42 3.22
N ARG A 441 15.66 44.17 4.52
CA ARG A 441 14.81 44.85 5.47
C ARG A 441 15.30 46.21 5.96
N LEU A 442 16.41 46.70 5.38
CA LEU A 442 16.92 48.02 5.73
C LEU A 442 16.31 49.12 4.85
N ALA A 443 15.49 48.73 3.88
CA ALA A 443 14.77 49.70 3.06
C ALA A 443 13.74 50.42 3.94
N ALA A 444 13.35 51.63 3.52
CA ALA A 444 12.48 52.48 4.33
C ALA A 444 11.18 51.80 4.73
N LEU A 445 10.43 51.30 3.75
CA LEU A 445 9.15 50.65 4.03
C LEU A 445 9.34 49.39 4.86
N GLU A 446 10.49 48.73 4.70
CA GLU A 446 10.77 47.51 5.44
C GLU A 446 11.15 47.82 6.88
N ARG A 447 11.83 48.94 7.11
CA ARG A 447 12.12 49.39 8.46
C ARG A 447 10.81 49.72 9.17
N GLN A 448 9.87 50.31 8.43
CA GLN A 448 8.59 50.70 8.99
C GLN A 448 7.70 49.47 9.20
N ARG A 449 7.87 48.48 8.33
CA ARG A 449 7.14 47.22 8.45
C ARG A 449 7.50 46.55 9.77
N ILE A 450 8.78 46.60 10.13
CA ILE A 450 9.25 46.03 11.39
C ILE A 450 8.60 46.74 12.58
N ILE A 451 8.54 48.07 12.51
CA ILE A 451 7.91 48.86 13.57
C ILE A 451 6.44 48.48 13.74
N ASP A 452 5.68 48.57 12.64
CA ASP A 452 4.26 48.31 12.67
C ASP A 452 3.95 46.87 13.12
N ASP A 453 4.80 45.92 12.72
CA ASP A 453 4.60 44.53 13.11
C ASP A 453 4.66 44.35 14.62
N LEU A 454 5.54 45.08 15.28
CA LEU A 454 5.63 45.03 16.74
C LEU A 454 4.32 45.51 17.35
N ALA A 455 3.83 46.63 16.83
CA ALA A 455 2.57 47.21 17.32
C ALA A 455 1.41 46.25 17.11
N LYS A 456 1.40 45.55 15.98
CA LYS A 456 0.34 44.60 15.69
C LYS A 456 0.29 43.47 16.71
N ILE A 457 1.46 42.96 17.09
CA ILE A 457 1.52 41.82 18.00
C ILE A 457 1.10 42.21 19.41
N GLU A 458 1.62 43.34 19.89
CA GLU A 458 1.27 43.82 21.21
C GLU A 458 -0.23 44.03 21.31
N ALA A 459 -0.86 44.30 20.18
CA ALA A 459 -2.32 44.37 20.11
C ALA A 459 -2.91 42.96 20.16
N GLU A 460 -2.24 42.01 19.48
CA GLU A 460 -2.68 40.62 19.48
C GLU A 460 -2.42 39.95 20.83
N ILE A 461 -1.30 40.29 21.46
CA ILE A 461 -1.00 39.78 22.80
C ILE A 461 -2.05 40.28 23.78
N ALA A 462 -2.43 41.54 23.63
CA ALA A 462 -3.46 42.13 24.48
C ALA A 462 -4.78 41.38 24.30
N ASP A 463 -5.10 41.08 23.05
CA ASP A 463 -6.31 40.31 22.75
C ASP A 463 -6.23 38.92 23.37
N LEU A 464 -5.13 38.22 23.13
CA LEU A 464 -4.98 36.84 23.60
C LEU A 464 -5.03 36.74 25.13
N GLU A 465 -4.37 37.65 25.82
CA GLU A 465 -4.43 37.69 27.28
C GLU A 465 -5.86 37.90 27.75
N ASP A 466 -6.62 38.68 26.99
CA ASP A 466 -8.01 38.95 27.32
C ASP A 466 -8.85 37.68 27.21
N ILE A 467 -8.53 36.85 26.22
CA ILE A 467 -9.25 35.61 26.01
C ILE A 467 -9.11 34.68 27.21
N LEU A 468 -7.88 34.55 27.70
CA LEU A 468 -7.58 33.64 28.79
C LEU A 468 -8.19 34.07 30.12
N ALA A 469 -8.44 35.38 30.27
CA ALA A 469 -8.94 35.91 31.53
C ALA A 469 -10.46 35.92 31.63
N LYS A 470 -11.14 35.71 30.49
CA LYS A 470 -12.60 35.78 30.45
C LYS A 470 -13.20 34.52 29.84
N PRO A 471 -13.79 33.65 30.69
CA PRO A 471 -14.48 32.46 30.17
C PRO A 471 -15.59 32.81 29.18
N GLU A 472 -16.10 34.03 29.29
CA GLU A 472 -17.16 34.51 28.41
C GLU A 472 -16.70 34.50 26.95
N ARG A 473 -15.51 35.03 26.71
CA ARG A 473 -14.96 35.10 25.36
C ARG A 473 -14.63 33.70 24.83
N GLN A 474 -14.09 32.85 25.70
CA GLN A 474 -13.75 31.48 25.31
C GLN A 474 -14.98 30.77 24.76
N ARG A 475 -16.09 30.87 25.48
CA ARG A 475 -17.35 30.28 25.02
C ARG A 475 -17.78 30.94 23.71
N GLY A 476 -17.54 32.25 23.62
CA GLY A 476 -17.89 33.01 22.43
C GLY A 476 -17.16 32.51 21.20
N ILE A 477 -15.89 32.13 21.36
CA ILE A 477 -15.10 31.62 20.23
C ILE A 477 -15.65 30.29 19.74
N VAL A 478 -16.03 29.41 20.65
CA VAL A 478 -16.60 28.11 20.28
C VAL A 478 -17.85 28.34 19.45
N ARG A 479 -18.73 29.20 19.95
CA ARG A 479 -19.98 29.50 19.28
C ARG A 479 -19.77 30.05 17.88
N ASP A 480 -18.99 31.12 17.79
CA ASP A 480 -18.80 31.84 16.53
C ASP A 480 -18.09 30.99 15.48
N GLU A 481 -17.09 30.24 15.91
CA GLU A 481 -16.32 29.41 14.98
C GLU A 481 -17.15 28.23 14.51
N LEU A 482 -17.90 27.61 15.41
CA LEU A 482 -18.77 26.51 15.06
C LEU A 482 -19.88 26.99 14.13
N ALA A 483 -20.41 28.18 14.43
CA ALA A 483 -21.46 28.77 13.62
C ALA A 483 -21.03 28.90 12.17
N GLU A 484 -19.78 29.33 11.95
CA GLU A 484 -19.23 29.43 10.61
C GLU A 484 -19.21 28.07 9.92
N ILE A 485 -18.81 27.04 10.68
CA ILE A 485 -18.73 25.68 10.15
C ILE A 485 -20.09 25.17 9.71
N VAL A 486 -21.11 25.43 10.54
CA VAL A 486 -22.45 24.95 10.26
C VAL A 486 -23.06 25.69 9.07
N ASP A 487 -22.78 26.97 8.94
CA ASP A 487 -23.33 27.76 7.84
C ASP A 487 -22.82 27.25 6.49
N ARG A 488 -21.58 26.76 6.46
CA ARG A 488 -21.02 26.20 5.23
C ARG A 488 -21.40 24.73 5.01
N HIS A 489 -21.19 23.90 6.02
CA HIS A 489 -21.23 22.45 5.81
C HIS A 489 -22.51 21.81 6.36
N GLY A 490 -23.37 22.62 6.97
CA GLY A 490 -24.63 22.13 7.48
C GLY A 490 -25.62 21.91 6.33
N ASP A 491 -26.40 20.84 6.42
CA ASP A 491 -27.38 20.51 5.39
C ASP A 491 -28.77 20.26 5.99
N ASP A 492 -29.76 20.10 5.11
CA ASP A 492 -31.12 19.83 5.53
C ASP A 492 -31.24 18.49 6.22
N ARG A 493 -32.30 18.34 7.00
CA ARG A 493 -32.62 17.05 7.59
C ARG A 493 -33.02 16.09 6.48
N ARG A 494 -32.69 14.82 6.63
CA ARG A 494 -33.02 13.80 5.64
C ARG A 494 -34.11 12.87 6.15
N THR A 495 -33.92 12.37 7.36
CA THR A 495 -34.90 11.48 7.98
C THR A 495 -36.07 12.28 8.52
N ARG A 496 -37.26 11.99 8.01
CA ARG A 496 -38.48 12.66 8.45
C ARG A 496 -39.04 12.01 9.70
N ILE A 497 -39.37 12.84 10.69
CA ILE A 497 -39.93 12.35 11.95
C ILE A 497 -41.44 12.53 11.98
N ILE A 498 -42.15 11.41 12.15
CA ILE A 498 -43.60 11.42 12.28
C ILE A 498 -44.02 10.77 13.59
N ALA A 499 -45.32 10.85 13.90
CA ALA A 499 -45.85 10.26 15.13
C ALA A 499 -46.43 8.89 14.85
N ILE A 500 -47.03 8.28 15.87
CA ILE A 500 -47.64 6.96 15.73
C ILE A 500 -48.82 7.01 14.77
N ALA B 3 6.87 -45.12 18.82
CA ALA B 3 7.27 -44.33 17.66
C ALA B 3 6.12 -44.19 16.67
N LEU B 4 6.07 -43.05 15.98
CA LEU B 4 5.00 -42.78 15.02
C LEU B 4 5.55 -42.18 13.72
N VAL B 5 4.93 -42.55 12.61
CA VAL B 5 5.39 -42.10 11.29
C VAL B 5 5.11 -40.61 11.07
N ARG B 6 6.10 -39.92 10.51
CA ARG B 6 5.95 -38.53 10.12
C ARG B 6 5.70 -38.44 8.62
N ARG B 7 5.02 -37.39 8.18
CA ARG B 7 4.70 -37.22 6.77
C ARG B 7 5.93 -36.76 5.99
N LYS B 8 6.14 -37.34 4.81
CA LYS B 8 7.25 -36.98 3.94
C LYS B 8 6.89 -37.19 2.48
N GLY B 15 -1.55 -38.51 5.56
CA GLY B 15 -2.73 -38.59 6.40
C GLY B 15 -2.72 -37.56 7.50
N LEU B 16 -2.03 -36.45 7.26
CA LEU B 16 -1.93 -35.35 8.23
C LEU B 16 -2.26 -34.03 7.54
N PRO B 17 -2.53 -32.97 8.32
CA PRO B 17 -2.89 -31.67 7.75
C PRO B 17 -1.90 -31.15 6.72
N GLY B 18 -2.41 -30.46 5.71
CA GLY B 18 -1.57 -29.94 4.64
C GLY B 18 -0.60 -28.88 5.14
N LYS B 19 -1.04 -28.09 6.11
CA LYS B 19 -0.22 -27.01 6.64
C LYS B 19 0.85 -27.50 7.62
N LEU B 20 0.74 -28.74 8.06
CA LEU B 20 1.71 -29.29 8.99
C LEU B 20 3.06 -29.52 8.34
N ALA B 21 4.09 -28.88 8.90
CA ALA B 21 5.47 -29.13 8.51
C ALA B 21 6.08 -30.04 9.56
N ASP B 22 5.91 -31.34 9.36
CA ASP B 22 6.23 -32.34 10.37
C ASP B 22 7.73 -32.42 10.63
N CYS B 23 8.10 -33.00 11.76
CA CYS B 23 9.51 -33.19 12.08
C CYS B 23 9.97 -34.52 11.51
N ARG B 24 11.27 -34.80 11.65
CA ARG B 24 11.88 -36.00 11.09
C ARG B 24 11.96 -37.11 12.13
N SER B 25 12.17 -36.74 13.39
CA SER B 25 12.24 -37.71 14.48
C SER B 25 10.90 -38.43 14.64
N THR B 26 10.95 -39.75 14.71
CA THR B 26 9.73 -40.56 14.83
C THR B 26 9.36 -40.82 16.29
N ASP B 27 10.13 -40.25 17.21
CA ASP B 27 9.87 -40.42 18.64
C ASP B 27 9.08 -39.22 19.19
N PRO B 28 7.84 -39.45 19.65
CA PRO B 28 7.07 -38.35 20.24
C PRO B 28 7.74 -37.74 21.46
N ARG B 29 8.41 -38.57 22.26
CA ARG B 29 9.08 -38.12 23.47
C ARG B 29 10.14 -37.06 23.15
N LYS B 30 10.70 -37.13 21.95
CA LYS B 30 11.75 -36.20 21.52
C LYS B 30 11.22 -35.11 20.59
N SER B 31 9.95 -35.21 20.20
CA SER B 31 9.37 -34.29 19.23
C SER B 31 8.67 -33.09 19.87
N GLU B 32 8.54 -32.02 19.10
CA GLU B 32 7.91 -30.80 19.55
C GLU B 32 7.03 -30.22 18.44
N LEU B 33 5.81 -29.81 18.79
CA LEU B 33 4.91 -29.15 17.85
C LEU B 33 4.74 -27.67 18.20
N TYR B 34 5.24 -26.81 17.31
CA TYR B 34 5.05 -25.37 17.45
C TYR B 34 3.78 -24.94 16.75
N VAL B 35 2.75 -24.63 17.53
CA VAL B 35 1.51 -24.07 16.99
C VAL B 35 1.67 -22.57 16.85
N VAL B 36 1.73 -22.09 15.61
CA VAL B 36 2.13 -20.72 15.31
C VAL B 36 1.00 -19.86 14.76
N GLU B 37 0.99 -18.60 15.16
CA GLU B 37 0.02 -17.63 14.66
C GLU B 37 0.49 -17.01 13.35
N GLY B 38 -0.27 -17.24 12.29
CA GLY B 38 -0.02 -16.59 11.01
C GLY B 38 0.79 -17.45 10.06
N ASP B 39 0.51 -17.30 8.77
CA ASP B 39 1.23 -18.02 7.72
C ASP B 39 2.65 -17.51 7.59
N SER B 40 2.83 -16.21 7.73
CA SER B 40 4.15 -15.59 7.62
C SER B 40 5.09 -16.10 8.70
N ALA B 41 4.66 -15.99 9.96
CA ALA B 41 5.46 -16.44 11.08
C ALA B 41 5.73 -17.93 10.98
N GLY B 42 4.68 -18.68 10.63
CA GLY B 42 4.80 -20.12 10.47
C GLY B 42 5.75 -20.47 9.35
N GLY B 43 5.77 -19.65 8.31
CA GLY B 43 6.66 -19.86 7.18
C GLY B 43 8.11 -19.70 7.56
N SER B 44 8.45 -18.61 8.24
CA SER B 44 9.82 -18.37 8.67
C SER B 44 10.20 -19.34 9.79
N ALA B 45 9.23 -19.73 10.61
CA ALA B 45 9.46 -20.69 11.67
C ALA B 45 9.86 -22.03 11.07
N LYS B 46 9.22 -22.40 9.96
CA LYS B 46 9.53 -23.63 9.26
C LYS B 46 10.98 -23.66 8.78
N SER B 47 11.55 -22.48 8.56
CA SER B 47 12.90 -22.37 8.02
C SER B 47 13.96 -22.36 9.12
N GLY B 48 13.63 -21.74 10.25
CA GLY B 48 14.58 -21.58 11.34
C GLY B 48 14.55 -22.72 12.33
N ARG B 49 13.55 -23.59 12.22
CA ARG B 49 13.39 -24.70 13.15
C ARG B 49 14.55 -25.69 13.08
N ASP B 50 14.59 -26.61 14.03
CA ASP B 50 15.39 -27.82 13.89
C ASP B 50 14.48 -28.91 13.33
N SER B 51 14.60 -29.16 12.04
CA SER B 51 13.71 -30.07 11.34
C SER B 51 13.73 -31.50 11.89
N MET B 52 14.68 -31.80 12.76
CA MET B 52 14.78 -33.12 13.35
C MET B 52 13.70 -33.35 14.41
N PHE B 53 13.53 -32.38 15.31
CA PHE B 53 12.67 -32.57 16.49
C PHE B 53 11.50 -31.60 16.57
N GLN B 54 11.52 -30.58 15.71
CA GLN B 54 10.50 -29.52 15.77
C GLN B 54 9.63 -29.51 14.53
N ALA B 55 8.31 -29.57 14.75
CA ALA B 55 7.34 -29.47 13.68
C ALA B 55 6.58 -28.16 13.82
N ILE B 56 6.08 -27.64 12.70
CA ILE B 56 5.34 -26.38 12.70
C ILE B 56 3.93 -26.58 12.16
N LEU B 57 2.95 -26.08 12.91
CA LEU B 57 1.57 -26.03 12.44
C LEU B 57 1.09 -24.58 12.47
N PRO B 58 1.09 -23.91 11.31
CA PRO B 58 0.56 -22.54 11.30
C PRO B 58 -0.96 -22.51 11.39
N LEU B 59 -1.48 -21.73 12.32
CA LEU B 59 -2.91 -21.49 12.44
C LEU B 59 -3.26 -20.13 11.89
N ARG B 60 -4.29 -20.09 11.05
CA ARG B 60 -4.69 -18.85 10.39
C ARG B 60 -6.01 -18.31 10.95
N GLY B 61 -5.98 -17.05 11.37
CA GLY B 61 -7.16 -16.39 11.89
C GLY B 61 -7.47 -16.70 13.34
N LYS B 62 -8.43 -15.99 13.91
CA LYS B 62 -8.89 -16.24 15.26
C LYS B 62 -9.49 -17.64 15.33
N ILE B 63 -9.07 -18.42 16.32
CA ILE B 63 -9.58 -19.77 16.50
C ILE B 63 -11.03 -19.72 17.00
N ILE B 64 -11.82 -20.70 16.57
CA ILE B 64 -13.21 -20.78 16.97
C ILE B 64 -13.32 -21.07 18.46
N ASN B 65 -14.22 -20.35 19.12
CA ASN B 65 -14.46 -20.52 20.55
C ASN B 65 -15.29 -21.77 20.81
N VAL B 66 -14.65 -22.82 21.31
CA VAL B 66 -15.34 -24.09 21.53
C VAL B 66 -16.31 -24.01 22.70
N GLU B 67 -16.15 -22.98 23.53
CA GLU B 67 -17.06 -22.76 24.65
C GLU B 67 -18.42 -22.25 24.15
N LYS B 68 -18.37 -21.42 23.12
CA LYS B 68 -19.57 -20.81 22.54
C LYS B 68 -20.18 -21.65 21.44
N ALA B 69 -19.33 -22.17 20.55
CA ALA B 69 -19.79 -22.87 19.36
C ALA B 69 -20.31 -24.28 19.65
N ARG B 70 -21.29 -24.70 18.87
CA ARG B 70 -21.82 -26.05 18.94
C ARG B 70 -20.75 -27.04 18.50
N ILE B 71 -20.84 -28.28 19.00
CA ILE B 71 -19.78 -29.26 18.82
C ILE B 71 -19.57 -29.59 17.34
N ASP B 72 -20.66 -29.79 16.61
CA ASP B 72 -20.58 -30.18 15.20
C ASP B 72 -19.90 -29.10 14.36
N ARG B 73 -20.12 -27.85 14.72
CA ARG B 73 -19.55 -26.74 13.98
C ARG B 73 -18.05 -26.64 14.22
N VAL B 74 -17.62 -26.95 15.44
CA VAL B 74 -16.21 -26.91 15.80
C VAL B 74 -15.44 -27.95 14.99
N LEU B 75 -16.07 -29.10 14.79
CA LEU B 75 -15.43 -30.20 14.08
C LEU B 75 -15.35 -29.93 12.57
N LYS B 76 -16.12 -28.97 12.09
CA LYS B 76 -16.06 -28.58 10.69
C LYS B 76 -14.95 -27.56 10.46
N ASN B 77 -14.50 -26.93 11.55
CA ASN B 77 -13.48 -25.89 11.43
C ASN B 77 -12.14 -26.48 10.99
N THR B 78 -11.61 -25.94 9.91
CA THR B 78 -10.39 -26.44 9.30
C THR B 78 -9.18 -26.36 10.23
N GLU B 79 -9.14 -25.31 11.06
CA GLU B 79 -8.00 -25.10 11.93
C GLU B 79 -8.03 -26.01 13.16
N VAL B 80 -9.23 -26.34 13.64
CA VAL B 80 -9.35 -27.25 14.76
C VAL B 80 -9.00 -28.67 14.33
N GLN B 81 -9.50 -29.07 13.17
CA GLN B 81 -9.20 -30.39 12.62
C GLN B 81 -7.70 -30.56 12.44
N ALA B 82 -7.02 -29.47 12.10
CA ALA B 82 -5.57 -29.50 11.91
C ALA B 82 -4.89 -29.84 13.23
N ILE B 83 -5.35 -29.22 14.31
CA ILE B 83 -4.79 -29.45 15.63
C ILE B 83 -5.07 -30.87 16.12
N ILE B 84 -6.35 -31.23 16.14
CA ILE B 84 -6.76 -32.55 16.61
C ILE B 84 -6.05 -33.67 15.84
N THR B 85 -5.93 -33.49 14.52
CA THR B 85 -5.30 -34.49 13.68
C THR B 85 -3.79 -34.58 13.90
N ALA B 86 -3.14 -33.42 14.00
CA ALA B 86 -1.70 -33.36 14.15
C ALA B 86 -1.25 -33.87 15.52
N LEU B 87 -2.11 -33.71 16.52
CA LEU B 87 -1.80 -34.20 17.86
C LEU B 87 -2.05 -35.71 17.99
N GLY B 88 -3.01 -36.23 17.22
CA GLY B 88 -3.23 -37.65 17.12
C GLY B 88 -4.05 -38.29 18.22
N THR B 89 -4.12 -37.63 19.38
CA THR B 89 -4.74 -38.21 20.56
C THR B 89 -6.22 -38.54 20.39
N GLY B 90 -6.98 -37.58 19.88
CA GLY B 90 -8.43 -37.66 19.86
C GLY B 90 -8.98 -36.62 20.82
N ILE B 91 -10.29 -36.64 21.05
CA ILE B 91 -10.93 -35.62 21.89
C ILE B 91 -11.98 -36.21 22.83
N HIS B 92 -12.19 -35.53 23.95
CA HIS B 92 -13.20 -35.91 24.93
C HIS B 92 -13.01 -37.36 25.41
N ASP B 93 -14.05 -38.18 25.26
CA ASP B 93 -14.03 -39.54 25.79
C ASP B 93 -13.13 -40.45 24.97
N GLU B 94 -12.96 -40.11 23.69
CA GLU B 94 -12.12 -40.90 22.79
C GLU B 94 -10.67 -40.43 22.83
N PHE B 95 -10.32 -39.66 23.85
CA PHE B 95 -8.96 -39.18 24.02
C PHE B 95 -8.02 -40.29 24.48
N ASP B 96 -6.89 -40.42 23.79
CA ASP B 96 -5.88 -41.42 24.11
C ASP B 96 -4.49 -40.81 24.05
N ILE B 97 -3.92 -40.52 25.22
CA ILE B 97 -2.63 -39.85 25.31
C ILE B 97 -1.51 -40.70 24.70
N GLY B 98 -1.73 -42.00 24.63
CA GLY B 98 -0.74 -42.92 24.07
C GLY B 98 -0.40 -42.62 22.62
N LYS B 99 -1.33 -41.98 21.91
CA LYS B 99 -1.15 -41.68 20.50
C LYS B 99 -0.65 -40.25 20.27
N LEU B 100 -0.27 -39.56 21.35
CA LEU B 100 0.23 -38.20 21.25
C LEU B 100 1.51 -38.19 20.41
N ARG B 101 1.47 -37.41 19.32
CA ARG B 101 2.56 -37.41 18.35
C ARG B 101 3.67 -36.43 18.71
N TYR B 102 3.40 -35.56 19.69
CA TYR B 102 4.39 -34.60 20.18
C TYR B 102 4.23 -34.42 21.68
N HIS B 103 5.29 -34.70 22.44
CA HIS B 103 5.23 -34.58 23.89
C HIS B 103 5.51 -33.14 24.35
N LYS B 104 5.75 -32.26 23.38
CA LYS B 104 5.86 -30.82 23.66
C LYS B 104 5.02 -30.03 22.66
N ILE B 105 4.00 -29.36 23.17
CA ILE B 105 3.11 -28.54 22.33
C ILE B 105 3.26 -27.07 22.68
N VAL B 106 4.11 -26.38 21.92
CA VAL B 106 4.39 -24.97 22.18
C VAL B 106 3.45 -24.06 21.38
N LEU B 107 2.67 -23.24 22.10
CA LEU B 107 1.85 -22.22 21.46
C LEU B 107 2.66 -20.94 21.29
N MET B 108 2.85 -20.52 20.05
CA MET B 108 3.64 -19.31 19.76
C MET B 108 2.80 -18.27 19.02
N ALA B 109 2.45 -17.20 19.74
CA ALA B 109 1.64 -16.12 19.19
C ALA B 109 2.36 -14.78 19.35
N ASP B 110 1.84 -13.74 18.70
CA ASP B 110 2.41 -12.40 18.81
C ASP B 110 2.37 -11.94 20.26
N ALA B 111 3.28 -11.03 20.61
CA ALA B 111 3.28 -10.44 21.95
C ALA B 111 2.10 -9.50 22.17
N ASP B 112 1.43 -9.10 21.08
CA ASP B 112 0.31 -8.17 21.17
C ASP B 112 -0.94 -8.82 21.75
N VAL B 113 -2.00 -8.03 21.89
CA VAL B 113 -3.22 -8.50 22.56
C VAL B 113 -3.97 -9.56 21.77
N ASP B 114 -3.90 -9.50 20.45
CA ASP B 114 -4.59 -10.47 19.62
C ASP B 114 -3.88 -11.81 19.70
N GLY B 115 -2.58 -11.77 19.99
CA GLY B 115 -1.82 -12.98 20.25
C GLY B 115 -2.28 -13.59 21.57
N GLN B 116 -2.44 -12.74 22.57
CA GLN B 116 -2.95 -13.16 23.86
C GLN B 116 -4.33 -13.79 23.70
N HIS B 117 -5.16 -13.15 22.87
CA HIS B 117 -6.52 -13.64 22.63
C HIS B 117 -6.51 -15.01 21.97
N ILE B 118 -5.64 -15.20 20.98
CA ILE B 118 -5.57 -16.49 20.28
C ILE B 118 -5.13 -17.61 21.22
N SER B 119 -4.25 -17.29 22.15
CA SER B 119 -3.79 -18.28 23.11
C SER B 119 -4.92 -18.71 24.05
N THR B 120 -5.77 -17.75 24.45
CA THR B 120 -6.89 -18.07 25.34
C THR B 120 -7.90 -18.96 24.62
N LEU B 121 -7.98 -18.84 23.31
CA LEU B 121 -8.88 -19.65 22.51
C LEU B 121 -8.33 -21.06 22.32
N LEU B 122 -7.00 -21.16 22.22
CA LEU B 122 -6.34 -22.45 22.11
C LEU B 122 -6.32 -23.18 23.44
N LEU B 123 -6.02 -22.46 24.52
CA LEU B 123 -6.02 -23.04 25.85
C LEU B 123 -7.42 -23.54 26.21
N THR B 124 -8.43 -22.89 25.67
CA THR B 124 -9.82 -23.31 25.89
C THR B 124 -10.11 -24.59 25.09
N LEU B 125 -9.63 -24.64 23.86
CA LEU B 125 -9.78 -25.84 23.04
C LEU B 125 -9.13 -27.02 23.74
N LEU B 126 -7.92 -26.82 24.22
CA LEU B 126 -7.17 -27.88 24.89
C LEU B 126 -7.83 -28.33 26.20
N PHE B 127 -8.28 -27.37 27.01
CA PHE B 127 -8.85 -27.69 28.31
C PHE B 127 -10.17 -28.46 28.21
N ARG B 128 -10.91 -28.21 27.12
CA ARG B 128 -12.24 -28.81 26.96
C ARG B 128 -12.22 -30.13 26.18
N PHE B 129 -11.33 -30.23 25.21
CA PHE B 129 -11.29 -31.37 24.31
C PHE B 129 -10.18 -32.36 24.67
N MET B 130 -9.08 -31.84 25.19
CA MET B 130 -7.87 -32.63 25.38
C MET B 130 -7.18 -32.26 26.69
N ARG B 131 -7.96 -32.25 27.78
CA ARG B 131 -7.50 -31.74 29.06
C ARG B 131 -6.20 -32.40 29.57
N PRO B 132 -6.09 -33.74 29.44
CA PRO B 132 -4.90 -34.43 29.94
C PRO B 132 -3.58 -33.89 29.41
N LEU B 133 -3.60 -33.24 28.24
CA LEU B 133 -2.39 -32.64 27.69
C LEU B 133 -1.86 -31.52 28.58
N ILE B 134 -2.77 -30.83 29.27
CA ILE B 134 -2.39 -29.76 30.19
C ILE B 134 -1.98 -30.35 31.54
N GLU B 135 -2.76 -31.31 32.03
CA GLU B 135 -2.52 -31.92 33.32
C GLU B 135 -1.15 -32.60 33.38
N ASN B 136 -0.73 -33.17 32.27
CA ASN B 136 0.55 -33.87 32.20
C ASN B 136 1.67 -32.97 31.69
N GLY B 137 1.40 -31.67 31.59
CA GLY B 137 2.42 -30.70 31.29
C GLY B 137 3.05 -30.81 29.92
N HIS B 138 2.22 -31.07 28.91
CA HIS B 138 2.69 -31.15 27.53
C HIS B 138 2.49 -29.83 26.79
N VAL B 139 1.78 -28.91 27.42
CA VAL B 139 1.43 -27.63 26.80
C VAL B 139 2.35 -26.53 27.31
N PHE B 140 2.97 -25.80 26.40
CA PHE B 140 3.87 -24.72 26.76
C PHE B 140 3.53 -23.43 26.01
N LEU B 141 4.06 -22.31 26.52
CA LEU B 141 3.90 -21.02 25.87
C LEU B 141 5.25 -20.39 25.57
N ALA B 142 5.55 -20.21 24.29
CA ALA B 142 6.78 -19.53 23.89
C ALA B 142 6.61 -18.03 24.08
N GLN B 143 7.63 -17.40 24.65
CA GLN B 143 7.62 -15.96 24.87
C GLN B 143 8.46 -15.27 23.80
N PRO B 144 7.81 -14.63 22.82
CA PRO B 144 8.60 -14.00 21.75
C PRO B 144 9.39 -12.79 22.26
N PRO B 145 10.42 -12.37 21.52
CA PRO B 145 11.16 -11.16 21.89
C PRO B 145 10.34 -9.89 21.63
N LEU B 146 10.66 -8.82 22.33
CA LEU B 146 10.03 -7.53 22.10
C LEU B 146 10.99 -6.55 21.44
N TYR B 147 12.28 -6.72 21.72
CA TYR B 147 13.29 -5.81 21.19
C TYR B 147 14.53 -6.56 20.73
N LYS B 148 15.22 -5.97 19.75
CA LYS B 148 16.52 -6.44 19.29
C LYS B 148 17.51 -5.28 19.34
N LEU B 149 18.48 -5.36 20.24
CA LEU B 149 19.49 -4.32 20.37
C LEU B 149 20.64 -4.57 19.41
N LYS B 150 20.78 -3.67 18.43
CA LYS B 150 21.76 -3.83 17.37
C LYS B 150 23.01 -2.99 17.61
N TRP B 151 23.95 -3.53 18.38
CA TRP B 151 25.18 -2.82 18.69
C TRP B 151 26.04 -2.65 17.45
N GLN B 152 26.80 -1.56 17.39
CA GLN B 152 27.56 -1.19 16.20
C GLN B 152 28.66 -2.20 15.87
N ARG B 153 29.28 -2.75 16.90
CA ARG B 153 30.43 -3.65 16.73
C ARG B 153 30.16 -5.01 17.33
N SER B 154 29.32 -5.05 18.36
CA SER B 154 29.08 -6.28 19.10
C SER B 154 27.92 -7.08 18.51
N ASP B 155 27.77 -8.30 18.98
CA ASP B 155 26.66 -9.16 18.57
C ASP B 155 25.36 -8.57 19.10
N PRO B 156 24.25 -8.78 18.36
CA PRO B 156 22.95 -8.23 18.78
C PRO B 156 22.33 -8.99 19.95
N GLU B 157 21.62 -8.28 20.81
CA GLU B 157 20.96 -8.88 21.97
C GLU B 157 19.43 -8.74 21.83
N PHE B 158 18.71 -9.74 22.31
CA PHE B 158 17.25 -9.73 22.28
C PHE B 158 16.68 -9.50 23.68
N ALA B 159 15.59 -8.74 23.74
CA ALA B 159 14.93 -8.43 25.01
C ALA B 159 13.47 -8.89 24.97
N TYR B 160 12.98 -9.38 26.10
CA TYR B 160 11.61 -9.90 26.19
C TYR B 160 10.72 -9.02 27.06
N SER B 161 11.20 -7.83 27.43
CA SER B 161 10.41 -6.89 28.20
C SER B 161 11.00 -5.49 28.13
N ASP B 162 10.20 -4.48 28.48
CA ASP B 162 10.69 -3.11 28.53
C ASP B 162 11.81 -2.98 29.55
N ARG B 163 11.68 -3.73 30.64
CA ARG B 163 12.66 -3.69 31.73
C ARG B 163 13.99 -4.25 31.27
N GLU B 164 13.95 -5.44 30.67
CA GLU B 164 15.15 -6.11 30.19
C GLU B 164 15.84 -5.26 29.12
N ARG B 165 15.06 -4.60 28.28
CA ARG B 165 15.59 -3.68 27.28
C ARG B 165 16.45 -2.61 27.94
N ASP B 166 15.88 -1.95 28.95
CA ASP B 166 16.59 -0.88 29.65
C ASP B 166 17.83 -1.42 30.34
N GLY B 167 17.77 -2.68 30.77
CA GLY B 167 18.86 -3.30 31.49
C GLY B 167 20.03 -3.64 30.59
N LEU B 168 19.74 -4.21 29.43
CA LEU B 168 20.79 -4.59 28.50
C LEU B 168 21.40 -3.37 27.84
N LEU B 169 20.57 -2.35 27.63
CA LEU B 169 21.05 -1.09 27.06
C LEU B 169 22.02 -0.43 28.04
N GLU B 170 21.62 -0.39 29.31
CA GLU B 170 22.42 0.25 30.35
C GLU B 170 23.75 -0.46 30.53
N ALA B 171 23.71 -1.78 30.62
CA ALA B 171 24.91 -2.59 30.81
C ALA B 171 25.88 -2.42 29.64
N GLY B 172 25.35 -2.50 28.43
CA GLY B 172 26.15 -2.37 27.23
C GLY B 172 26.85 -1.02 27.14
N LEU B 173 26.10 0.06 27.40
CA LEU B 173 26.66 1.40 27.35
C LEU B 173 27.75 1.54 28.42
N LYS B 174 27.51 0.93 29.57
CA LYS B 174 28.46 0.96 30.67
C LYS B 174 29.71 0.16 30.30
N ALA B 175 29.53 -0.83 29.44
CA ALA B 175 30.64 -1.68 29.00
C ALA B 175 31.41 -1.05 27.83
N GLY B 176 30.91 0.07 27.32
CA GLY B 176 31.61 0.81 26.28
C GLY B 176 31.13 0.51 24.86
N LYS B 177 30.04 -0.24 24.74
CA LYS B 177 29.46 -0.54 23.44
C LYS B 177 28.62 0.65 22.96
N LYS B 178 28.24 0.64 21.69
CA LYS B 178 27.47 1.76 21.13
C LYS B 178 26.42 1.31 20.12
N ILE B 179 25.36 2.11 19.98
CA ILE B 179 24.27 1.82 19.06
C ILE B 179 23.96 3.03 18.18
N ASN B 180 23.54 2.77 16.95
CA ASN B 180 23.00 3.81 16.08
C ASN B 180 21.70 4.36 16.66
N LYS B 181 21.44 5.64 16.45
CA LYS B 181 20.17 6.23 16.89
C LYS B 181 19.11 6.19 15.79
N GLU B 182 19.49 5.66 14.63
CA GLU B 182 18.56 5.46 13.52
C GLU B 182 18.07 4.02 13.50
N ASP B 183 18.94 3.10 13.09
CA ASP B 183 18.64 1.68 13.15
C ASP B 183 18.27 1.32 14.58
N GLY B 184 19.25 1.47 15.47
CA GLY B 184 19.04 1.37 16.89
C GLY B 184 18.39 0.09 17.38
N ILE B 185 17.39 0.26 18.23
CA ILE B 185 16.70 -0.87 18.85
C ILE B 185 15.46 -1.22 18.04
N GLN B 186 15.54 -2.34 17.33
CA GLN B 186 14.40 -2.83 16.57
C GLN B 186 13.35 -3.37 17.53
N ARG B 187 12.12 -2.91 17.34
CA ARG B 187 11.00 -3.37 18.16
C ARG B 187 10.09 -4.30 17.38
N TYR B 188 9.97 -5.53 17.85
CA TYR B 188 9.10 -6.50 17.21
C TYR B 188 7.64 -6.24 17.59
N LYS B 189 6.78 -6.23 16.59
CA LYS B 189 5.35 -6.06 16.80
C LYS B 189 4.58 -7.35 16.47
N GLY B 190 5.33 -8.41 16.18
CA GLY B 190 4.73 -9.70 15.88
C GLY B 190 5.76 -10.67 15.32
N LEU B 191 5.40 -11.95 15.33
CA LEU B 191 6.28 -12.99 14.80
C LEU B 191 6.47 -12.85 13.30
N GLY B 192 5.48 -12.29 12.62
CA GLY B 192 5.51 -12.16 11.17
C GLY B 192 6.63 -11.26 10.70
N GLU B 193 7.10 -10.38 11.58
CA GLU B 193 8.15 -9.43 11.25
C GLU B 193 9.54 -10.05 11.41
N MET B 194 9.59 -11.25 11.97
CA MET B 194 10.86 -11.93 12.22
C MET B 194 11.23 -12.85 11.07
N ASP B 195 12.53 -12.96 10.81
CA ASP B 195 13.03 -13.91 9.82
C ASP B 195 13.35 -15.23 10.51
N ALA B 196 13.85 -16.20 9.74
CA ALA B 196 14.12 -17.53 10.27
C ALA B 196 15.16 -17.52 11.37
N LYS B 197 16.26 -16.79 11.15
CA LYS B 197 17.36 -16.75 12.10
C LYS B 197 16.91 -16.19 13.45
N GLU B 198 16.19 -15.08 13.41
CA GLU B 198 15.73 -14.42 14.62
C GLU B 198 14.82 -15.31 15.45
N LEU B 199 13.92 -16.04 14.80
CA LEU B 199 13.00 -16.92 15.52
C LEU B 199 13.74 -18.07 16.19
N TRP B 200 14.76 -18.60 15.53
CA TRP B 200 15.54 -19.68 16.11
C TRP B 200 16.24 -19.21 17.38
N GLU B 201 16.89 -18.05 17.29
CA GLU B 201 17.74 -17.55 18.37
C GLU B 201 16.96 -16.90 19.51
N THR B 202 15.63 -17.07 19.53
CA THR B 202 14.81 -16.44 20.57
C THR B 202 13.65 -17.31 21.05
N THR B 203 13.13 -18.20 20.20
CA THR B 203 11.93 -18.96 20.54
C THR B 203 12.02 -20.45 20.24
N MET B 204 13.00 -20.86 19.44
CA MET B 204 13.08 -22.25 18.97
C MET B 204 14.38 -22.95 19.34
N ASP B 205 15.46 -22.20 19.52
CA ASP B 205 16.71 -22.77 20.01
C ASP B 205 16.47 -23.21 21.46
N PRO B 206 16.53 -24.53 21.73
CA PRO B 206 16.17 -25.00 23.08
C PRO B 206 17.11 -24.51 24.19
N SER B 207 18.27 -24.00 23.82
CA SER B 207 19.26 -23.56 24.81
C SER B 207 19.07 -22.09 25.22
N VAL B 208 18.14 -21.39 24.57
CA VAL B 208 17.91 -19.97 24.85
C VAL B 208 16.44 -19.55 24.81
N ARG B 209 15.57 -20.44 24.32
CA ARG B 209 14.15 -20.10 24.24
C ARG B 209 13.54 -19.97 25.63
N VAL B 210 12.56 -19.09 25.75
CA VAL B 210 11.84 -18.87 27.00
C VAL B 210 10.45 -19.49 26.93
N LEU B 211 10.31 -20.70 27.46
CA LEU B 211 9.02 -21.39 27.48
C LEU B 211 8.39 -21.32 28.86
N ARG B 212 7.05 -21.29 28.88
CA ARG B 212 6.29 -21.38 30.11
C ARG B 212 5.40 -22.60 30.06
N GLN B 213 5.51 -23.47 31.06
CA GLN B 213 4.74 -24.70 31.10
C GLN B 213 3.38 -24.47 31.77
N VAL B 214 2.31 -24.70 31.01
CA VAL B 214 0.96 -24.52 31.54
C VAL B 214 0.65 -25.62 32.54
N THR B 215 0.38 -25.21 33.79
CA THR B 215 0.01 -26.15 34.85
C THR B 215 -1.45 -25.96 35.22
N LEU B 216 -2.08 -27.03 35.69
CA LEU B 216 -3.47 -27.01 36.13
C LEU B 216 -3.57 -27.46 37.59
N ASP B 217 -3.88 -26.52 38.48
CA ASP B 217 -3.98 -26.82 39.90
C ASP B 217 -5.41 -27.21 40.28
N ASP B 218 -6.30 -26.21 40.38
CA ASP B 218 -7.69 -26.45 40.72
C ASP B 218 -8.54 -26.57 39.45
N ALA B 219 -8.96 -27.79 39.13
CA ALA B 219 -9.72 -28.05 37.91
C ALA B 219 -11.10 -27.43 37.94
N ALA B 220 -11.73 -27.44 39.12
CA ALA B 220 -13.07 -26.89 39.28
C ALA B 220 -13.07 -25.38 39.14
N ALA B 221 -12.05 -24.74 39.71
CA ALA B 221 -11.92 -23.29 39.63
C ALA B 221 -11.65 -22.87 38.19
N ALA B 222 -10.84 -23.66 37.49
CA ALA B 222 -10.55 -23.41 36.08
C ALA B 222 -11.80 -23.55 35.23
N ASP B 223 -12.58 -24.59 35.52
CA ASP B 223 -13.81 -24.86 34.79
C ASP B 223 -14.75 -23.64 34.79
N GLU B 224 -14.84 -22.97 35.94
CA GLU B 224 -15.73 -21.83 36.06
C GLU B 224 -15.16 -20.62 35.33
N LEU B 225 -13.85 -20.41 35.44
CA LEU B 225 -13.21 -19.26 34.82
C LEU B 225 -13.32 -19.34 33.29
N PHE B 226 -13.14 -20.54 32.75
CA PHE B 226 -13.27 -20.74 31.31
C PHE B 226 -14.69 -20.41 30.86
N SER B 227 -15.67 -20.84 31.66
CA SER B 227 -17.07 -20.62 31.33
C SER B 227 -17.45 -19.14 31.43
N ILE B 228 -16.86 -18.45 32.41
CA ILE B 228 -17.14 -17.03 32.61
C ILE B 228 -16.55 -16.22 31.47
N LEU B 229 -15.28 -16.45 31.17
CA LEU B 229 -14.57 -15.65 30.17
C LEU B 229 -14.98 -16.02 28.75
N MET B 230 -15.15 -17.30 28.47
CA MET B 230 -15.33 -17.78 27.11
C MET B 230 -16.78 -18.14 26.80
N GLY B 231 -17.64 -18.14 27.81
CA GLY B 231 -19.02 -18.56 27.65
C GLY B 231 -19.91 -17.57 26.93
N GLU B 232 -21.18 -17.94 26.76
CA GLU B 232 -22.14 -17.12 26.03
C GLU B 232 -22.76 -16.03 26.91
N ASP B 233 -22.66 -16.19 28.23
CA ASP B 233 -23.18 -15.20 29.16
C ASP B 233 -22.30 -13.96 29.14
N VAL B 234 -22.78 -12.91 28.49
CA VAL B 234 -22.03 -11.66 28.40
C VAL B 234 -22.01 -10.97 29.76
N ASP B 235 -23.17 -10.94 30.40
CA ASP B 235 -23.34 -10.29 31.70
C ASP B 235 -22.28 -10.74 32.70
N ALA B 236 -22.09 -12.05 32.81
CA ALA B 236 -21.12 -12.61 33.73
C ALA B 236 -19.71 -12.17 33.37
N ARG B 237 -19.42 -12.14 32.08
CA ARG B 237 -18.11 -11.71 31.60
C ARG B 237 -17.90 -10.21 31.79
N ARG B 238 -18.94 -9.42 31.55
CA ARG B 238 -18.85 -7.96 31.68
C ARG B 238 -18.57 -7.56 33.12
N SER B 239 -19.23 -8.21 34.07
CA SER B 239 -19.03 -7.89 35.47
C SER B 239 -17.67 -8.38 35.95
N PHE B 240 -17.21 -9.48 35.37
CA PHE B 240 -15.91 -10.05 35.73
C PHE B 240 -14.76 -9.18 35.27
N ILE B 241 -14.87 -8.63 34.07
CA ILE B 241 -13.81 -7.78 33.52
C ILE B 241 -13.74 -6.47 34.30
N THR B 242 -14.90 -5.89 34.60
CA THR B 242 -14.95 -4.64 35.36
C THR B 242 -14.48 -4.87 36.79
N ARG B 243 -14.69 -6.08 37.30
CA ARG B 243 -14.33 -6.42 38.67
C ARG B 243 -12.83 -6.69 38.81
N ASN B 244 -12.22 -7.32 37.81
CA ASN B 244 -10.87 -7.86 37.94
C ASN B 244 -9.81 -7.19 37.08
N ALA B 245 -10.23 -6.38 36.10
CA ALA B 245 -9.28 -5.68 35.25
C ALA B 245 -8.53 -4.65 36.07
N LYS B 246 -9.18 -4.17 37.12
CA LYS B 246 -8.63 -3.16 38.01
C LYS B 246 -7.37 -3.66 38.72
N ASP B 247 -7.20 -4.98 38.77
CA ASP B 247 -6.14 -5.59 39.58
C ASP B 247 -5.27 -6.62 38.83
N VAL B 248 -5.22 -6.55 37.50
CA VAL B 248 -4.41 -7.51 36.74
C VAL B 248 -2.92 -7.32 36.97
N ARG B 249 -2.50 -6.08 37.15
CA ARG B 249 -1.09 -5.76 37.35
C ARG B 249 -0.51 -6.42 38.60
N PHE B 250 -1.39 -6.77 39.54
CA PHE B 250 -0.97 -7.20 40.87
C PHE B 250 -1.24 -8.68 41.12
N LEU B 251 -1.32 -9.46 40.05
CA LEU B 251 -1.57 -10.89 40.17
C LEU B 251 -0.34 -11.66 40.64
N ASP B 252 0.85 -11.12 40.36
CA ASP B 252 2.11 -11.79 40.67
C ASP B 252 2.94 -11.03 41.71
N VAL B 253 2.39 -9.95 42.24
CA VAL B 253 3.10 -9.15 43.23
C VAL B 253 3.23 -9.93 44.55
N ILE C 14 -22.24 5.64 -35.33
CA ILE C 14 -21.32 4.55 -35.04
C ILE C 14 -20.31 4.38 -36.18
N GLU C 15 -19.03 4.46 -35.85
CA GLU C 15 -17.97 4.33 -36.85
C GLU C 15 -17.68 2.86 -37.10
N PRO C 16 -17.43 2.49 -38.37
CA PRO C 16 -17.03 1.10 -38.64
C PRO C 16 -15.52 0.93 -38.63
N VAL C 17 -15.06 -0.23 -38.16
CA VAL C 17 -13.64 -0.55 -38.17
C VAL C 17 -13.46 -2.00 -38.62
N ASP C 18 -12.51 -2.22 -39.53
CA ASP C 18 -12.27 -3.55 -40.05
C ASP C 18 -11.46 -4.34 -39.04
N ILE C 19 -11.77 -5.62 -38.91
CA ILE C 19 -11.17 -6.46 -37.88
C ILE C 19 -9.67 -6.60 -38.08
N GLU C 20 -9.22 -6.53 -39.33
CA GLU C 20 -7.79 -6.62 -39.64
C GLU C 20 -7.02 -5.39 -39.15
N GLN C 21 -7.58 -4.21 -39.40
CA GLN C 21 -6.96 -2.96 -38.97
C GLN C 21 -6.87 -2.91 -37.44
N GLU C 22 -7.93 -3.37 -36.79
CA GLU C 22 -8.00 -3.35 -35.33
C GLU C 22 -7.02 -4.32 -34.69
N MET C 23 -7.03 -5.56 -35.17
CA MET C 23 -6.15 -6.59 -34.65
C MET C 23 -4.68 -6.23 -34.80
N GLN C 24 -4.33 -5.73 -35.96
CA GLN C 24 -2.93 -5.37 -36.24
C GLN C 24 -2.48 -4.23 -35.35
N ARG C 25 -3.27 -3.17 -35.30
CA ARG C 25 -2.89 -1.98 -34.54
C ARG C 25 -2.83 -2.30 -33.05
N SER C 26 -3.83 -3.02 -32.55
CA SER C 26 -3.92 -3.33 -31.13
C SER C 26 -2.81 -4.27 -30.67
N TYR C 27 -2.56 -5.34 -31.42
CA TYR C 27 -1.56 -6.33 -31.00
C TYR C 27 -0.13 -5.80 -31.13
N ILE C 28 0.11 -5.01 -32.17
CA ILE C 28 1.44 -4.40 -32.33
C ILE C 28 1.71 -3.42 -31.19
N ASP C 29 0.71 -2.63 -30.81
CA ASP C 29 0.87 -1.67 -29.72
C ASP C 29 1.20 -2.39 -28.41
N TYR C 30 0.58 -3.54 -28.20
CA TYR C 30 0.84 -4.31 -26.99
C TYR C 30 2.25 -4.89 -27.02
N ALA C 31 2.59 -5.54 -28.13
CA ALA C 31 3.89 -6.18 -28.27
C ALA C 31 5.04 -5.19 -28.11
N MET C 32 4.91 -4.02 -28.71
CA MET C 32 5.98 -3.03 -28.66
C MET C 32 6.18 -2.46 -27.26
N SER C 33 5.07 -2.24 -26.54
CA SER C 33 5.15 -1.72 -25.18
C SER C 33 5.74 -2.75 -24.23
N VAL C 34 5.32 -4.00 -24.41
CA VAL C 34 5.87 -5.10 -23.63
C VAL C 34 7.37 -5.25 -23.88
N ILE C 35 7.76 -5.17 -25.14
CA ILE C 35 9.16 -5.32 -25.54
C ILE C 35 10.05 -4.23 -24.96
N VAL C 36 9.65 -2.98 -25.18
CA VAL C 36 10.48 -1.84 -24.82
C VAL C 36 10.22 -1.36 -23.40
N GLY C 37 8.99 -1.55 -22.92
CA GLY C 37 8.56 -0.98 -21.66
C GLY C 37 7.92 -1.93 -20.66
N ARG C 38 8.43 -3.16 -20.56
CA ARG C 38 7.98 -4.08 -19.53
C ARG C 38 8.94 -5.22 -19.24
N ALA C 39 9.16 -6.07 -20.23
CA ALA C 39 9.77 -7.37 -20.00
C ALA C 39 11.29 -7.38 -20.19
N LEU C 40 11.83 -6.45 -20.95
CA LEU C 40 13.24 -6.49 -21.32
C LEU C 40 14.07 -5.36 -20.69
N PRO C 41 15.32 -5.66 -20.32
CA PRO C 41 16.19 -4.67 -19.65
C PRO C 41 16.83 -3.66 -20.60
N GLU C 42 16.90 -2.41 -20.17
CA GLU C 42 17.71 -1.39 -20.83
C GLU C 42 19.19 -1.79 -20.67
N VAL C 43 19.95 -1.67 -21.75
CA VAL C 43 21.34 -2.14 -21.75
C VAL C 43 22.26 -1.34 -20.83
N ARG C 44 21.91 -0.07 -20.62
CA ARG C 44 22.78 0.84 -19.88
C ARG C 44 22.79 0.61 -18.36
N ASP C 45 21.64 0.25 -17.79
CA ASP C 45 21.54 0.00 -16.36
C ASP C 45 20.97 -1.39 -16.05
N GLY C 46 20.58 -2.12 -17.10
CA GLY C 46 20.09 -3.48 -16.93
C GLY C 46 18.78 -3.62 -16.19
N LEU C 47 17.99 -2.55 -16.18
CA LEU C 47 16.71 -2.54 -15.44
C LEU C 47 15.49 -2.54 -16.34
N LYS C 48 14.43 -3.22 -15.89
CA LYS C 48 13.12 -3.10 -16.48
C LYS C 48 12.42 -1.91 -15.81
N PRO C 49 11.37 -1.37 -16.46
CA PRO C 49 10.68 -0.19 -15.92
C PRO C 49 10.26 -0.34 -14.46
N VAL C 50 9.74 -1.51 -14.08
CA VAL C 50 9.28 -1.72 -12.71
C VAL C 50 10.45 -1.64 -11.72
N HIS C 51 11.58 -2.23 -12.09
CA HIS C 51 12.77 -2.17 -11.25
C HIS C 51 13.21 -0.72 -11.05
N ARG C 52 13.37 -0.01 -12.15
CA ARG C 52 13.85 1.36 -12.13
C ARG C 52 12.93 2.28 -11.32
N ARG C 53 11.64 2.03 -11.40
CA ARG C 53 10.66 2.89 -10.75
C ARG C 53 10.56 2.61 -9.25
N VAL C 54 10.69 1.35 -8.86
CA VAL C 54 10.77 1.01 -7.45
C VAL C 54 11.98 1.69 -6.82
N LEU C 55 13.14 1.50 -7.44
CA LEU C 55 14.39 2.00 -6.87
C LEU C 55 14.39 3.52 -6.75
N TYR C 56 13.87 4.22 -7.76
CA TYR C 56 13.83 5.67 -7.68
C TYR C 56 12.83 6.13 -6.63
N ALA C 57 11.70 5.43 -6.53
CA ALA C 57 10.69 5.77 -5.54
C ALA C 57 11.26 5.65 -4.14
N MET C 58 11.94 4.54 -3.86
CA MET C 58 12.55 4.32 -2.56
C MET C 58 13.63 5.38 -2.32
N PHE C 59 14.40 5.65 -3.35
CA PHE C 59 15.47 6.64 -3.28
C PHE C 59 14.93 8.02 -2.94
N ASP C 60 13.90 8.44 -3.65
CA ASP C 60 13.31 9.76 -3.46
C ASP C 60 12.60 9.84 -2.10
N SER C 61 12.15 8.69 -1.60
CA SER C 61 11.47 8.62 -0.32
C SER C 61 12.44 8.64 0.86
N GLY C 62 13.73 8.54 0.57
CA GLY C 62 14.74 8.55 1.60
C GLY C 62 14.97 7.18 2.22
N PHE C 63 14.38 6.15 1.63
CA PHE C 63 14.52 4.79 2.15
C PHE C 63 15.90 4.25 1.81
N ARG C 64 16.90 4.84 2.45
CA ARG C 64 18.30 4.58 2.12
C ARG C 64 18.98 3.84 3.26
N PRO C 65 20.16 3.25 3.01
CA PRO C 65 20.85 2.48 4.06
C PRO C 65 21.27 3.30 5.28
N ASP C 66 21.29 4.63 5.17
CA ASP C 66 21.70 5.46 6.31
C ASP C 66 20.53 5.78 7.22
N ARG C 67 19.41 5.09 7.01
CA ARG C 67 18.23 5.23 7.84
C ARG C 67 17.57 3.86 7.95
N SER C 68 16.77 3.66 8.99
CA SER C 68 16.19 2.35 9.26
C SER C 68 15.21 1.94 8.17
N HIS C 69 14.97 0.64 8.06
CA HIS C 69 14.04 0.11 7.07
C HIS C 69 12.65 0.72 7.24
N ALA C 70 12.11 1.24 6.14
CA ALA C 70 10.73 1.69 6.11
C ALA C 70 9.84 0.49 5.81
N LYS C 71 8.58 0.54 6.23
CA LYS C 71 7.64 -0.51 5.88
C LYS C 71 7.55 -0.61 4.38
N SER C 72 7.69 -1.83 3.86
CA SER C 72 7.79 -2.03 2.41
C SER C 72 6.51 -1.59 1.70
N ALA C 73 5.42 -1.54 2.45
CA ALA C 73 4.15 -1.07 1.91
C ALA C 73 4.27 0.36 1.42
N ARG C 74 5.09 1.16 2.12
CA ARG C 74 5.30 2.55 1.75
C ARG C 74 6.08 2.69 0.44
N SER C 75 6.93 1.71 0.13
CA SER C 75 7.69 1.72 -1.11
C SER C 75 6.79 1.36 -2.28
N VAL C 76 5.97 0.33 -2.09
CA VAL C 76 5.00 -0.09 -3.10
C VAL C 76 4.03 1.04 -3.41
N ALA C 77 3.44 1.62 -2.37
CA ALA C 77 2.46 2.68 -2.52
C ALA C 77 3.05 3.91 -3.21
N GLU C 78 4.28 4.25 -2.85
CA GLU C 78 4.94 5.41 -3.44
C GLU C 78 5.23 5.17 -4.92
N THR C 79 5.59 3.94 -5.26
CA THR C 79 5.84 3.56 -6.64
C THR C 79 4.55 3.65 -7.43
N MET C 80 3.49 3.06 -6.88
CA MET C 80 2.18 3.05 -7.51
C MET C 80 1.63 4.45 -7.77
N GLY C 81 1.81 5.33 -6.80
CA GLY C 81 1.17 6.63 -6.82
C GLY C 81 1.80 7.65 -7.75
N ASN C 82 3.07 7.45 -8.07
CA ASN C 82 3.83 8.46 -8.81
C ASN C 82 4.43 7.98 -10.13
N TYR C 83 4.74 6.68 -10.23
CA TYR C 83 5.55 6.19 -11.34
C TYR C 83 4.98 4.98 -12.08
N HIS C 84 4.51 3.98 -11.34
CA HIS C 84 4.13 2.70 -11.94
C HIS C 84 2.61 2.46 -11.83
N PRO C 85 1.85 2.84 -12.87
CA PRO C 85 0.40 2.73 -12.78
C PRO C 85 -0.10 1.30 -12.95
N HIS C 86 0.22 0.45 -11.97
CA HIS C 86 -0.19 -0.95 -12.01
C HIS C 86 -0.48 -1.46 -10.59
N GLY C 87 -0.66 -2.77 -10.45
CA GLY C 87 -1.13 -3.34 -9.21
C GLY C 87 -0.08 -3.41 -8.10
N ASP C 88 -0.54 -3.22 -6.87
CA ASP C 88 0.34 -3.27 -5.70
C ASP C 88 0.90 -4.67 -5.48
N SER C 89 0.13 -5.69 -5.86
CA SER C 89 0.53 -7.07 -5.64
C SER C 89 1.78 -7.44 -6.43
N SER C 90 1.76 -7.26 -7.74
CA SER C 90 2.87 -7.66 -8.59
C SER C 90 4.08 -6.74 -8.40
N ILE C 91 3.83 -5.50 -7.98
CA ILE C 91 4.93 -4.57 -7.68
C ILE C 91 5.66 -5.04 -6.43
N TYR C 92 4.93 -5.55 -5.46
CA TYR C 92 5.56 -6.08 -4.26
C TYR C 92 6.43 -7.28 -4.61
N ASP C 93 5.95 -8.13 -5.50
CA ASP C 93 6.73 -9.29 -5.96
C ASP C 93 8.05 -8.87 -6.56
N SER C 94 8.04 -7.81 -7.36
CA SER C 94 9.25 -7.32 -8.01
C SER C 94 10.22 -6.78 -6.98
N LEU C 95 9.69 -6.11 -5.95
CA LEU C 95 10.53 -5.58 -4.88
C LEU C 95 11.14 -6.71 -4.06
N VAL C 96 10.33 -7.72 -3.76
CA VAL C 96 10.80 -8.85 -2.97
C VAL C 96 11.95 -9.55 -3.69
N ARG C 97 11.79 -9.78 -4.99
CA ARG C 97 12.83 -10.42 -5.77
C ARG C 97 14.17 -9.69 -5.69
N MET C 98 14.12 -8.36 -5.76
CA MET C 98 15.33 -7.56 -5.72
C MET C 98 16.01 -7.60 -4.35
N ALA C 99 15.39 -8.31 -3.40
CA ALA C 99 15.91 -8.40 -2.04
C ALA C 99 16.37 -9.81 -1.67
N GLN C 100 16.20 -10.77 -2.59
CA GLN C 100 16.55 -12.16 -2.33
C GLN C 100 17.97 -12.50 -2.78
N PRO C 101 18.82 -13.00 -1.84
CA PRO C 101 20.21 -13.27 -2.23
C PRO C 101 20.39 -14.44 -3.19
N TRP C 102 19.37 -15.27 -3.37
CA TRP C 102 19.46 -16.42 -4.28
C TRP C 102 18.92 -16.09 -5.67
N SER C 103 18.29 -14.92 -5.79
CA SER C 103 17.77 -14.45 -7.07
C SER C 103 18.75 -13.49 -7.72
N LEU C 104 19.08 -12.40 -7.02
CA LEU C 104 20.07 -11.45 -7.49
C LEU C 104 21.46 -11.75 -6.96
N ARG C 105 22.43 -11.77 -7.87
CA ARG C 105 23.84 -11.93 -7.50
C ARG C 105 24.29 -10.77 -6.64
N TYR C 106 23.69 -9.60 -6.87
CA TYR C 106 23.97 -8.41 -6.08
C TYR C 106 22.66 -7.71 -5.73
N PRO C 107 22.04 -8.11 -4.61
CA PRO C 107 20.73 -7.56 -4.21
C PRO C 107 20.71 -6.03 -4.20
N LEU C 108 19.62 -5.45 -4.70
CA LEU C 108 19.46 -4.01 -4.74
C LEU C 108 18.55 -3.50 -3.62
N VAL C 109 17.87 -4.43 -2.96
CA VAL C 109 16.97 -4.08 -1.86
C VAL C 109 17.40 -4.82 -0.60
N ASP C 110 17.51 -4.06 0.50
CA ASP C 110 17.82 -4.64 1.80
C ASP C 110 16.51 -4.99 2.50
N GLY C 111 16.18 -6.28 2.49
CA GLY C 111 14.94 -6.74 3.09
C GLY C 111 15.09 -7.04 4.57
N GLN C 112 14.05 -6.68 5.32
CA GLN C 112 13.97 -7.02 6.73
C GLN C 112 12.67 -7.79 6.97
N GLY C 113 12.81 -9.03 7.43
CA GLY C 113 11.69 -9.91 7.67
C GLY C 113 11.77 -11.14 6.79
N ASN C 114 10.63 -11.79 6.58
CA ASN C 114 10.57 -13.01 5.78
C ASN C 114 10.36 -12.72 4.30
N PHE C 115 11.41 -12.89 3.51
CA PHE C 115 11.35 -12.69 2.07
C PHE C 115 11.38 -14.02 1.30
N GLY C 116 10.98 -15.09 1.97
CA GLY C 116 10.85 -16.38 1.32
C GLY C 116 12.14 -17.19 1.37
N SER C 117 12.19 -18.24 0.55
CA SER C 117 13.36 -19.11 0.49
C SER C 117 13.58 -19.61 -0.93
N PRO C 118 14.72 -20.28 -1.18
CA PRO C 118 14.96 -20.89 -2.49
C PRO C 118 13.98 -22.02 -2.82
N GLY C 119 13.18 -22.42 -1.83
CA GLY C 119 12.18 -23.44 -2.03
C GLY C 119 10.80 -22.86 -2.28
N ASN C 120 9.78 -23.59 -1.85
CA ASN C 120 8.39 -23.19 -2.07
C ASN C 120 7.83 -22.33 -0.95
N ASP C 121 8.67 -21.99 0.03
CA ASP C 121 8.24 -21.10 1.10
C ASP C 121 8.02 -19.69 0.54
N PRO C 122 6.74 -19.26 0.43
CA PRO C 122 6.53 -17.94 -0.17
C PRO C 122 6.94 -16.82 0.77
N PRO C 123 7.27 -15.64 0.22
CA PRO C 123 7.62 -14.51 1.09
C PRO C 123 6.45 -14.05 1.95
N ALA C 124 6.74 -13.39 3.05
CA ALA C 124 5.70 -12.84 3.90
C ALA C 124 4.96 -11.73 3.16
N ALA C 125 3.74 -11.44 3.63
CA ALA C 125 2.94 -10.40 3.01
C ALA C 125 3.58 -9.03 3.20
N MET C 126 3.11 -8.08 2.39
CA MET C 126 3.61 -6.72 2.39
C MET C 126 3.61 -6.09 3.79
N ARG C 127 2.60 -6.43 4.58
CA ARG C 127 2.40 -5.81 5.89
C ARG C 127 3.50 -6.19 6.89
N THR C 129 6.78 -7.11 6.19
CA THR C 129 8.16 -6.86 5.81
C THR C 129 8.51 -5.38 5.76
N GLU C 130 9.80 -5.10 5.95
CA GLU C 130 10.34 -3.75 5.78
C GLU C 130 11.43 -3.83 4.72
N ALA C 131 11.82 -2.69 4.17
CA ALA C 131 12.81 -2.67 3.10
C ALA C 131 13.44 -1.30 2.92
N ARG C 132 14.66 -1.31 2.37
CA ARG C 132 15.34 -0.10 1.99
C ARG C 132 16.34 -0.44 0.90
N LEU C 133 16.94 0.58 0.30
CA LEU C 133 17.94 0.36 -0.73
C LEU C 133 19.23 -0.17 -0.11
N THR C 134 19.96 -0.97 -0.88
CA THR C 134 21.28 -1.45 -0.48
C THR C 134 22.34 -0.47 -0.93
N PRO C 135 23.53 -0.52 -0.31
CA PRO C 135 24.64 0.36 -0.70
C PRO C 135 24.97 0.32 -2.19
N LEU C 136 24.90 -0.86 -2.81
CA LEU C 136 25.16 -0.96 -4.25
C LEU C 136 24.06 -0.29 -5.06
N ALA C 137 22.83 -0.36 -4.57
CA ALA C 137 21.71 0.29 -5.23
C ALA C 137 21.88 1.80 -5.14
N MET C 138 22.61 2.25 -4.13
CA MET C 138 22.90 3.67 -3.97
C MET C 138 23.89 4.12 -5.04
N GLU C 139 24.67 3.18 -5.56
CA GLU C 139 25.58 3.45 -6.67
C GLU C 139 24.83 3.46 -7.99
N MET C 140 23.71 2.75 -8.04
CA MET C 140 22.85 2.79 -9.23
C MET C 140 22.31 4.19 -9.44
N LEU C 141 22.09 4.89 -8.33
CA LEU C 141 21.41 6.18 -8.34
C LEU C 141 22.36 7.35 -8.04
N ARG C 142 23.65 7.05 -7.97
CA ARG C 142 24.65 8.04 -7.59
C ARG C 142 24.63 9.27 -8.48
N GLU C 143 24.36 10.42 -7.87
CA GLU C 143 24.41 11.71 -8.55
C GLU C 143 23.38 11.79 -9.67
N ILE C 144 22.25 11.14 -9.47
CA ILE C 144 21.14 11.21 -10.40
C ILE C 144 20.56 12.63 -10.37
N ASP C 145 20.82 13.32 -9.27
CA ASP C 145 20.30 14.68 -9.06
C ASP C 145 21.19 15.75 -9.69
N GLU C 146 22.17 15.33 -10.48
CA GLU C 146 23.06 16.26 -11.15
C GLU C 146 22.90 16.18 -12.67
N GLU C 147 21.67 15.93 -13.11
CA GLU C 147 21.34 15.92 -14.53
C GLU C 147 22.21 14.93 -15.30
N THR C 148 22.49 13.80 -14.67
CA THR C 148 23.34 12.77 -15.27
C THR C 148 22.54 11.87 -16.20
N VAL C 149 21.21 11.94 -16.10
CA VAL C 149 20.33 11.15 -16.95
C VAL C 149 19.10 11.96 -17.34
N ASP C 150 18.51 11.63 -18.48
CA ASP C 150 17.29 12.29 -18.93
C ASP C 150 16.10 11.87 -18.07
N PHE C 151 15.30 12.86 -17.69
CA PHE C 151 14.04 12.63 -16.98
C PHE C 151 12.88 12.93 -17.91
N ILE C 152 11.77 12.24 -17.72
CA ILE C 152 10.55 12.51 -18.46
C ILE C 152 9.37 12.59 -17.49
N PRO C 153 8.28 13.24 -17.89
CA PRO C 153 7.10 13.25 -17.01
C PRO C 153 6.56 11.85 -16.80
N ASN C 154 5.97 11.62 -15.62
CA ASN C 154 5.41 10.32 -15.28
C ASN C 154 4.13 10.05 -16.06
N TYR C 155 3.34 9.09 -15.60
CA TYR C 155 2.18 8.65 -16.37
C TYR C 155 1.05 9.68 -16.40
N ASP C 156 1.07 10.65 -15.49
CA ASP C 156 0.05 11.71 -15.47
C ASP C 156 0.64 13.12 -15.39
N GLY C 157 1.94 13.24 -15.66
CA GLY C 157 2.57 14.55 -15.75
C GLY C 157 2.69 15.30 -14.43
N ARG C 158 2.31 14.66 -13.34
CA ARG C 158 2.41 15.28 -12.02
C ARG C 158 3.86 15.49 -11.62
N VAL C 159 4.70 14.49 -11.87
CA VAL C 159 6.10 14.52 -11.45
C VAL C 159 7.02 13.91 -12.52
N GLN C 160 8.32 14.11 -12.33
CA GLN C 160 9.32 13.59 -13.24
C GLN C 160 9.85 12.24 -12.77
N GLU C 161 10.21 11.38 -13.73
CA GLU C 161 10.87 10.12 -13.43
C GLU C 161 12.06 9.95 -14.36
N PRO C 162 13.09 9.21 -13.91
CA PRO C 162 14.28 8.99 -14.73
C PRO C 162 14.06 7.96 -15.83
N THR C 163 14.60 8.23 -17.02
CA THR C 163 14.52 7.29 -18.13
C THR C 163 15.52 6.14 -17.94
N VAL C 164 16.62 6.44 -17.27
CA VAL C 164 17.63 5.44 -16.98
C VAL C 164 18.41 5.91 -15.76
N LEU C 165 19.01 4.97 -15.02
CA LEU C 165 19.78 5.33 -13.83
C LEU C 165 21.27 5.49 -14.17
N PRO C 166 21.99 6.31 -13.39
CA PRO C 166 23.44 6.48 -13.58
C PRO C 166 24.18 5.14 -13.63
N SER C 167 23.75 4.20 -12.79
CA SER C 167 24.28 2.83 -12.82
C SER C 167 25.80 2.80 -12.81
N ARG C 168 26.40 3.19 -11.69
CA ARG C 168 27.84 3.32 -11.60
C ARG C 168 28.54 1.97 -11.38
N PHE C 169 27.83 0.89 -11.68
CA PHE C 169 28.44 -0.42 -11.81
C PHE C 169 27.63 -1.22 -12.83
N PRO C 170 28.29 -2.05 -13.64
CA PRO C 170 27.61 -2.71 -14.77
C PRO C 170 26.55 -3.71 -14.29
N ASN C 171 25.34 -3.20 -14.03
CA ASN C 171 24.30 -3.98 -13.37
C ASN C 171 23.71 -5.07 -14.25
N LEU C 172 23.58 -4.80 -15.54
CA LEU C 172 22.98 -5.78 -16.45
C LEU C 172 23.75 -7.08 -16.43
N LEU C 173 25.07 -6.98 -16.54
CA LEU C 173 25.93 -8.17 -16.55
C LEU C 173 26.08 -8.76 -15.15
N ALA C 174 26.09 -7.91 -14.13
CA ALA C 174 26.30 -8.36 -12.76
C ALA C 174 25.12 -9.20 -12.27
N ASN C 175 23.93 -8.61 -12.30
CA ASN C 175 22.73 -9.27 -11.79
C ASN C 175 21.96 -10.03 -12.85
N GLY C 176 22.31 -9.83 -14.10
CA GLY C 176 21.64 -10.52 -15.19
C GLY C 176 20.21 -10.06 -15.37
N SER C 177 19.47 -10.76 -16.23
CA SER C 177 18.06 -10.45 -16.45
C SER C 177 17.36 -11.57 -17.21
N GLY C 178 16.11 -11.81 -16.85
CA GLY C 178 15.27 -12.77 -17.56
C GLY C 178 13.89 -12.20 -17.76
N GLY C 179 13.37 -12.31 -18.99
CA GLY C 179 12.07 -11.75 -19.31
C GLY C 179 11.44 -12.34 -20.55
N ILE C 180 10.14 -12.56 -20.48
CA ILE C 180 9.36 -13.05 -21.61
C ILE C 180 8.55 -11.90 -22.20
N ALA C 181 8.86 -11.53 -23.44
CA ALA C 181 8.18 -10.45 -24.12
C ALA C 181 7.24 -11.02 -25.19
N VAL C 182 7.10 -10.31 -26.30
CA VAL C 182 6.29 -10.79 -27.42
C VAL C 182 7.19 -10.95 -28.64
N GLY C 183 7.20 -12.14 -29.22
CA GLY C 183 8.06 -12.45 -30.33
C GLY C 183 9.50 -12.72 -29.91
N MET C 184 9.83 -12.46 -28.66
CA MET C 184 11.19 -12.65 -28.16
C MET C 184 11.24 -12.69 -26.64
N ALA C 185 12.38 -13.13 -26.12
CA ALA C 185 12.61 -13.20 -24.69
C ALA C 185 14.10 -13.07 -24.40
N THR C 186 14.44 -12.64 -23.19
CA THR C 186 15.83 -12.46 -22.80
C THR C 186 16.18 -13.41 -21.67
N ASN C 187 17.47 -13.74 -21.56
CA ASN C 187 17.96 -14.56 -20.46
C ASN C 187 19.46 -14.36 -20.27
N ILE C 188 19.82 -13.29 -19.55
CA ILE C 188 21.21 -12.94 -19.31
C ILE C 188 21.65 -13.43 -17.93
N PRO C 189 22.72 -14.24 -17.87
CA PRO C 189 23.13 -14.75 -16.56
C PRO C 189 23.88 -13.70 -15.75
N PRO C 190 23.92 -13.86 -14.42
CA PRO C 190 24.68 -12.92 -13.59
C PRO C 190 26.18 -13.19 -13.69
N HIS C 191 26.99 -12.18 -13.35
CA HIS C 191 28.44 -12.29 -13.44
C HIS C 191 29.10 -11.70 -12.19
N ASN C 192 30.34 -12.09 -11.97
CA ASN C 192 31.12 -11.57 -10.85
C ASN C 192 31.56 -10.14 -11.10
N LEU C 193 31.27 -9.26 -10.14
CA LEU C 193 31.56 -7.83 -10.30
C LEU C 193 33.04 -7.54 -10.60
N ARG C 194 33.94 -8.22 -9.90
CA ARG C 194 35.37 -7.97 -10.07
C ARG C 194 35.85 -8.32 -11.47
N GLU C 195 35.27 -9.36 -12.06
CA GLU C 195 35.68 -9.78 -13.40
C GLU C 195 35.16 -8.78 -14.42
N LEU C 196 33.94 -8.29 -14.19
CA LEU C 196 33.34 -7.29 -15.07
C LEU C 196 34.14 -6.00 -15.01
N ALA C 197 34.59 -5.65 -13.82
CA ALA C 197 35.35 -4.42 -13.61
C ALA C 197 36.64 -4.46 -14.43
N ASP C 198 37.29 -5.62 -14.45
CA ASP C 198 38.50 -5.81 -15.23
C ASP C 198 38.23 -5.57 -16.71
N ALA C 199 37.10 -6.08 -17.19
CA ALA C 199 36.71 -5.93 -18.58
C ALA C 199 36.51 -4.45 -18.90
N VAL C 200 35.87 -3.72 -17.99
CA VAL C 200 35.64 -2.29 -18.17
C VAL C 200 36.96 -1.52 -18.15
N PHE C 201 37.85 -1.88 -17.23
CA PHE C 201 39.14 -1.23 -17.11
C PHE C 201 39.92 -1.36 -18.41
N TRP C 202 39.82 -2.53 -19.04
CA TRP C 202 40.50 -2.77 -20.31
C TRP C 202 39.87 -1.92 -21.41
N ALA C 203 38.53 -1.90 -21.42
CA ALA C 203 37.78 -1.15 -22.42
C ALA C 203 38.08 0.35 -22.34
N LEU C 204 38.38 0.84 -21.14
CA LEU C 204 38.71 2.26 -20.96
C LEU C 204 40.12 2.57 -21.45
N GLU C 205 41.07 1.70 -21.14
CA GLU C 205 42.45 1.87 -21.55
C GLU C 205 42.57 1.73 -23.06
N ASN C 206 41.96 0.67 -23.59
CA ASN C 206 41.96 0.40 -25.02
C ASN C 206 40.68 0.90 -25.68
N HIS C 207 40.45 2.22 -25.62
CA HIS C 207 39.22 2.81 -26.12
C HIS C 207 39.16 2.85 -27.65
N ASP C 208 40.30 2.63 -28.30
CA ASP C 208 40.36 2.65 -29.76
C ASP C 208 40.31 1.24 -30.37
N ALA C 209 40.43 0.23 -29.53
CA ALA C 209 40.44 -1.16 -30.00
C ALA C 209 39.17 -1.49 -30.76
N ASP C 210 39.31 -2.26 -31.83
CA ASP C 210 38.16 -2.69 -32.63
C ASP C 210 37.40 -3.79 -31.90
N GLU C 211 36.27 -4.19 -32.47
CA GLU C 211 35.41 -5.20 -31.87
C GLU C 211 36.11 -6.55 -31.78
N GLU C 212 36.95 -6.83 -32.77
CA GLU C 212 37.64 -8.12 -32.85
C GLU C 212 38.61 -8.30 -31.67
N GLU C 213 39.36 -7.25 -31.38
CA GLU C 213 40.33 -7.27 -30.28
C GLU C 213 39.62 -7.19 -28.94
N THR C 214 38.60 -6.35 -28.86
CA THR C 214 37.88 -6.09 -27.62
C THR C 214 37.21 -7.34 -27.11
N LEU C 215 36.56 -8.07 -28.00
CA LEU C 215 35.87 -9.31 -27.62
C LEU C 215 36.86 -10.33 -27.06
N ALA C 216 38.04 -10.39 -27.65
CA ALA C 216 39.07 -11.33 -27.19
C ALA C 216 39.54 -10.97 -25.78
N ALA C 217 39.71 -9.67 -25.53
CA ALA C 217 40.19 -9.20 -24.25
C ALA C 217 39.15 -9.39 -23.14
N VAL C 218 37.91 -8.99 -23.43
CA VAL C 218 36.85 -9.04 -22.45
C VAL C 218 36.52 -10.49 -22.07
N MET C 219 36.62 -11.40 -23.02
CA MET C 219 36.34 -12.81 -22.76
C MET C 219 37.42 -13.42 -21.87
N GLY C 220 38.63 -12.87 -21.95
CA GLY C 220 39.73 -13.34 -21.13
C GLY C 220 39.57 -12.96 -19.67
N ARG C 221 38.84 -11.87 -19.42
CA ARG C 221 38.66 -11.37 -18.06
C ARG C 221 37.35 -11.82 -17.43
N VAL C 222 36.28 -11.84 -18.22
CA VAL C 222 35.02 -12.43 -17.79
C VAL C 222 35.08 -13.93 -18.08
N LYS C 223 35.43 -14.70 -17.06
CA LYS C 223 35.64 -16.13 -17.24
C LYS C 223 34.33 -16.88 -17.48
N GLY C 224 33.23 -16.26 -17.07
CA GLY C 224 31.92 -16.85 -17.25
C GLY C 224 30.93 -16.30 -16.24
N PRO C 225 29.67 -16.73 -16.34
CA PRO C 225 28.65 -16.28 -15.38
C PRO C 225 29.00 -16.68 -13.96
N ASP C 226 28.55 -15.90 -12.98
CA ASP C 226 28.77 -16.20 -11.57
C ASP C 226 27.43 -16.15 -10.84
N PHE C 227 26.87 -17.33 -10.58
CA PHE C 227 25.53 -17.43 -10.03
C PHE C 227 25.53 -17.24 -8.51
N PRO C 228 24.49 -16.57 -7.98
CA PRO C 228 24.38 -16.38 -6.53
C PRO C 228 24.27 -17.70 -5.77
N THR C 229 23.86 -18.76 -6.47
CA THR C 229 23.66 -20.07 -5.86
C THR C 229 24.90 -20.95 -5.98
N ALA C 230 26.03 -20.35 -6.30
CA ALA C 230 27.31 -21.07 -6.44
C ALA C 230 27.20 -22.17 -7.50
N GLY C 231 27.51 -23.40 -7.13
CA GLY C 231 27.41 -24.52 -8.05
C GLY C 231 28.61 -24.63 -8.95
N LEU C 232 28.43 -25.29 -10.10
CA LEU C 232 29.51 -25.54 -11.04
C LEU C 232 29.10 -25.18 -12.46
N ILE C 233 30.06 -24.75 -13.26
CA ILE C 233 29.88 -24.61 -14.70
C ILE C 233 30.76 -25.65 -15.41
N VAL C 234 30.13 -26.56 -16.13
CA VAL C 234 30.84 -27.60 -16.85
C VAL C 234 31.01 -27.24 -18.31
N GLY C 235 32.26 -27.21 -18.78
CA GLY C 235 32.55 -26.89 -20.16
C GLY C 235 32.76 -25.40 -20.37
N SER C 236 33.24 -25.05 -21.55
CA SER C 236 33.54 -23.66 -21.88
C SER C 236 32.94 -23.23 -23.22
N GLN C 237 32.43 -24.20 -23.97
CA GLN C 237 31.84 -23.93 -25.29
C GLN C 237 30.61 -23.04 -25.18
N GLY C 238 29.67 -23.42 -24.32
CA GLY C 238 28.42 -22.69 -24.18
C GLY C 238 28.63 -21.25 -23.74
N THR C 239 29.56 -21.06 -22.81
CA THR C 239 29.90 -19.72 -22.32
C THR C 239 30.49 -18.89 -23.47
N ALA C 240 31.36 -19.51 -24.24
CA ALA C 240 32.01 -18.84 -25.37
C ALA C 240 31.00 -18.46 -26.43
N ASP C 241 30.03 -19.34 -26.68
CA ASP C 241 28.98 -19.07 -27.65
C ASP C 241 28.18 -17.83 -27.27
N ALA C 242 27.75 -17.78 -26.01
CA ALA C 242 26.94 -16.68 -25.52
C ALA C 242 27.62 -15.33 -25.74
N TYR C 243 28.95 -15.31 -25.55
CA TYR C 243 29.72 -14.07 -25.66
C TYR C 243 30.03 -13.69 -27.11
N LYS C 244 30.10 -14.68 -28.00
CA LYS C 244 30.41 -14.43 -29.41
C LYS C 244 29.15 -14.33 -30.27
N THR C 245 28.07 -14.96 -29.82
CA THR C 245 26.83 -15.06 -30.58
C THR C 245 25.73 -14.21 -29.95
N GLY C 246 25.71 -14.19 -28.63
CA GLY C 246 24.57 -13.65 -27.90
C GLY C 246 23.64 -14.78 -27.49
N ARG C 247 24.01 -16.01 -27.88
CA ARG C 247 23.25 -17.21 -27.53
C ARG C 247 24.19 -18.35 -27.18
N GLY C 248 23.86 -19.10 -26.14
CA GLY C 248 24.67 -20.22 -25.71
C GLY C 248 24.04 -21.03 -24.59
N SER C 249 24.29 -22.33 -24.60
CA SER C 249 23.75 -23.23 -23.59
C SER C 249 24.83 -23.60 -22.57
N ILE C 250 24.70 -23.06 -21.36
CA ILE C 250 25.70 -23.23 -20.32
C ILE C 250 25.27 -24.32 -19.34
N ARG C 251 26.05 -25.39 -19.30
CA ARG C 251 25.75 -26.53 -18.41
C ARG C 251 26.17 -26.23 -16.98
N MET C 252 25.19 -26.28 -16.08
CA MET C 252 25.42 -26.03 -14.66
C MET C 252 25.35 -27.34 -13.87
N ARG C 253 26.01 -27.36 -12.72
CA ARG C 253 25.88 -28.48 -11.78
C ARG C 253 25.90 -27.99 -10.35
N GLY C 254 25.27 -28.75 -9.47
CA GLY C 254 25.40 -28.55 -8.04
C GLY C 254 26.67 -29.24 -7.58
N VAL C 255 26.91 -29.23 -6.27
CA VAL C 255 28.08 -29.90 -5.71
C VAL C 255 27.62 -31.10 -4.88
N VAL C 256 28.27 -32.24 -5.09
CA VAL C 256 27.93 -33.46 -4.36
C VAL C 256 29.18 -34.03 -3.69
N GLU C 257 29.06 -34.29 -2.40
CA GLU C 257 30.15 -34.85 -1.61
C GLU C 257 29.73 -36.20 -1.03
N VAL C 258 30.51 -37.23 -1.31
CA VAL C 258 30.20 -38.58 -0.84
C VAL C 258 30.68 -38.82 0.59
N GLU C 259 29.76 -39.21 1.45
CA GLU C 259 30.07 -39.53 2.84
C GLU C 259 29.86 -41.01 3.13
N GLU C 260 30.71 -41.54 4.01
CA GLU C 260 30.65 -42.93 4.45
C GLU C 260 30.17 -42.99 5.90
N ASP C 261 29.50 -44.09 6.25
CA ASP C 261 28.85 -44.22 7.55
C ASP C 261 29.61 -45.21 8.43
N SER C 262 29.28 -45.24 9.72
CA SER C 262 29.93 -46.14 10.66
C SER C 262 29.72 -47.60 10.27
N ARG C 263 28.50 -47.94 9.89
CA ARG C 263 28.20 -49.28 9.41
C ARG C 263 29.05 -49.53 8.18
N GLY C 264 29.12 -48.52 7.31
CA GLY C 264 29.88 -48.61 6.08
C GLY C 264 29.10 -48.08 4.90
N ARG C 265 27.79 -47.97 5.06
CA ARG C 265 26.91 -47.47 4.00
C ARG C 265 27.36 -46.08 3.57
N THR C 266 27.19 -45.79 2.29
CA THR C 266 27.58 -44.50 1.73
C THR C 266 26.35 -43.63 1.47
N SER C 267 26.53 -42.32 1.55
CA SER C 267 25.44 -41.38 1.31
C SER C 267 25.97 -40.16 0.55
N LEU C 268 25.14 -39.61 -0.32
CA LEU C 268 25.50 -38.42 -1.08
C LEU C 268 24.90 -37.19 -0.43
N VAL C 269 25.71 -36.15 -0.27
CA VAL C 269 25.24 -34.88 0.30
C VAL C 269 25.32 -33.76 -0.74
N ILE C 270 24.15 -33.24 -1.10
CA ILE C 270 24.05 -32.13 -2.04
C ILE C 270 23.93 -30.82 -1.27
N THR C 271 24.93 -29.95 -1.42
CA THR C 271 24.99 -28.71 -0.66
C THR C 271 24.84 -27.47 -1.54
N GLU C 272 24.85 -27.68 -2.86
CA GLU C 272 24.62 -26.60 -3.81
C GLU C 272 23.82 -27.12 -4.98
N LEU C 273 22.98 -26.26 -5.56
CA LEU C 273 22.22 -26.60 -6.76
C LEU C 273 22.43 -25.51 -7.80
N PRO C 274 22.20 -25.84 -9.08
CA PRO C 274 22.38 -24.81 -10.10
C PRO C 274 21.37 -23.67 -9.99
N TYR C 275 21.67 -22.56 -10.64
CA TYR C 275 20.86 -21.35 -10.58
C TYR C 275 19.39 -21.61 -10.94
N GLN C 276 18.50 -21.01 -10.16
CA GLN C 276 17.06 -21.05 -10.40
C GLN C 276 16.47 -22.47 -10.34
N VAL C 277 17.00 -23.29 -9.44
CA VAL C 277 16.41 -24.61 -9.16
C VAL C 277 15.76 -24.61 -7.79
N ASN C 278 14.44 -24.78 -7.79
CA ASN C 278 13.67 -24.81 -6.55
C ASN C 278 14.07 -26.03 -5.70
N HIS C 279 14.48 -25.76 -4.46
CA HIS C 279 14.96 -26.81 -3.56
C HIS C 279 13.87 -27.86 -3.30
N ASP C 280 12.65 -27.39 -3.04
CA ASP C 280 11.54 -28.29 -2.73
C ASP C 280 11.12 -29.12 -3.94
N ASN C 281 11.07 -28.50 -5.12
CA ASN C 281 10.73 -29.21 -6.34
C ASN C 281 11.80 -30.24 -6.70
N PHE C 282 13.04 -29.92 -6.35
CA PHE C 282 14.17 -30.82 -6.61
C PHE C 282 14.06 -32.09 -5.80
N ILE C 283 13.83 -31.96 -4.50
CA ILE C 283 13.69 -33.10 -3.61
C ILE C 283 12.48 -33.94 -4.00
N THR C 284 11.38 -33.27 -4.35
CA THR C 284 10.15 -33.96 -4.72
C THR C 284 10.33 -34.76 -5.99
N SER C 285 11.10 -34.21 -6.93
CA SER C 285 11.33 -34.88 -8.20
C SER C 285 12.08 -36.20 -8.01
N ILE C 286 13.10 -36.17 -7.15
CA ILE C 286 13.85 -37.39 -6.83
C ILE C 286 12.94 -38.38 -6.13
N ALA C 287 12.12 -37.92 -5.22
CA ALA C 287 11.29 -38.86 -4.50
C ALA C 287 10.35 -39.53 -5.46
N GLU C 288 9.84 -38.76 -6.40
CA GLU C 288 8.80 -39.25 -7.25
C GLU C 288 9.33 -40.20 -8.30
N GLN C 289 10.62 -40.13 -8.55
CA GLN C 289 11.22 -41.00 -9.54
C GLN C 289 11.54 -42.33 -8.92
N VAL C 290 12.06 -42.29 -7.71
CA VAL C 290 12.24 -43.50 -6.96
C VAL C 290 10.89 -44.14 -6.81
N ARG C 291 9.98 -43.43 -6.16
CA ARG C 291 8.63 -43.94 -5.91
C ARG C 291 8.06 -44.47 -7.21
N ASP C 292 8.56 -43.94 -8.31
CA ASP C 292 8.22 -44.45 -9.63
C ASP C 292 9.17 -45.58 -10.00
N GLY C 293 10.26 -45.68 -9.24
CA GLY C 293 11.25 -46.73 -9.44
C GLY C 293 12.08 -46.50 -10.68
N LYS C 294 12.81 -45.39 -10.73
CA LYS C 294 13.69 -45.16 -11.85
C LYS C 294 15.00 -44.51 -11.47
N LEU C 295 15.27 -44.48 -10.18
CA LEU C 295 16.55 -44.02 -9.70
C LEU C 295 16.94 -45.00 -8.66
N ALA C 296 17.07 -46.23 -9.08
CA ALA C 296 17.44 -47.28 -8.14
C ALA C 296 18.83 -47.01 -7.58
N GLY C 297 19.19 -47.73 -6.53
CA GLY C 297 20.46 -47.53 -5.87
C GLY C 297 20.33 -46.53 -4.73
N ILE C 298 19.27 -45.72 -4.76
CA ILE C 298 18.97 -44.81 -3.66
C ILE C 298 18.16 -45.57 -2.62
N SER C 299 18.54 -45.40 -1.35
CA SER C 299 17.90 -46.10 -0.25
C SER C 299 16.98 -45.18 0.54
N ASN C 300 17.37 -43.91 0.65
CA ASN C 300 16.64 -42.96 1.46
C ASN C 300 16.99 -41.51 1.11
N ILE C 301 15.98 -40.64 1.14
CA ILE C 301 16.16 -39.21 0.88
C ILE C 301 15.76 -38.41 2.11
N GLU C 302 16.69 -37.66 2.67
CA GLU C 302 16.44 -36.86 3.86
C GLU C 302 17.00 -35.45 3.71
N ASP C 303 16.15 -34.46 3.95
CA ASP C 303 16.55 -33.06 3.88
C ASP C 303 17.01 -32.57 5.24
N GLN C 304 18.32 -32.56 5.45
CA GLN C 304 18.91 -32.15 6.71
C GLN C 304 19.30 -30.68 6.68
N SER C 305 18.62 -29.92 5.81
CA SER C 305 18.89 -28.50 5.66
C SER C 305 18.42 -27.72 6.88
N SER C 306 19.09 -26.61 7.16
CA SER C 306 18.67 -25.69 8.20
C SER C 306 19.22 -24.32 7.91
N ASP C 307 18.74 -23.32 8.64
CA ASP C 307 19.21 -21.94 8.49
C ASP C 307 20.70 -21.83 8.81
N ARG C 308 21.24 -22.81 9.54
CA ARG C 308 22.60 -22.73 10.05
C ARG C 308 23.62 -23.52 9.22
N VAL C 309 23.16 -24.53 8.48
CA VAL C 309 24.05 -25.33 7.64
C VAL C 309 23.79 -25.11 6.15
N GLY C 310 22.75 -24.35 5.83
CA GLY C 310 22.39 -24.10 4.44
C GLY C 310 21.78 -25.34 3.82
N LEU C 311 21.88 -25.44 2.50
CA LEU C 311 21.37 -26.61 1.78
C LEU C 311 22.14 -27.87 2.19
N ARG C 312 21.40 -28.93 2.49
CA ARG C 312 22.01 -30.21 2.83
C ARG C 312 21.03 -31.36 2.61
N ILE C 313 21.01 -31.86 1.38
CA ILE C 313 20.15 -32.98 1.01
C ILE C 313 20.95 -34.28 1.04
N VAL C 314 20.62 -35.16 1.97
CA VAL C 314 21.33 -36.42 2.12
C VAL C 314 20.64 -37.54 1.36
N ILE C 315 21.37 -38.12 0.41
CA ILE C 315 20.87 -39.25 -0.38
C ILE C 315 21.67 -40.49 -0.01
N GLU C 316 21.12 -41.31 0.88
CA GLU C 316 21.75 -42.56 1.26
C GLU C 316 21.52 -43.58 0.14
N ILE C 317 22.59 -44.25 -0.29
CA ILE C 317 22.48 -45.23 -1.37
C ILE C 317 22.72 -46.66 -0.87
N LYS C 318 22.22 -47.62 -1.63
CA LYS C 318 22.32 -49.03 -1.29
C LYS C 318 23.77 -49.51 -1.36
N ARG C 319 24.09 -50.61 -0.67
CA ARG C 319 25.46 -51.10 -0.64
C ARG C 319 25.90 -51.65 -1.99
N ASP C 320 24.93 -52.13 -2.78
CA ASP C 320 25.24 -52.65 -4.11
C ASP C 320 25.04 -51.55 -5.14
N ALA C 321 25.40 -50.32 -4.76
CA ALA C 321 25.29 -49.17 -5.64
C ALA C 321 26.58 -48.37 -5.63
N VAL C 322 27.00 -47.92 -6.81
CA VAL C 322 28.19 -47.10 -6.96
C VAL C 322 27.83 -45.63 -6.83
N ALA C 323 28.62 -44.88 -6.09
CA ALA C 323 28.32 -43.47 -5.83
C ALA C 323 28.23 -42.66 -7.11
N LYS C 324 29.22 -42.79 -7.99
CA LYS C 324 29.25 -42.00 -9.22
C LYS C 324 28.16 -42.43 -10.21
N VAL C 325 27.78 -43.70 -10.18
CA VAL C 325 26.70 -44.17 -11.04
C VAL C 325 25.39 -43.49 -10.64
N VAL C 326 25.16 -43.40 -9.33
CA VAL C 326 23.96 -42.75 -8.82
C VAL C 326 24.01 -41.24 -9.07
N ILE C 327 25.21 -40.67 -8.99
CA ILE C 327 25.38 -39.23 -9.21
C ILE C 327 25.15 -38.89 -10.68
N ASN C 328 25.66 -39.73 -11.58
CA ASN C 328 25.46 -39.52 -13.01
C ASN C 328 23.98 -39.65 -13.38
N ASN C 329 23.27 -40.54 -12.70
CA ASN C 329 21.84 -40.69 -12.91
C ASN C 329 21.09 -39.44 -12.45
N LEU C 330 21.58 -38.83 -11.37
CA LEU C 330 20.99 -37.60 -10.86
C LEU C 330 21.25 -36.44 -11.83
N TYR C 331 22.44 -36.42 -12.42
CA TYR C 331 22.76 -35.43 -13.44
C TYR C 331 21.81 -35.60 -14.62
N LYS C 332 21.56 -36.84 -14.98
CA LYS C 332 20.74 -37.17 -16.14
C LYS C 332 19.26 -36.91 -15.93
N HIS C 333 18.73 -37.35 -14.78
CA HIS C 333 17.29 -37.37 -14.55
C HIS C 333 16.77 -36.31 -13.57
N THR C 334 17.64 -35.42 -13.11
CA THR C 334 17.21 -34.31 -12.26
C THR C 334 17.95 -33.03 -12.63
N GLN C 335 17.54 -31.92 -12.01
CA GLN C 335 18.15 -30.63 -12.28
C GLN C 335 19.41 -30.43 -11.45
N LEU C 336 19.95 -31.52 -10.90
CA LEU C 336 21.25 -31.47 -10.26
C LEU C 336 22.27 -31.07 -11.31
N GLN C 337 21.99 -31.46 -12.56
CA GLN C 337 22.67 -30.91 -13.72
C GLN C 337 21.63 -30.37 -14.68
N THR C 338 21.68 -29.07 -14.92
CA THR C 338 20.71 -28.42 -15.81
C THR C 338 21.37 -27.26 -16.54
N SER C 339 20.86 -26.96 -17.73
CA SER C 339 21.47 -25.96 -18.60
C SER C 339 20.83 -24.58 -18.47
N PHE C 340 21.65 -23.55 -18.62
CA PHE C 340 21.18 -22.18 -18.66
C PHE C 340 21.16 -21.70 -20.10
N GLY C 341 19.96 -21.48 -20.63
CA GLY C 341 19.81 -21.01 -22.01
C GLY C 341 20.07 -19.52 -22.11
N ALA C 342 21.33 -19.16 -22.37
CA ALA C 342 21.71 -17.77 -22.49
C ALA C 342 21.19 -17.16 -23.79
N ASN C 343 20.65 -15.95 -23.69
CA ASN C 343 20.18 -15.19 -24.84
C ASN C 343 20.34 -13.70 -24.57
N MET C 344 21.47 -13.12 -24.97
CA MET C 344 21.84 -11.77 -24.53
C MET C 344 21.02 -10.69 -25.22
N LEU C 345 19.74 -10.59 -24.83
CA LEU C 345 18.82 -9.63 -25.43
C LEU C 345 18.56 -8.44 -24.50
N ALA C 346 18.82 -7.24 -25.00
CA ALA C 346 18.57 -6.02 -24.24
C ALA C 346 18.13 -4.88 -25.16
N ILE C 347 17.47 -3.88 -24.58
CA ILE C 347 17.02 -2.72 -25.34
C ILE C 347 18.16 -1.71 -25.50
N VAL C 348 18.52 -1.42 -26.75
CA VAL C 348 19.56 -0.44 -27.06
C VAL C 348 18.95 0.71 -27.84
N ASP C 349 18.87 1.87 -27.18
CA ASP C 349 18.31 3.07 -27.79
C ASP C 349 16.86 2.82 -28.21
N GLY C 350 16.10 2.16 -27.35
CA GLY C 350 14.70 1.89 -27.60
C GLY C 350 14.46 0.77 -28.59
N VAL C 351 15.51 -0.01 -28.87
CA VAL C 351 15.41 -1.11 -29.82
C VAL C 351 15.97 -2.40 -29.22
N PRO C 352 15.22 -3.51 -29.32
CA PRO C 352 15.76 -4.77 -28.79
C PRO C 352 16.91 -5.28 -29.63
N ARG C 353 18.00 -5.69 -29.00
CA ARG C 353 19.17 -6.12 -29.76
C ARG C 353 19.83 -7.29 -29.04
N THR C 354 20.18 -8.32 -29.80
CA THR C 354 20.99 -9.41 -29.29
C THR C 354 22.46 -9.02 -29.41
N LEU C 355 23.16 -8.99 -28.28
CA LEU C 355 24.47 -8.38 -28.21
C LEU C 355 25.60 -9.34 -27.85
N ARG C 356 26.77 -9.10 -28.43
CA ARG C 356 28.00 -9.77 -28.03
C ARG C 356 28.51 -9.19 -26.72
N LEU C 357 29.41 -9.90 -26.05
CA LEU C 357 29.90 -9.48 -24.75
C LEU C 357 30.67 -8.16 -24.82
N ASP C 358 31.38 -7.95 -25.92
CA ASP C 358 32.14 -6.72 -26.09
C ASP C 358 31.19 -5.55 -26.32
N GLN C 359 30.03 -5.83 -26.89
CA GLN C 359 29.01 -4.81 -27.10
C GLN C 359 28.37 -4.42 -25.79
N LEU C 360 28.10 -5.40 -24.94
CA LEU C 360 27.48 -5.15 -23.63
C LEU C 360 28.37 -4.27 -22.77
N ILE C 361 29.67 -4.56 -22.78
CA ILE C 361 30.63 -3.76 -22.02
C ILE C 361 30.72 -2.37 -22.64
N ARG C 362 31.02 -2.32 -23.94
CA ARG C 362 31.17 -1.05 -24.67
C ARG C 362 29.99 -0.10 -24.47
N TYR C 363 28.78 -0.61 -24.61
CA TYR C 363 27.58 0.21 -24.44
C TYR C 363 27.49 0.74 -23.01
N TYR C 364 27.91 -0.07 -22.05
CA TYR C 364 27.90 0.37 -20.66
C TYR C 364 28.97 1.43 -20.42
N VAL C 365 30.15 1.21 -20.96
CA VAL C 365 31.25 2.17 -20.80
C VAL C 365 30.85 3.51 -21.39
N ASP C 366 30.19 3.46 -22.55
CA ASP C 366 29.68 4.66 -23.20
C ASP C 366 28.72 5.39 -22.28
N HIS C 367 27.88 4.62 -21.60
CA HIS C 367 26.90 5.19 -20.67
C HIS C 367 27.60 5.90 -19.51
N GLN C 368 28.65 5.28 -18.98
CA GLN C 368 29.39 5.86 -17.86
C GLN C 368 30.05 7.17 -18.26
N LEU C 369 30.61 7.21 -19.46
CA LEU C 369 31.27 8.41 -19.96
C LEU C 369 30.25 9.52 -20.16
N ASP C 370 29.07 9.15 -20.68
CA ASP C 370 27.99 10.11 -20.85
C ASP C 370 27.61 10.70 -19.49
N VAL C 371 27.46 9.82 -18.51
CA VAL C 371 27.05 10.23 -17.16
C VAL C 371 28.04 11.23 -16.55
N ILE C 372 29.32 11.00 -16.73
CA ILE C 372 30.35 11.83 -16.11
C ILE C 372 30.53 13.15 -16.85
N VAL C 373 30.39 13.14 -18.17
CA VAL C 373 30.44 14.39 -18.93
C VAL C 373 29.25 15.28 -18.56
N ARG C 374 28.08 14.66 -18.40
CA ARG C 374 26.88 15.40 -18.00
C ARG C 374 26.99 15.91 -16.57
N ARG C 375 27.54 15.10 -15.68
CA ARG C 375 27.76 15.52 -14.30
C ARG C 375 28.72 16.69 -14.28
N THR C 376 29.78 16.58 -15.07
CA THR C 376 30.80 17.62 -15.15
C THR C 376 30.18 18.90 -15.69
N THR C 377 29.28 18.75 -16.66
CA THR C 377 28.63 19.90 -17.27
C THR C 377 27.71 20.60 -16.27
N TYR C 378 26.98 19.80 -15.49
CA TYR C 378 26.08 20.34 -14.48
C TYR C 378 26.84 21.10 -13.41
N ARG C 379 27.96 20.54 -12.97
CA ARG C 379 28.77 21.15 -11.93
C ARG C 379 29.43 22.42 -12.42
N LEU C 380 29.82 22.43 -13.68
CA LEU C 380 30.45 23.60 -14.28
C LEU C 380 29.46 24.75 -14.40
N ARG C 381 28.22 24.42 -14.74
CA ARG C 381 27.17 25.43 -14.83
C ARG C 381 26.90 26.01 -13.45
N LYS C 382 26.72 25.13 -12.46
CA LYS C 382 26.40 25.57 -11.11
C LYS C 382 27.55 26.37 -10.49
N ALA C 383 28.78 26.03 -10.87
CA ALA C 383 29.95 26.74 -10.37
C ALA C 383 29.99 28.15 -10.94
N ASN C 384 29.65 28.28 -12.23
CA ASN C 384 29.63 29.56 -12.90
C ASN C 384 28.55 30.48 -12.36
N GLU C 385 27.39 29.91 -12.05
CA GLU C 385 26.29 30.67 -11.48
C GLU C 385 26.69 31.23 -10.12
N ARG C 386 27.30 30.39 -9.28
CA ARG C 386 27.68 30.82 -7.95
C ARG C 386 28.85 31.81 -8.02
N ALA C 387 29.79 31.55 -8.93
CA ALA C 387 30.94 32.42 -9.11
C ALA C 387 30.49 33.81 -9.56
N HIS C 388 29.36 33.86 -10.24
CA HIS C 388 28.84 35.12 -10.72
C HIS C 388 28.08 35.84 -9.64
N ILE C 389 27.63 35.12 -8.64
CA ILE C 389 26.85 35.74 -7.60
C ILE C 389 27.86 36.24 -6.61
N LEU C 390 28.93 35.50 -6.48
CA LEU C 390 29.98 35.88 -5.56
C LEU C 390 30.71 37.13 -6.04
N ARG C 391 30.93 37.22 -7.36
CA ARG C 391 31.57 38.39 -7.94
C ARG C 391 30.77 39.65 -7.61
N GLY C 392 29.45 39.50 -7.59
CA GLY C 392 28.57 40.61 -7.26
C GLY C 392 28.74 41.05 -5.82
N LEU C 393 28.86 40.09 -4.92
CA LEU C 393 29.03 40.38 -3.50
C LEU C 393 30.36 41.11 -3.27
N VAL C 394 31.41 40.67 -3.95
CA VAL C 394 32.73 41.29 -3.79
C VAL C 394 32.70 42.75 -4.24
N LYS C 395 31.93 43.04 -5.28
CA LYS C 395 31.75 44.42 -5.73
C LYS C 395 31.08 45.24 -4.64
N ALA C 396 30.13 44.62 -3.95
CA ALA C 396 29.39 45.30 -2.89
C ALA C 396 30.28 45.60 -1.69
N LEU C 397 31.18 44.68 -1.38
CA LEU C 397 32.08 44.84 -0.23
C LEU C 397 33.10 45.95 -0.46
N ASP C 398 33.57 46.08 -1.70
CA ASP C 398 34.54 47.12 -2.03
C ASP C 398 33.91 48.51 -1.96
N ALA C 399 32.59 48.56 -2.10
CA ALA C 399 31.84 49.82 -2.01
C ALA C 399 30.77 49.69 -0.93
N LEU C 400 31.12 49.00 0.15
CA LEU C 400 30.15 48.66 1.19
C LEU C 400 29.54 49.91 1.84
N ASP C 401 30.36 50.95 1.99
CA ASP C 401 29.87 52.21 2.54
C ASP C 401 28.69 52.74 1.71
N GLU C 402 28.85 52.70 0.40
CA GLU C 402 27.84 53.21 -0.51
C GLU C 402 26.63 52.29 -0.61
N VAL C 403 26.89 50.99 -0.76
CA VAL C 403 25.83 49.99 -0.90
C VAL C 403 24.78 50.11 0.21
N ILE C 404 25.23 50.15 1.46
CA ILE C 404 24.31 50.20 2.57
C ILE C 404 23.51 51.50 2.55
N ALA C 405 24.21 52.63 2.50
CA ALA C 405 23.57 53.94 2.47
C ALA C 405 22.53 54.03 1.34
N LEU C 406 22.76 53.27 0.27
CA LEU C 406 21.86 53.30 -0.88
C LEU C 406 20.55 52.55 -0.58
N ILE C 407 20.66 51.42 0.12
CA ILE C 407 19.47 50.63 0.47
C ILE C 407 18.72 51.35 1.58
N ARG C 408 19.47 51.89 2.53
CA ARG C 408 18.91 52.66 3.62
C ARG C 408 18.11 53.83 3.09
N ALA C 409 18.64 54.48 2.05
CA ALA C 409 18.02 55.68 1.49
C ALA C 409 17.04 55.35 0.37
N SER C 410 16.55 54.11 0.35
CA SER C 410 15.59 53.69 -0.66
C SER C 410 14.24 53.47 0.00
N GLU C 411 13.18 53.98 -0.64
CA GLU C 411 11.83 53.84 -0.11
C GLU C 411 11.42 52.39 -0.08
N THR C 412 11.43 51.75 -1.25
CA THR C 412 11.10 50.33 -1.37
C THR C 412 12.36 49.50 -1.52
N VAL C 413 12.20 48.21 -1.75
CA VAL C 413 13.33 47.33 -2.03
C VAL C 413 13.62 47.31 -3.53
N ASP C 414 12.59 47.56 -4.32
CA ASP C 414 12.73 47.63 -5.77
C ASP C 414 13.56 48.86 -6.15
N ILE C 415 13.36 49.94 -5.41
CA ILE C 415 14.14 51.16 -5.61
C ILE C 415 15.60 50.92 -5.20
N ALA C 416 15.79 50.14 -4.14
CA ALA C 416 17.14 49.80 -3.69
C ALA C 416 17.85 48.91 -4.71
N ARG C 417 17.10 47.96 -5.26
CA ARG C 417 17.66 47.03 -6.24
C ARG C 417 18.09 47.76 -7.51
N ALA C 418 17.16 48.47 -8.13
CA ALA C 418 17.44 49.22 -9.35
C ALA C 418 18.66 50.13 -9.16
N GLY C 419 18.83 50.64 -7.94
CA GLY C 419 19.98 51.46 -7.63
C GLY C 419 21.28 50.67 -7.61
N LEU C 420 21.22 49.46 -7.06
CA LEU C 420 22.40 48.61 -6.96
C LEU C 420 22.97 48.21 -8.32
N ILE C 421 22.10 47.92 -9.27
CA ILE C 421 22.53 47.60 -10.63
C ILE C 421 23.30 48.77 -11.23
N GLU C 422 22.71 49.96 -11.13
CA GLU C 422 23.31 51.16 -11.72
C GLU C 422 24.65 51.52 -11.09
N LEU C 423 24.75 51.35 -9.77
CA LEU C 423 25.98 51.74 -9.07
C LEU C 423 27.14 50.79 -9.36
N LEU C 424 26.93 49.50 -9.15
CA LEU C 424 28.02 48.52 -9.20
C LEU C 424 28.13 47.84 -10.56
N ASP C 425 27.22 48.19 -11.48
CA ASP C 425 27.17 47.57 -12.80
C ASP C 425 27.06 46.05 -12.65
N ILE C 426 25.96 45.61 -12.05
CA ILE C 426 25.76 44.20 -11.73
C ILE C 426 24.43 43.71 -12.30
N ASP C 427 24.28 42.39 -12.37
CA ASP C 427 23.04 41.80 -12.84
C ASP C 427 21.95 42.02 -11.80
N GLU C 428 20.70 41.71 -12.16
CA GLU C 428 19.61 41.78 -11.21
C GLU C 428 19.68 40.58 -10.27
N ILE C 429 20.32 39.51 -10.75
CA ILE C 429 20.51 38.31 -9.95
C ILE C 429 21.56 38.59 -8.88
N GLN C 430 22.59 39.33 -9.26
CA GLN C 430 23.64 39.73 -8.33
C GLN C 430 23.09 40.70 -7.30
N ALA C 431 22.35 41.71 -7.78
CA ALA C 431 21.78 42.73 -6.92
C ALA C 431 20.87 42.09 -5.89
N GLN C 432 20.15 41.05 -6.31
CA GLN C 432 19.25 40.33 -5.42
C GLN C 432 20.05 39.65 -4.31
N ALA C 433 21.17 39.05 -4.68
CA ALA C 433 22.02 38.36 -3.72
C ALA C 433 22.57 39.31 -2.67
N ILE C 434 22.91 40.52 -3.10
CA ILE C 434 23.36 41.56 -2.18
C ILE C 434 22.26 41.89 -1.19
N LEU C 435 21.05 42.08 -1.71
CA LEU C 435 19.89 42.38 -0.88
C LEU C 435 19.61 41.23 0.10
N ASP C 436 19.75 40.00 -0.39
CA ASP C 436 19.44 38.82 0.42
C ASP C 436 20.53 38.51 1.44
N MET C 437 21.64 39.25 1.36
CA MET C 437 22.77 39.01 2.24
C MET C 437 22.43 39.36 3.69
N GLN C 438 22.89 38.55 4.63
CA GLN C 438 22.63 38.77 6.04
C GLN C 438 23.65 39.73 6.63
N LEU C 439 23.29 40.37 7.74
CA LEU C 439 24.23 41.25 8.43
C LEU C 439 25.39 40.44 9.01
N ARG C 440 25.21 39.13 9.16
CA ARG C 440 26.34 38.26 9.49
C ARG C 440 27.54 38.44 8.58
N ARG C 441 27.31 38.39 7.27
CA ARG C 441 28.43 38.25 6.36
C ARG C 441 29.16 39.59 6.16
N LEU C 442 28.78 40.61 6.93
CA LEU C 442 29.47 41.88 6.90
C LEU C 442 30.61 41.91 7.93
N ALA C 443 30.74 40.84 8.72
CA ALA C 443 31.84 40.73 9.67
C ALA C 443 33.16 40.56 8.93
N ALA C 444 34.26 40.93 9.58
CA ALA C 444 35.57 40.94 8.94
C ALA C 444 35.93 39.57 8.35
N LEU C 445 35.88 38.54 9.18
CA LEU C 445 36.23 37.20 8.72
C LEU C 445 35.21 36.69 7.70
N GLU C 446 33.98 37.18 7.80
CA GLU C 446 32.92 36.76 6.90
C GLU C 446 33.05 37.41 5.53
N ARG C 447 33.56 38.64 5.50
CA ARG C 447 33.88 39.30 4.24
C ARG C 447 34.94 38.51 3.51
N GLN C 448 35.87 37.93 4.29
CA GLN C 448 36.98 37.19 3.74
C GLN C 448 36.57 35.82 3.18
N ARG C 449 35.56 35.21 3.77
CA ARG C 449 35.05 33.93 3.26
C ARG C 449 34.54 34.09 1.83
N ILE C 450 33.83 35.19 1.59
CA ILE C 450 33.28 35.48 0.28
C ILE C 450 34.40 35.62 -0.75
N ILE C 451 35.47 36.32 -0.37
CA ILE C 451 36.62 36.47 -1.25
C ILE C 451 37.23 35.10 -1.56
N ASP C 452 37.59 34.36 -0.51
CA ASP C 452 38.25 33.08 -0.68
C ASP C 452 37.37 32.08 -1.43
N ASP C 453 36.07 32.11 -1.17
CA ASP C 453 35.14 31.21 -1.85
C ASP C 453 35.15 31.47 -3.35
N LEU C 454 35.27 32.74 -3.73
CA LEU C 454 35.35 33.09 -5.15
C LEU C 454 36.61 32.46 -5.73
N ALA C 455 37.72 32.62 -5.03
CA ALA C 455 38.99 32.04 -5.45
C ALA C 455 38.91 30.52 -5.48
N LYS C 456 38.22 29.95 -4.50
CA LYS C 456 38.05 28.50 -4.39
C LYS C 456 37.32 27.93 -5.60
N ILE C 457 36.25 28.59 -6.00
CA ILE C 457 35.40 28.11 -7.08
C ILE C 457 36.07 28.26 -8.44
N GLU C 458 36.68 29.41 -8.69
CA GLU C 458 37.36 29.66 -9.96
C GLU C 458 38.43 28.60 -10.23
N ALA C 459 38.95 28.01 -9.17
CA ALA C 459 39.86 26.89 -9.29
C ALA C 459 39.08 25.63 -9.70
N GLU C 460 37.88 25.48 -9.13
CA GLU C 460 37.03 24.34 -9.45
C GLU C 460 36.44 24.46 -10.86
N ILE C 461 36.10 25.68 -11.25
CA ILE C 461 35.60 25.93 -12.60
C ILE C 461 36.67 25.58 -13.63
N ALA C 462 37.91 25.97 -13.35
CA ALA C 462 39.04 25.68 -14.22
C ALA C 462 39.27 24.17 -14.33
N ASP C 463 39.16 23.48 -13.19
CA ASP C 463 39.30 22.04 -13.15
C ASP C 463 38.22 21.37 -14.01
N LEU C 464 36.97 21.78 -13.80
CA LEU C 464 35.83 21.20 -14.51
C LEU C 464 35.95 21.41 -16.01
N GLU C 465 36.33 22.62 -16.42
CA GLU C 465 36.56 22.91 -17.83
C GLU C 465 37.65 22.01 -18.39
N ASP C 466 38.63 21.70 -17.55
CA ASP C 466 39.75 20.85 -17.94
C ASP C 466 39.29 19.42 -18.23
N ILE C 467 38.39 18.92 -17.39
CA ILE C 467 37.87 17.56 -17.54
C ILE C 467 37.11 17.41 -18.87
N LEU C 468 36.28 18.40 -19.18
CA LEU C 468 35.46 18.34 -20.39
C LEU C 468 36.33 18.42 -21.65
N ALA C 469 37.53 18.97 -21.51
CA ALA C 469 38.43 19.17 -22.65
C ALA C 469 39.33 17.96 -22.89
N LYS C 470 39.36 17.03 -21.94
CA LYS C 470 40.26 15.89 -22.00
C LYS C 470 39.50 14.56 -21.87
N PRO C 471 39.32 13.85 -22.99
CA PRO C 471 38.69 12.52 -22.91
C PRO C 471 39.47 11.58 -21.99
N GLU C 472 40.77 11.83 -21.85
CA GLU C 472 41.62 11.03 -20.98
C GLU C 472 41.16 11.08 -19.53
N ARG C 473 40.88 12.28 -19.04
CA ARG C 473 40.45 12.45 -17.65
C ARG C 473 39.08 11.83 -17.42
N GLN C 474 38.19 12.01 -18.39
CA GLN C 474 36.84 11.46 -18.30
C GLN C 474 36.88 9.94 -18.11
N ARG C 475 37.69 9.26 -18.92
CA ARG C 475 37.85 7.82 -18.80
C ARG C 475 38.47 7.45 -17.45
N GLY C 476 39.42 8.26 -17.00
CA GLY C 476 40.07 8.04 -15.71
C GLY C 476 39.10 8.10 -14.55
N ILE C 477 38.14 9.02 -14.62
CA ILE C 477 37.13 9.15 -13.57
C ILE C 477 36.25 7.91 -13.51
N VAL C 478 35.88 7.36 -14.66
CA VAL C 478 35.09 6.13 -14.70
C VAL C 478 35.89 5.03 -13.98
N ARG C 479 37.13 4.89 -14.37
CA ARG C 479 38.03 3.88 -13.79
C ARG C 479 38.19 4.07 -12.29
N ASP C 480 38.58 5.26 -11.88
CA ASP C 480 38.91 5.53 -10.48
C ASP C 480 37.68 5.37 -9.59
N GLU C 481 36.53 5.85 -10.08
CA GLU C 481 35.29 5.77 -9.30
C GLU C 481 34.76 4.34 -9.25
N LEU C 482 34.86 3.61 -10.36
CA LEU C 482 34.43 2.22 -10.38
C LEU C 482 35.30 1.35 -9.49
N ALA C 483 36.60 1.61 -9.51
CA ALA C 483 37.56 0.85 -8.69
C ALA C 483 37.19 0.95 -7.21
N GLU C 484 36.79 2.14 -6.80
CA GLU C 484 36.36 2.37 -5.42
C GLU C 484 35.17 1.48 -5.07
N ILE C 485 34.22 1.41 -5.99
CA ILE C 485 32.99 0.64 -5.78
C ILE C 485 33.31 -0.84 -5.65
N VAL C 486 34.20 -1.34 -6.51
CA VAL C 486 34.55 -2.75 -6.51
C VAL C 486 35.34 -3.14 -5.27
N ASP C 487 36.23 -2.25 -4.83
CA ASP C 487 37.02 -2.50 -3.63
C ASP C 487 36.12 -2.58 -2.40
N ARG C 488 35.00 -1.86 -2.46
CA ARG C 488 34.03 -1.84 -1.36
C ARG C 488 33.12 -3.07 -1.40
N HIS C 489 32.47 -3.25 -2.54
CA HIS C 489 31.34 -4.17 -2.67
C HIS C 489 31.63 -5.41 -3.50
N GLY C 490 32.84 -5.50 -4.04
CA GLY C 490 33.20 -6.68 -4.82
C GLY C 490 33.43 -7.85 -3.90
N ASP C 491 32.99 -9.03 -4.32
CA ASP C 491 33.15 -10.24 -3.51
C ASP C 491 33.77 -11.37 -4.33
N ASP C 492 34.07 -12.48 -3.64
CA ASP C 492 34.66 -13.64 -4.28
C ASP C 492 33.71 -14.27 -5.29
N ARG C 493 34.29 -15.04 -6.21
CA ARG C 493 33.49 -15.84 -7.11
C ARG C 493 32.78 -16.94 -6.34
N ARG C 494 31.57 -17.27 -6.78
CA ARG C 494 30.78 -18.31 -6.13
C ARG C 494 30.71 -19.57 -6.99
N THR C 495 30.38 -19.38 -8.26
CA THR C 495 30.30 -20.51 -9.19
C THR C 495 31.70 -20.91 -9.66
N ARG C 496 32.06 -22.15 -9.39
CA ARG C 496 33.36 -22.70 -9.79
C ARG C 496 33.31 -23.19 -11.24
N ILE C 497 34.31 -22.79 -12.02
CA ILE C 497 34.39 -23.20 -13.42
C ILE C 497 35.39 -24.34 -13.60
N ILE C 498 34.89 -25.45 -14.12
CA ILE C 498 35.71 -26.62 -14.43
C ILE C 498 35.57 -26.97 -15.91
N ALA C 499 36.38 -27.93 -16.36
CA ALA C 499 36.35 -28.38 -17.75
C ALA C 499 35.50 -29.64 -17.87
N ILE C 500 35.46 -30.21 -19.08
CA ILE C 500 34.70 -31.42 -19.33
C ILE C 500 35.29 -32.60 -18.53
N ASN D 2 -39.19 -13.48 -31.03
CA ASN D 2 -38.09 -14.14 -30.34
C ASN D 2 -37.73 -13.41 -29.04
N ALA D 3 -37.92 -14.10 -27.91
CA ALA D 3 -37.62 -13.54 -26.60
C ALA D 3 -37.07 -14.63 -25.68
N LEU D 4 -36.17 -14.23 -24.77
CA LEU D 4 -35.55 -15.18 -23.85
C LEU D 4 -35.50 -14.64 -22.43
N VAL D 5 -35.64 -15.56 -21.46
CA VAL D 5 -35.68 -15.20 -20.05
C VAL D 5 -34.33 -14.72 -19.54
N ARG D 6 -34.36 -13.67 -18.72
CA ARG D 6 -33.19 -13.13 -18.05
C ARG D 6 -33.14 -13.65 -16.62
N ARG D 7 -31.95 -13.69 -16.02
CA ARG D 7 -31.81 -14.24 -14.67
C ARG D 7 -32.39 -13.28 -13.63
N LYS D 8 -33.15 -13.84 -12.69
CA LYS D 8 -33.74 -13.08 -11.60
C LYS D 8 -33.95 -13.95 -10.37
N SER D 9 -32.95 -13.99 -9.49
CA SER D 9 -33.02 -14.76 -8.24
C SER D 9 -33.39 -16.21 -8.49
N GLY D 15 -29.55 -20.46 -14.66
CA GLY D 15 -28.83 -21.27 -15.63
C GLY D 15 -27.87 -20.43 -16.46
N LEU D 16 -27.42 -19.32 -15.90
CA LEU D 16 -26.49 -18.42 -16.58
C LEU D 16 -25.32 -18.11 -15.65
N PRO D 17 -24.22 -17.56 -16.20
CA PRO D 17 -23.03 -17.28 -15.38
C PRO D 17 -23.32 -16.46 -14.12
N GLY D 18 -22.61 -16.77 -13.05
CA GLY D 18 -22.81 -16.11 -11.77
C GLY D 18 -22.43 -14.63 -11.80
N LYS D 19 -21.38 -14.31 -12.56
CA LYS D 19 -20.88 -12.94 -12.64
C LYS D 19 -21.72 -12.07 -13.57
N LEU D 20 -22.60 -12.70 -14.34
CA LEU D 20 -23.47 -11.98 -15.26
C LEU D 20 -24.51 -11.13 -14.53
N ALA D 21 -24.51 -9.83 -14.80
CA ALA D 21 -25.56 -8.94 -14.31
C ALA D 21 -26.52 -8.63 -15.46
N ASP D 22 -27.51 -9.50 -15.64
CA ASP D 22 -28.39 -9.47 -16.80
C ASP D 22 -29.31 -8.25 -16.83
N CYS D 23 -29.86 -7.97 -18.00
CA CYS D 23 -30.81 -6.88 -18.19
C CYS D 23 -32.24 -7.37 -17.94
N ARG D 24 -33.21 -6.46 -18.01
CA ARG D 24 -34.61 -6.83 -17.76
C ARG D 24 -35.36 -7.14 -19.04
N SER D 25 -35.02 -6.43 -20.11
CA SER D 25 -35.67 -6.62 -21.41
C SER D 25 -35.40 -8.03 -21.95
N THR D 26 -36.48 -8.70 -22.36
CA THR D 26 -36.40 -10.06 -22.87
C THR D 26 -36.23 -10.09 -24.39
N ASP D 27 -36.11 -8.91 -25.01
CA ASP D 27 -35.91 -8.81 -26.44
C ASP D 27 -34.44 -8.65 -26.77
N PRO D 28 -33.83 -9.65 -27.45
CA PRO D 28 -32.41 -9.55 -27.82
C PRO D 28 -32.13 -8.37 -28.76
N ARG D 29 -33.06 -8.06 -29.64
CA ARG D 29 -32.90 -6.98 -30.60
C ARG D 29 -32.67 -5.64 -29.89
N LYS D 30 -33.22 -5.51 -28.69
CA LYS D 30 -33.08 -4.29 -27.91
C LYS D 30 -32.06 -4.42 -26.77
N SER D 31 -31.54 -5.63 -26.57
CA SER D 31 -30.64 -5.89 -25.45
C SER D 31 -29.16 -5.74 -25.85
N GLU D 32 -28.32 -5.48 -24.85
CA GLU D 32 -26.90 -5.28 -25.06
C GLU D 32 -26.07 -5.95 -23.98
N LEU D 33 -25.01 -6.64 -24.39
CA LEU D 33 -24.06 -7.23 -23.44
C LEU D 33 -22.73 -6.48 -23.46
N TYR D 34 -22.44 -5.82 -22.35
CA TYR D 34 -21.15 -5.15 -22.17
C TYR D 34 -20.16 -6.13 -21.54
N VAL D 35 -19.22 -6.60 -22.34
CA VAL D 35 -18.13 -7.44 -21.84
C VAL D 35 -17.02 -6.52 -21.32
N VAL D 36 -16.82 -6.53 -20.01
CA VAL D 36 -15.97 -5.55 -19.34
C VAL D 36 -14.68 -6.16 -18.77
N GLU D 37 -13.60 -5.39 -18.84
CA GLU D 37 -12.32 -5.78 -18.27
C GLU D 37 -12.24 -5.40 -16.80
N GLY D 38 -12.10 -6.40 -15.94
CA GLY D 38 -11.86 -6.15 -14.52
C GLY D 38 -13.12 -6.17 -13.66
N ASP D 39 -12.96 -6.62 -12.42
CA ASP D 39 -14.07 -6.67 -11.48
C ASP D 39 -14.53 -5.28 -11.05
N SER D 40 -13.57 -4.37 -10.86
CA SER D 40 -13.89 -3.01 -10.45
C SER D 40 -14.73 -2.32 -11.51
N ALA D 41 -14.24 -2.31 -12.75
CA ALA D 41 -14.93 -1.66 -13.85
C ALA D 41 -16.30 -2.28 -14.07
N GLY D 42 -16.36 -3.61 -14.04
CA GLY D 42 -17.61 -4.32 -14.20
C GLY D 42 -18.58 -3.97 -13.10
N GLY D 43 -18.04 -3.73 -11.91
CA GLY D 43 -18.84 -3.35 -10.76
C GLY D 43 -19.50 -2.00 -10.98
N SER D 44 -18.72 -1.04 -11.47
CA SER D 44 -19.22 0.30 -11.73
C SER D 44 -20.19 0.31 -12.91
N ALA D 45 -19.91 -0.53 -13.90
CA ALA D 45 -20.77 -0.64 -15.06
C ALA D 45 -22.13 -1.18 -14.64
N LYS D 46 -22.11 -2.14 -13.73
CA LYS D 46 -23.33 -2.73 -13.21
C LYS D 46 -24.20 -1.66 -12.53
N SER D 47 -23.55 -0.62 -12.02
CA SER D 47 -24.24 0.43 -11.27
C SER D 47 -24.70 1.58 -12.17
N GLY D 48 -23.89 1.93 -13.18
CA GLY D 48 -24.19 3.06 -14.03
C GLY D 48 -25.03 2.73 -15.25
N ARG D 49 -25.19 1.44 -15.52
CA ARG D 49 -25.93 0.98 -16.69
C ARG D 49 -27.41 1.36 -16.67
N ASP D 50 -28.06 1.13 -17.81
CA ASP D 50 -29.51 1.05 -17.87
C ASP D 50 -29.89 -0.41 -17.76
N SER D 51 -30.31 -0.83 -16.56
CA SER D 51 -30.59 -2.23 -16.28
C SER D 51 -31.70 -2.81 -17.15
N MET D 52 -32.41 -1.96 -17.89
CA MET D 52 -33.48 -2.42 -18.77
C MET D 52 -32.92 -3.14 -20.00
N PHE D 53 -31.93 -2.54 -20.64
CA PHE D 53 -31.43 -3.01 -21.93
C PHE D 53 -29.96 -3.42 -21.90
N GLN D 54 -29.26 -3.09 -20.82
CA GLN D 54 -27.82 -3.33 -20.73
C GLN D 54 -27.46 -4.35 -19.67
N ALA D 55 -26.71 -5.37 -20.08
CA ALA D 55 -26.20 -6.38 -19.16
C ALA D 55 -24.68 -6.25 -19.07
N ILE D 56 -24.10 -6.67 -17.95
CA ILE D 56 -22.66 -6.60 -17.75
C ILE D 56 -22.08 -7.98 -17.47
N LEU D 57 -21.02 -8.32 -18.21
CA LEU D 57 -20.24 -9.52 -17.93
C LEU D 57 -18.79 -9.15 -17.65
N PRO D 58 -18.40 -9.11 -16.37
CA PRO D 58 -17.00 -8.82 -16.07
C PRO D 58 -16.10 -10.02 -16.37
N LEU D 59 -15.03 -9.78 -17.13
CA LEU D 59 -14.02 -10.79 -17.39
C LEU D 59 -12.80 -10.48 -16.54
N ARG D 60 -12.29 -11.49 -15.85
CA ARG D 60 -11.17 -11.31 -14.94
C ARG D 60 -9.91 -11.95 -15.50
N GLY D 61 -8.86 -11.14 -15.62
CA GLY D 61 -7.58 -11.60 -16.12
C GLY D 61 -7.54 -11.67 -17.63
N LYS D 62 -6.36 -11.86 -18.19
CA LYS D 62 -6.21 -12.02 -19.63
C LYS D 62 -6.89 -13.29 -20.10
N ILE D 63 -7.67 -13.16 -21.18
CA ILE D 63 -8.40 -14.28 -21.74
C ILE D 63 -7.49 -15.30 -22.40
N ILE D 64 -7.89 -16.57 -22.32
CA ILE D 64 -7.12 -17.65 -22.90
C ILE D 64 -7.10 -17.54 -24.42
N ASN D 65 -5.91 -17.74 -24.98
CA ASN D 65 -5.73 -17.67 -26.43
C ASN D 65 -6.24 -18.95 -27.09
N VAL D 66 -7.39 -18.86 -27.74
CA VAL D 66 -8.00 -20.03 -28.38
C VAL D 66 -7.22 -20.47 -29.61
N GLU D 67 -6.35 -19.59 -30.11
CA GLU D 67 -5.51 -19.91 -31.26
C GLU D 67 -4.40 -20.88 -30.84
N LYS D 68 -3.87 -20.68 -29.64
CA LYS D 68 -2.76 -21.49 -29.14
C LYS D 68 -3.22 -22.73 -28.38
N ALA D 69 -4.22 -22.56 -27.51
CA ALA D 69 -4.67 -23.64 -26.64
C ALA D 69 -5.55 -24.65 -27.37
N ARG D 70 -5.48 -25.91 -26.96
CA ARG D 70 -6.36 -26.93 -27.51
C ARG D 70 -7.80 -26.65 -27.08
N ILE D 71 -8.75 -27.10 -27.88
CA ILE D 71 -10.16 -26.74 -27.68
C ILE D 71 -10.67 -27.21 -26.32
N ASP D 72 -10.29 -28.42 -25.92
CA ASP D 72 -10.78 -28.99 -24.68
C ASP D 72 -10.37 -28.13 -23.49
N ARG D 73 -9.18 -27.54 -23.58
CA ARG D 73 -8.69 -26.67 -22.50
C ARG D 73 -9.45 -25.34 -22.50
N VAL D 74 -9.78 -24.86 -23.70
CA VAL D 74 -10.51 -23.60 -23.84
C VAL D 74 -11.91 -23.68 -23.26
N LEU D 75 -12.58 -24.82 -23.45
CA LEU D 75 -13.94 -24.98 -22.97
C LEU D 75 -13.97 -25.18 -21.46
N LYS D 76 -12.84 -25.53 -20.88
CA LYS D 76 -12.72 -25.70 -19.43
C LYS D 76 -12.45 -24.35 -18.75
N ASN D 77 -12.04 -23.36 -19.54
CA ASN D 77 -11.75 -22.03 -19.01
C ASN D 77 -13.02 -21.33 -18.53
N THR D 78 -12.99 -20.90 -17.27
CA THR D 78 -14.17 -20.32 -16.63
C THR D 78 -14.68 -19.04 -17.33
N GLU D 79 -13.75 -18.25 -17.86
CA GLU D 79 -14.11 -16.97 -18.47
C GLU D 79 -14.70 -17.16 -19.87
N VAL D 80 -14.21 -18.17 -20.59
CA VAL D 80 -14.74 -18.46 -21.91
C VAL D 80 -16.15 -19.04 -21.81
N GLN D 81 -16.34 -19.95 -20.85
CA GLN D 81 -17.64 -20.56 -20.61
C GLN D 81 -18.67 -19.49 -20.30
N ALA D 82 -18.25 -18.46 -19.59
CA ALA D 82 -19.13 -17.35 -19.23
C ALA D 82 -19.62 -16.61 -20.48
N ILE D 83 -18.68 -16.35 -21.39
CA ILE D 83 -19.01 -15.64 -22.63
C ILE D 83 -19.92 -16.49 -23.51
N ILE D 84 -19.49 -17.71 -23.80
CA ILE D 84 -20.26 -18.62 -24.64
C ILE D 84 -21.67 -18.83 -24.07
N THR D 85 -21.77 -18.96 -22.75
CA THR D 85 -23.06 -19.19 -22.10
C THR D 85 -23.93 -17.94 -22.16
N ALA D 86 -23.33 -16.79 -21.90
CA ALA D 86 -24.08 -15.53 -21.85
C ALA D 86 -24.57 -15.12 -23.24
N LEU D 87 -23.83 -15.51 -24.27
CA LEU D 87 -24.22 -15.20 -25.64
C LEU D 87 -25.29 -16.19 -26.12
N GLY D 88 -25.24 -17.42 -25.60
CA GLY D 88 -26.29 -18.39 -25.84
C GLY D 88 -26.21 -19.14 -27.16
N THR D 89 -25.54 -18.56 -28.14
CA THR D 89 -25.53 -19.10 -29.51
C THR D 89 -24.95 -20.50 -29.62
N GLY D 90 -23.78 -20.72 -29.01
CA GLY D 90 -23.03 -21.94 -29.22
C GLY D 90 -21.78 -21.60 -30.01
N ILE D 91 -21.02 -22.62 -30.41
CA ILE D 91 -19.76 -22.40 -31.10
C ILE D 91 -19.54 -23.35 -32.28
N HIS D 92 -18.74 -22.88 -33.24
CA HIS D 92 -18.37 -23.67 -34.41
C HIS D 92 -19.60 -24.18 -35.19
N ASP D 93 -19.72 -25.49 -35.37
CA ASP D 93 -20.79 -26.04 -36.20
C ASP D 93 -22.14 -25.93 -35.52
N GLU D 94 -22.16 -25.93 -34.19
CA GLU D 94 -23.39 -25.84 -33.43
C GLU D 94 -23.81 -24.40 -33.16
N PHE D 95 -23.23 -23.47 -33.92
CA PHE D 95 -23.57 -22.06 -33.78
C PHE D 95 -24.95 -21.79 -34.36
N ASP D 96 -25.79 -21.11 -33.57
CA ASP D 96 -27.14 -20.76 -33.99
C ASP D 96 -27.45 -19.32 -33.59
N ILE D 97 -27.38 -18.42 -34.57
CA ILE D 97 -27.58 -16.99 -34.31
C ILE D 97 -28.99 -16.70 -33.78
N GLY D 98 -29.92 -17.60 -34.07
CA GLY D 98 -31.30 -17.44 -33.61
C GLY D 98 -31.41 -17.39 -32.10
N LYS D 99 -30.43 -17.99 -31.42
CA LYS D 99 -30.44 -18.07 -29.96
C LYS D 99 -29.58 -16.98 -29.31
N LEU D 100 -29.12 -16.04 -30.13
CA LEU D 100 -28.33 -14.92 -29.62
C LEU D 100 -29.12 -14.07 -28.64
N ARG D 101 -28.60 -13.94 -27.42
CA ARG D 101 -29.32 -13.28 -26.34
C ARG D 101 -29.12 -11.75 -26.32
N TYR D 102 -28.16 -11.27 -27.10
CA TYR D 102 -27.89 -9.83 -27.20
C TYR D 102 -27.45 -9.47 -28.61
N HIS D 103 -28.15 -8.53 -29.25
CA HIS D 103 -27.80 -8.11 -30.60
C HIS D 103 -26.69 -7.06 -30.61
N LYS D 104 -26.25 -6.67 -29.42
CA LYS D 104 -25.08 -5.81 -29.29
C LYS D 104 -24.14 -6.37 -28.25
N ILE D 105 -22.95 -6.74 -28.70
CA ILE D 105 -21.92 -7.28 -27.83
C ILE D 105 -20.79 -6.26 -27.79
N VAL D 106 -20.82 -5.41 -26.78
CA VAL D 106 -19.82 -4.36 -26.64
C VAL D 106 -18.64 -4.84 -25.81
N LEU D 107 -17.46 -4.84 -26.41
CA LEU D 107 -16.23 -5.12 -25.70
C LEU D 107 -15.69 -3.83 -25.11
N MET D 108 -15.60 -3.78 -23.78
CA MET D 108 -15.11 -2.59 -23.09
C MET D 108 -13.88 -2.91 -22.24
N ALA D 109 -12.72 -2.44 -22.71
CA ALA D 109 -11.45 -2.66 -22.03
C ALA D 109 -10.77 -1.32 -21.76
N ASP D 110 -9.72 -1.35 -20.93
CA ASP D 110 -8.96 -0.14 -20.63
C ASP D 110 -8.35 0.45 -21.90
N ALA D 111 -8.11 1.76 -21.87
CA ALA D 111 -7.46 2.44 -22.98
C ALA D 111 -5.97 2.08 -23.08
N ASP D 112 -5.42 1.46 -22.04
CA ASP D 112 -4.00 1.13 -22.02
C ASP D 112 -3.68 -0.06 -22.94
N VAL D 113 -2.40 -0.44 -22.97
CA VAL D 113 -1.92 -1.47 -23.89
C VAL D 113 -2.50 -2.84 -23.55
N ASP D 114 -2.73 -3.07 -22.26
CA ASP D 114 -3.27 -4.33 -21.79
C ASP D 114 -4.75 -4.50 -22.13
N GLY D 115 -5.45 -3.38 -22.29
CA GLY D 115 -6.82 -3.42 -22.75
C GLY D 115 -6.86 -3.87 -24.19
N GLN D 116 -5.95 -3.31 -24.99
CA GLN D 116 -5.82 -3.69 -26.40
C GLN D 116 -5.55 -5.18 -26.55
N HIS D 117 -4.69 -5.72 -25.70
CA HIS D 117 -4.36 -7.14 -25.76
C HIS D 117 -5.58 -8.02 -25.49
N ILE D 118 -6.38 -7.64 -24.50
CA ILE D 118 -7.58 -8.38 -24.15
C ILE D 118 -8.58 -8.34 -25.31
N SER D 119 -8.59 -7.23 -26.03
CA SER D 119 -9.50 -7.09 -27.17
C SER D 119 -9.13 -8.08 -28.27
N THR D 120 -7.83 -8.24 -28.51
CA THR D 120 -7.36 -9.17 -29.54
C THR D 120 -7.64 -10.62 -29.17
N LEU D 121 -7.67 -10.90 -27.87
CA LEU D 121 -7.93 -12.25 -27.38
C LEU D 121 -9.42 -12.57 -27.47
N LEU D 122 -10.24 -11.54 -27.25
CA LEU D 122 -11.69 -11.68 -27.37
C LEU D 122 -12.11 -11.74 -28.84
N LEU D 123 -11.55 -10.87 -29.66
CA LEU D 123 -11.84 -10.85 -31.09
C LEU D 123 -11.42 -12.17 -31.74
N THR D 124 -10.37 -12.79 -31.20
CA THR D 124 -9.90 -14.08 -31.70
C THR D 124 -10.89 -15.17 -31.31
N LEU D 125 -11.37 -15.12 -30.07
CA LEU D 125 -12.38 -16.06 -29.61
C LEU D 125 -13.62 -15.98 -30.49
N LEU D 126 -14.09 -14.76 -30.74
CA LEU D 126 -15.29 -14.54 -31.54
C LEU D 126 -15.10 -14.99 -32.98
N PHE D 127 -13.97 -14.64 -33.58
CA PHE D 127 -13.73 -14.95 -34.99
C PHE D 127 -13.59 -16.45 -35.24
N ARG D 128 -13.09 -17.18 -34.24
CA ARG D 128 -12.82 -18.61 -34.39
C ARG D 128 -14.00 -19.50 -33.96
N PHE D 129 -14.73 -19.06 -32.95
CA PHE D 129 -15.79 -19.87 -32.36
C PHE D 129 -17.18 -19.42 -32.81
N MET D 130 -17.33 -18.12 -33.04
CA MET D 130 -18.65 -17.52 -33.27
C MET D 130 -18.58 -16.44 -34.34
N ARG D 131 -18.01 -16.78 -35.50
CA ARG D 131 -17.72 -15.79 -36.55
C ARG D 131 -18.93 -14.94 -36.98
N PRO D 132 -20.10 -15.57 -37.18
CA PRO D 132 -21.26 -14.83 -37.67
C PRO D 132 -21.62 -13.59 -36.83
N LEU D 133 -21.23 -13.58 -35.56
CA LEU D 133 -21.46 -12.41 -34.71
C LEU D 133 -20.71 -11.19 -35.25
N ILE D 134 -19.56 -11.45 -35.87
CA ILE D 134 -18.76 -10.38 -36.46
C ILE D 134 -19.30 -10.01 -37.83
N GLU D 135 -19.61 -11.04 -38.63
CA GLU D 135 -20.10 -10.84 -39.98
C GLU D 135 -21.42 -10.06 -40.01
N ASN D 136 -22.24 -10.29 -39.00
CA ASN D 136 -23.56 -9.65 -38.93
C ASN D 136 -23.57 -8.39 -38.07
N GLY D 137 -22.39 -7.91 -37.70
CA GLY D 137 -22.26 -6.61 -37.05
C GLY D 137 -22.89 -6.54 -35.67
N HIS D 138 -22.73 -7.60 -34.87
CA HIS D 138 -23.21 -7.61 -33.49
C HIS D 138 -22.10 -7.23 -32.52
N VAL D 139 -20.87 -7.16 -33.02
CA VAL D 139 -19.70 -6.90 -32.17
C VAL D 139 -19.24 -5.45 -32.27
N PHE D 140 -19.08 -4.82 -31.11
CA PHE D 140 -18.64 -3.43 -31.05
C PHE D 140 -17.47 -3.24 -30.08
N LEU D 141 -16.80 -2.11 -30.22
CA LEU D 141 -15.72 -1.73 -29.31
C LEU D 141 -16.04 -0.37 -28.68
N ALA D 142 -16.21 -0.36 -27.36
CA ALA D 142 -16.41 0.87 -26.64
C ALA D 142 -15.08 1.60 -26.48
N GLN D 143 -15.08 2.91 -26.73
CA GLN D 143 -13.89 3.72 -26.58
C GLN D 143 -13.94 4.51 -25.27
N PRO D 144 -13.17 4.09 -24.26
CA PRO D 144 -13.26 4.81 -22.98
C PRO D 144 -12.66 6.21 -23.06
N PRO D 145 -13.03 7.09 -22.12
CA PRO D 145 -12.40 8.41 -22.08
C PRO D 145 -10.96 8.35 -21.59
N LEU D 146 -10.16 9.36 -21.95
CA LEU D 146 -8.79 9.46 -21.47
C LEU D 146 -8.67 10.60 -20.47
N TYR D 147 -9.51 11.62 -20.62
CA TYR D 147 -9.44 12.79 -19.78
C TYR D 147 -10.81 13.29 -19.35
N LYS D 148 -10.83 13.92 -18.18
CA LYS D 148 -12.02 14.62 -17.69
C LYS D 148 -11.61 16.03 -17.30
N LEU D 149 -12.09 17.01 -18.06
CA LEU D 149 -11.78 18.41 -17.80
C LEU D 149 -12.78 18.98 -16.79
N LYS D 150 -12.28 19.34 -15.61
CA LYS D 150 -13.13 19.81 -14.51
C LYS D 150 -13.13 21.33 -14.39
N TRP D 151 -14.00 21.99 -15.15
CA TRP D 151 -14.10 23.45 -15.12
C TRP D 151 -14.62 23.92 -13.77
N GLN D 152 -14.17 25.10 -13.34
CA GLN D 152 -14.49 25.60 -12.01
C GLN D 152 -15.99 25.86 -11.83
N ARG D 153 -16.63 26.35 -12.88
CA ARG D 153 -18.03 26.76 -12.80
C ARG D 153 -18.92 25.99 -13.77
N SER D 154 -18.34 25.54 -14.88
CA SER D 154 -19.09 24.87 -15.93
C SER D 154 -19.15 23.37 -15.71
N ASP D 155 -19.98 22.68 -16.49
CA ASP D 155 -20.05 21.23 -16.45
C ASP D 155 -18.75 20.62 -16.94
N PRO D 156 -18.39 19.44 -16.41
CA PRO D 156 -17.14 18.80 -16.82
C PRO D 156 -17.24 18.17 -18.21
N GLU D 157 -16.15 18.20 -18.97
CA GLU D 157 -16.12 17.61 -20.31
C GLU D 157 -15.16 16.43 -20.36
N PHE D 158 -15.50 15.42 -21.16
CA PHE D 158 -14.66 14.24 -21.33
C PHE D 158 -13.98 14.25 -22.69
N ALA D 159 -12.73 13.77 -22.72
CA ALA D 159 -11.95 13.70 -23.96
C ALA D 159 -11.49 12.27 -24.20
N TYR D 160 -11.45 11.88 -25.48
CA TYR D 160 -11.06 10.51 -25.85
C TYR D 160 -9.72 10.47 -26.58
N SER D 161 -8.99 11.59 -26.57
CA SER D 161 -7.68 11.65 -27.18
C SER D 161 -6.89 12.84 -26.65
N ASP D 162 -5.58 12.81 -26.85
CA ASP D 162 -4.73 13.93 -26.47
C ASP D 162 -5.13 15.18 -27.23
N ARG D 163 -5.53 14.98 -28.48
CA ARG D 163 -5.92 16.09 -29.35
C ARG D 163 -7.18 16.78 -28.86
N GLU D 164 -8.22 15.98 -28.60
CA GLU D 164 -9.51 16.52 -28.15
C GLU D 164 -9.35 17.26 -26.83
N ARG D 165 -8.50 16.73 -25.96
CA ARG D 165 -8.17 17.40 -24.70
C ARG D 165 -7.66 18.81 -24.98
N ASP D 166 -6.68 18.90 -25.87
CA ASP D 166 -6.08 20.17 -26.22
C ASP D 166 -7.11 21.10 -26.88
N GLY D 167 -8.06 20.51 -27.60
CA GLY D 167 -9.07 21.28 -28.30
C GLY D 167 -10.13 21.85 -27.39
N LEU D 168 -10.61 21.03 -26.46
CA LEU D 168 -11.64 21.44 -25.52
C LEU D 168 -11.09 22.42 -24.51
N LEU D 169 -9.82 22.24 -24.14
CA LEU D 169 -9.16 23.14 -23.22
C LEU D 169 -9.05 24.53 -23.82
N GLU D 170 -8.62 24.60 -25.08
CA GLU D 170 -8.43 25.88 -25.75
C GLU D 170 -9.77 26.60 -25.92
N ALA D 171 -10.78 25.87 -26.37
CA ALA D 171 -12.10 26.44 -26.60
C ALA D 171 -12.69 27.01 -25.32
N GLY D 172 -12.63 26.22 -24.26
CA GLY D 172 -13.15 26.65 -22.96
C GLY D 172 -12.46 27.89 -22.45
N LEU D 173 -11.14 27.90 -22.50
CA LEU D 173 -10.36 29.05 -22.05
C LEU D 173 -10.67 30.27 -22.90
N LYS D 174 -10.85 30.04 -24.19
CA LYS D 174 -11.21 31.10 -25.12
C LYS D 174 -12.62 31.58 -24.83
N ALA D 175 -13.45 30.69 -24.28
CA ALA D 175 -14.83 31.01 -23.95
C ALA D 175 -14.97 31.68 -22.59
N GLY D 176 -13.87 31.78 -21.86
CA GLY D 176 -13.85 32.48 -20.58
C GLY D 176 -14.02 31.58 -19.37
N LYS D 177 -13.97 30.27 -19.59
CA LYS D 177 -14.04 29.31 -18.50
C LYS D 177 -12.66 29.17 -17.84
N LYS D 178 -12.61 28.52 -16.69
CA LYS D 178 -11.36 28.37 -15.96
C LYS D 178 -11.26 27.00 -15.28
N ILE D 179 -10.03 26.54 -15.09
CA ILE D 179 -9.77 25.26 -14.43
C ILE D 179 -8.73 25.43 -13.33
N ASN D 180 -8.87 24.65 -12.25
CA ASN D 180 -7.81 24.57 -11.25
C ASN D 180 -6.58 23.92 -11.88
N LYS D 181 -5.41 24.33 -11.44
CA LYS D 181 -4.17 23.72 -11.91
C LYS D 181 -3.73 22.59 -10.98
N GLU D 182 -4.53 22.34 -9.94
CA GLU D 182 -4.30 21.23 -9.02
C GLU D 182 -5.18 20.04 -9.38
N ASP D 183 -6.47 20.14 -9.09
CA ASP D 183 -7.43 19.11 -9.50
C ASP D 183 -7.34 18.98 -11.02
N GLY D 184 -7.72 20.06 -11.69
CA GLY D 184 -7.53 20.19 -13.12
C GLY D 184 -8.09 19.07 -13.98
N ILE D 185 -7.26 18.58 -14.88
CA ILE D 185 -7.67 17.56 -15.84
C ILE D 185 -7.34 16.17 -15.30
N GLN D 186 -8.38 15.45 -14.88
CA GLN D 186 -8.24 14.07 -14.43
C GLN D 186 -7.94 13.18 -15.62
N ARG D 187 -6.88 12.37 -15.50
CA ARG D 187 -6.50 11.43 -16.55
C ARG D 187 -6.83 10.00 -16.16
N TYR D 188 -7.69 9.36 -16.93
CA TYR D 188 -8.07 7.98 -16.67
C TYR D 188 -6.98 7.04 -17.18
N LYS D 189 -6.60 6.08 -16.35
CA LYS D 189 -5.62 5.07 -16.72
C LYS D 189 -6.25 3.69 -16.85
N GLY D 190 -7.59 3.65 -16.74
CA GLY D 190 -8.31 2.40 -16.84
C GLY D 190 -9.76 2.59 -16.43
N LEU D 191 -10.60 1.62 -16.78
CA LEU D 191 -12.01 1.66 -16.41
C LEU D 191 -12.23 1.55 -14.91
N GLY D 192 -11.31 0.88 -14.23
CA GLY D 192 -11.42 0.66 -12.80
C GLY D 192 -11.40 1.93 -11.98
N GLU D 193 -10.83 2.99 -12.56
CA GLU D 193 -10.71 4.28 -11.87
C GLU D 193 -11.99 5.13 -11.99
N MET D 194 -12.92 4.66 -12.81
CA MET D 194 -14.16 5.40 -13.05
C MET D 194 -15.26 4.95 -12.10
N ASP D 195 -16.12 5.89 -11.71
CA ASP D 195 -17.30 5.56 -10.92
C ASP D 195 -18.45 5.26 -11.86
N ALA D 196 -19.62 4.95 -11.32
CA ALA D 196 -20.77 4.55 -12.12
C ALA D 196 -21.22 5.66 -13.05
N LYS D 197 -21.31 6.88 -12.53
CA LYS D 197 -21.81 8.02 -13.30
C LYS D 197 -20.93 8.30 -14.52
N GLU D 198 -19.61 8.30 -14.30
CA GLU D 198 -18.67 8.59 -15.37
C GLU D 198 -18.77 7.58 -16.50
N LEU D 199 -18.93 6.32 -16.16
CA LEU D 199 -19.04 5.26 -17.16
C LEU D 199 -20.30 5.42 -17.97
N TRP D 200 -21.38 5.83 -17.32
CA TRP D 200 -22.64 6.07 -18.02
C TRP D 200 -22.46 7.18 -19.06
N GLU D 201 -21.86 8.28 -18.62
CA GLU D 201 -21.79 9.49 -19.44
C GLU D 201 -20.70 9.48 -20.52
N THR D 202 -20.08 8.33 -20.76
CA THR D 202 -19.00 8.26 -21.75
C THR D 202 -18.99 6.97 -22.57
N THR D 203 -19.51 5.88 -22.00
CA THR D 203 -19.39 4.57 -22.65
C THR D 203 -20.68 3.75 -22.68
N MET D 204 -21.68 4.13 -21.89
CA MET D 204 -22.89 3.31 -21.75
C MET D 204 -24.17 4.06 -22.12
N ASP D 205 -24.16 5.38 -21.97
CA ASP D 205 -25.28 6.18 -22.42
C ASP D 205 -25.30 6.15 -23.96
N PRO D 206 -26.35 5.56 -24.56
CA PRO D 206 -26.36 5.42 -26.02
C PRO D 206 -26.39 6.74 -26.80
N SER D 207 -26.69 7.84 -26.12
CA SER D 207 -26.78 9.14 -26.79
C SER D 207 -25.46 9.89 -26.83
N VAL D 208 -24.43 9.34 -26.17
CA VAL D 208 -23.12 10.01 -26.11
C VAL D 208 -21.94 9.06 -26.19
N ARG D 209 -22.20 7.75 -26.07
CA ARG D 209 -21.13 6.76 -26.13
C ARG D 209 -20.48 6.71 -27.51
N VAL D 210 -19.19 6.41 -27.53
CA VAL D 210 -18.43 6.26 -28.77
C VAL D 210 -18.14 4.79 -29.04
N LEU D 211 -18.98 4.17 -29.88
CA LEU D 211 -18.80 2.77 -30.25
C LEU D 211 -18.21 2.62 -31.65
N ARG D 212 -17.43 1.56 -31.83
CA ARG D 212 -16.92 1.17 -33.15
C ARG D 212 -17.40 -0.23 -33.50
N GLN D 213 -18.04 -0.35 -34.66
CA GLN D 213 -18.58 -1.63 -35.10
C GLN D 213 -17.53 -2.45 -35.85
N VAL D 214 -17.21 -3.64 -35.31
CA VAL D 214 -16.20 -4.49 -35.93
C VAL D 214 -16.73 -5.05 -37.24
N THR D 215 -16.01 -4.76 -38.31
CA THR D 215 -16.36 -5.23 -39.65
C THR D 215 -15.41 -6.30 -40.14
N LEU D 216 -15.92 -7.21 -40.97
CA LEU D 216 -15.11 -8.26 -41.57
C LEU D 216 -15.24 -8.22 -43.09
N ASP D 217 -14.16 -7.80 -43.74
CA ASP D 217 -14.16 -7.69 -45.21
C ASP D 217 -13.63 -8.97 -45.85
N ASP D 218 -12.31 -9.16 -45.81
CA ASP D 218 -11.67 -10.33 -46.39
C ASP D 218 -11.50 -11.44 -45.35
N ALA D 219 -12.31 -12.48 -45.45
CA ALA D 219 -12.29 -13.56 -44.48
C ALA D 219 -10.99 -14.37 -44.53
N ALA D 220 -10.46 -14.57 -45.72
CA ALA D 220 -9.24 -15.34 -45.90
C ALA D 220 -8.03 -14.59 -45.35
N ALA D 221 -7.98 -13.29 -45.59
CA ALA D 221 -6.89 -12.46 -45.11
C ALA D 221 -6.92 -12.36 -43.58
N ALA D 222 -8.14 -12.28 -43.03
CA ALA D 222 -8.32 -12.23 -41.59
C ALA D 222 -7.83 -13.52 -40.96
N ASP D 223 -8.16 -14.63 -41.61
CA ASP D 223 -7.73 -15.96 -41.15
C ASP D 223 -6.21 -15.99 -41.02
N GLU D 224 -5.52 -15.38 -41.97
CA GLU D 224 -4.06 -15.39 -41.99
C GLU D 224 -3.47 -14.48 -40.91
N LEU D 225 -4.06 -13.30 -40.74
CA LEU D 225 -3.55 -12.35 -39.75
C LEU D 225 -3.72 -12.89 -38.34
N PHE D 226 -4.86 -13.53 -38.08
CA PHE D 226 -5.12 -14.12 -36.78
C PHE D 226 -4.12 -15.22 -36.46
N SER D 227 -3.80 -16.03 -37.46
CA SER D 227 -2.88 -17.14 -37.28
C SER D 227 -1.46 -16.63 -37.07
N ILE D 228 -1.10 -15.55 -37.74
CA ILE D 228 0.23 -14.97 -37.61
C ILE D 228 0.42 -14.36 -36.22
N LEU D 229 -0.54 -13.53 -35.81
CA LEU D 229 -0.43 -12.80 -34.57
C LEU D 229 -0.67 -13.68 -33.33
N MET D 230 -1.66 -14.57 -33.43
CA MET D 230 -2.11 -15.34 -32.28
C MET D 230 -1.66 -16.80 -32.31
N GLY D 231 -1.03 -17.23 -33.40
CA GLY D 231 -0.67 -18.63 -33.56
C GLY D 231 0.52 -19.07 -32.73
N GLU D 232 0.91 -20.33 -32.89
CA GLU D 232 2.00 -20.92 -32.12
C GLU D 232 3.38 -20.60 -32.72
N ASP D 233 3.39 -20.20 -33.99
CA ASP D 233 4.62 -19.85 -34.68
C ASP D 233 5.15 -18.49 -34.19
N VAL D 234 6.20 -18.52 -33.38
CA VAL D 234 6.79 -17.30 -32.85
C VAL D 234 7.51 -16.52 -33.94
N ASP D 235 8.32 -17.24 -34.72
CA ASP D 235 9.11 -16.62 -35.79
C ASP D 235 8.24 -15.78 -36.71
N ALA D 236 7.12 -16.36 -37.13
CA ALA D 236 6.19 -15.67 -38.03
C ALA D 236 5.68 -14.39 -37.38
N ARG D 237 5.40 -14.46 -36.09
CA ARG D 237 4.93 -13.31 -35.34
C ARG D 237 6.03 -12.27 -35.16
N ARG D 238 7.25 -12.73 -34.90
CA ARG D 238 8.38 -11.83 -34.68
C ARG D 238 8.72 -11.04 -35.95
N SER D 239 8.68 -11.70 -37.11
CA SER D 239 9.01 -11.01 -38.34
C SER D 239 7.89 -10.04 -38.73
N PHE D 240 6.66 -10.39 -38.39
CA PHE D 240 5.51 -9.55 -38.69
C PHE D 240 5.53 -8.27 -37.85
N ILE D 241 5.87 -8.40 -36.58
CA ILE D 241 5.89 -7.26 -35.68
C ILE D 241 7.02 -6.30 -36.07
N THR D 242 8.20 -6.83 -36.37
CA THR D 242 9.33 -5.99 -36.76
C THR D 242 9.07 -5.33 -38.12
N ARG D 243 8.30 -6.00 -38.97
CA ARG D 243 8.04 -5.52 -40.33
C ARG D 243 7.01 -4.39 -40.36
N ASN D 244 6.01 -4.47 -39.49
CA ASN D 244 4.84 -3.61 -39.60
C ASN D 244 4.67 -2.62 -38.45
N ALA D 245 5.41 -2.81 -37.36
CA ALA D 245 5.32 -1.90 -36.22
C ALA D 245 5.86 -0.53 -36.61
N LYS D 246 6.78 -0.52 -37.57
CA LYS D 246 7.39 0.70 -38.05
C LYS D 246 6.38 1.63 -38.72
N ASP D 247 5.23 1.09 -39.11
CA ASP D 247 4.26 1.81 -39.94
C ASP D 247 2.85 1.81 -39.35
N VAL D 248 2.73 1.61 -38.04
CA VAL D 248 1.42 1.61 -37.39
C VAL D 248 0.79 3.00 -37.40
N ARG D 249 1.63 4.02 -37.26
CA ARG D 249 1.16 5.40 -37.22
C ARG D 249 0.50 5.83 -38.53
N PHE D 250 0.84 5.14 -39.61
CA PHE D 250 0.46 5.57 -40.95
C PHE D 250 -0.57 4.65 -41.60
N LEU D 251 -1.33 3.92 -40.80
CA LEU D 251 -2.35 3.02 -41.34
C LEU D 251 -3.57 3.80 -41.81
N ASP D 252 -3.81 4.96 -41.19
CA ASP D 252 -5.00 5.76 -41.49
C ASP D 252 -4.67 7.14 -42.09
N VAL D 253 -3.40 7.40 -42.36
CA VAL D 253 -3.00 8.68 -42.93
C VAL D 253 -3.51 8.82 -44.36
#